data_9QA5
# 
_entry.id   9QA5 
# 
_audit_conform.dict_name       mmcif_pdbx.dic 
_audit_conform.dict_version    5.409 
_audit_conform.dict_location   http://mmcif.pdb.org/dictionaries/ascii/mmcif_pdbx.dic 
# 
loop_
_database_2.database_id 
_database_2.database_code 
_database_2.pdbx_database_accession 
_database_2.pdbx_DOI 
PDB   9QA5         pdb_00009qa5 10.2210/pdb9qa5/pdb 
WWPDB D_1292145807 ?            ?                   
# 
_pdbx_audit_revision_history.ordinal             1 
_pdbx_audit_revision_history.data_content_type   'Structure model' 
_pdbx_audit_revision_history.major_revision      1 
_pdbx_audit_revision_history.minor_revision      0 
_pdbx_audit_revision_history.revision_date       2025-12-31 
_pdbx_audit_revision_history.part_number         ? 
# 
_pdbx_audit_revision_details.ordinal             1 
_pdbx_audit_revision_details.revision_ordinal    1 
_pdbx_audit_revision_details.data_content_type   'Structure model' 
_pdbx_audit_revision_details.provider            repository 
_pdbx_audit_revision_details.type                'Initial release' 
_pdbx_audit_revision_details.description         ? 
_pdbx_audit_revision_details.details             ? 
# 
_pdbx_database_status.status_code                     REL 
_pdbx_database_status.status_code_sf                  REL 
_pdbx_database_status.status_code_mr                  ? 
_pdbx_database_status.entry_id                        9QA5 
_pdbx_database_status.recvd_initial_deposition_date   2025-02-27 
_pdbx_database_status.SG_entry                        N 
_pdbx_database_status.deposit_site                    PDBE 
_pdbx_database_status.process_site                    PDBE 
_pdbx_database_status.status_code_cs                  ? 
_pdbx_database_status.status_code_nmr_data            ? 
_pdbx_database_status.methods_development_category    ? 
_pdbx_database_status.pdb_format_compatible           Y 
# 
_pdbx_contact_author.id                 2 
_pdbx_contact_author.email              stubbs@biochemtech.uni-halle.de 
_pdbx_contact_author.name_first         Milton 
_pdbx_contact_author.name_last          Stubbs 
_pdbx_contact_author.name_mi            T 
_pdbx_contact_author.role               'principal investigator/group leader' 
_pdbx_contact_author.identifier_ORCID   0000-0003-1278-9013 
# 
loop_
_audit_author.name 
_audit_author.pdbx_ordinal 
_audit_author.identifier_ORCID 
'Machner, L.'    1 ? 
'Breithaupt, C.' 2 ? 
'Kniest, J.'     3 ? 
'Parthier, C.'   4 ? 
'Feller, S.M.'   5 ? 
'Stubbs, M.T.'   6 ? 
# 
_citation.abstract                  ? 
_citation.abstract_id_CAS           ? 
_citation.book_id_ISBN              ? 
_citation.book_publisher            ? 
_citation.book_publisher_city       ? 
_citation.book_title                ? 
_citation.coordinate_linkage        ? 
_citation.country                   UK 
_citation.database_id_Medline       ? 
_citation.details                   ? 
_citation.id                        primary 
_citation.journal_abbrev            Structure 
_citation.journal_id_ASTM           STRUE6 
_citation.journal_id_CSD            2005 
_citation.journal_id_ISSN           0969-2126 
_citation.journal_full              ? 
_citation.journal_issue             ? 
_citation.journal_volume            ? 
_citation.language                  ? 
_citation.page_first                ? 
_citation.page_last                 ? 
_citation.title                     'Mechanism of SHP2 activation by bis-Tyr-phosphorylated Gab1' 
_citation.year                      2025 
_citation.database_id_CSD           ? 
_citation.pdbx_database_id_DOI      10.1016/j.str.2025.11.018 
_citation.pdbx_database_id_PubMed   ? 
_citation.pdbx_database_id_patent   ? 
_citation.unpublished_flag          ? 
# 
loop_
_citation_author.citation_id 
_citation_author.name 
_citation_author.ordinal 
_citation_author.identifier_ORCID 
primary 'Machner, L.'     1  ? 
primary 'Shaikhqasem, A.' 2  ? 
primary 'Gruber, T.'      3  ? 
primary 'Hamdi, F.'       4  ? 
primary 'Breithaupt, C.'  5  ? 
primary 'Kniest, J.'      6  ? 
primary 'Wiebe, F.'       7  ? 
primary 'Lewitzky, M.'    8  ? 
primary 'Parthier, C.'    9  ? 
primary 'Kyrilis, F.L.'   10 ? 
primary 'Balbach, J.'     11 ? 
primary 'Kastritis, P.L.' 12 ? 
primary 'Feller, S.M.'    13 ? 
primary 'Stubbs, M.T.'    14 ? 
# 
loop_
_entity.id 
_entity.type 
_entity.src_method 
_entity.pdbx_description 
_entity.formula_weight 
_entity.pdbx_number_of_molecules 
_entity.pdbx_ec 
_entity.pdbx_mutation 
_entity.pdbx_fragment 
_entity.details 
1 polymer man 'Isoform 3 of Tyrosine-protein phosphatase non-receptor type 11' 12006.469 1  3.1.3.48 ? ? ? 
2 polymer syn 'GRB2-associated-binding protein 1'                              4223.590  1  ?        ? ? ? 
3 water   nat water                                                            18.015    43 ?        ? ? ? 
# 
loop_
_entity_name_com.entity_id 
_entity_name_com.name 
1 'Protein-tyrosine phosphatase 1D,PTP-1D,Protein-tyrosine phosphatase 2C,PTP-2C,SH-PTP2,SHP-2,Shp2,SH-PTP3' 
2 'GRB2-associated binder 1,Growth factor receptor bound protein 2-associated protein 1'                     
# 
loop_
_entity_poly.entity_id 
_entity_poly.type 
_entity_poly.nstd_linkage 
_entity_poly.nstd_monomer 
_entity_poly.pdbx_seq_one_letter_code 
_entity_poly.pdbx_seq_one_letter_code_can 
_entity_poly.pdbx_strand_id 
_entity_poly.pdbx_target_identifier 
1 'polypeptide(L)' no no  
;MTSRRWFHPNITGVEAENLLLTRGVDGSFLARPSKSNPGDFTLSVRRNGAVTHIKIQNTGDYYDLYGGEKFATLAELVQY
YMEHHGQLKEKNGDVIELKYPLNCAD
;
;MTSRRWFHPNITGVEAENLLLTRGVDGSFLARPSKSNPGDFTLSVRRNGAVTHIKIQNTGDYYDLYGGEKFATLAELVQY
YMEHHGQLKEKNGDVIELKYPLNCAD
;
A ? 
2 'polypeptide(L)' no yes 'SSPMIKPKGDKQVE(PTR)LDLDLDSGKSTPPRKQKSSGSGSS' SSPMIKPKGDKQVEYLDLDLDSGKSTPPRKQKSSGSGSS B ? 
# 
_pdbx_entity_nonpoly.entity_id   3 
_pdbx_entity_nonpoly.name        water 
_pdbx_entity_nonpoly.comp_id     HOH 
# 
loop_
_entity_poly_seq.entity_id 
_entity_poly_seq.num 
_entity_poly_seq.mon_id 
_entity_poly_seq.hetero 
1 1   MET n 
1 2   THR n 
1 3   SER n 
1 4   ARG n 
1 5   ARG n 
1 6   TRP n 
1 7   PHE n 
1 8   HIS n 
1 9   PRO n 
1 10  ASN n 
1 11  ILE n 
1 12  THR n 
1 13  GLY n 
1 14  VAL n 
1 15  GLU n 
1 16  ALA n 
1 17  GLU n 
1 18  ASN n 
1 19  LEU n 
1 20  LEU n 
1 21  LEU n 
1 22  THR n 
1 23  ARG n 
1 24  GLY n 
1 25  VAL n 
1 26  ASP n 
1 27  GLY n 
1 28  SER n 
1 29  PHE n 
1 30  LEU n 
1 31  ALA n 
1 32  ARG n 
1 33  PRO n 
1 34  SER n 
1 35  LYS n 
1 36  SER n 
1 37  ASN n 
1 38  PRO n 
1 39  GLY n 
1 40  ASP n 
1 41  PHE n 
1 42  THR n 
1 43  LEU n 
1 44  SER n 
1 45  VAL n 
1 46  ARG n 
1 47  ARG n 
1 48  ASN n 
1 49  GLY n 
1 50  ALA n 
1 51  VAL n 
1 52  THR n 
1 53  HIS n 
1 54  ILE n 
1 55  LYS n 
1 56  ILE n 
1 57  GLN n 
1 58  ASN n 
1 59  THR n 
1 60  GLY n 
1 61  ASP n 
1 62  TYR n 
1 63  TYR n 
1 64  ASP n 
1 65  LEU n 
1 66  TYR n 
1 67  GLY n 
1 68  GLY n 
1 69  GLU n 
1 70  LYS n 
1 71  PHE n 
1 72  ALA n 
1 73  THR n 
1 74  LEU n 
1 75  ALA n 
1 76  GLU n 
1 77  LEU n 
1 78  VAL n 
1 79  GLN n 
1 80  TYR n 
1 81  TYR n 
1 82  MET n 
1 83  GLU n 
1 84  HIS n 
1 85  HIS n 
1 86  GLY n 
1 87  GLN n 
1 88  LEU n 
1 89  LYS n 
1 90  GLU n 
1 91  LYS n 
1 92  ASN n 
1 93  GLY n 
1 94  ASP n 
1 95  VAL n 
1 96  ILE n 
1 97  GLU n 
1 98  LEU n 
1 99  LYS n 
1 100 TYR n 
1 101 PRO n 
1 102 LEU n 
1 103 ASN n 
1 104 CYS n 
1 105 ALA n 
1 106 ASP n 
2 1   SER n 
2 2   SER n 
2 3   PRO n 
2 4   MET n 
2 5   ILE n 
2 6   LYS n 
2 7   PRO n 
2 8   LYS n 
2 9   GLY n 
2 10  ASP n 
2 11  LYS n 
2 12  GLN n 
2 13  VAL n 
2 14  GLU n 
2 15  PTR n 
2 16  LEU n 
2 17  ASP n 
2 18  LEU n 
2 19  ASP n 
2 20  LEU n 
2 21  ASP n 
2 22  SER n 
2 23  GLY n 
2 24  LYS n 
2 25  SER n 
2 26  THR n 
2 27  PRO n 
2 28  PRO n 
2 29  ARG n 
2 30  LYS n 
2 31  GLN n 
2 32  LYS n 
2 33  SER n 
2 34  SER n 
2 35  GLY n 
2 36  SER n 
2 37  GLY n 
2 38  SER n 
2 39  SER n 
# 
_entity_src_gen.entity_id                          1 
_entity_src_gen.pdbx_src_id                        1 
_entity_src_gen.pdbx_alt_source_flag               sample 
_entity_src_gen.pdbx_seq_type                      'Biological sequence' 
_entity_src_gen.pdbx_beg_seq_num                   1 
_entity_src_gen.pdbx_end_seq_num                   106 
_entity_src_gen.gene_src_common_name               human 
_entity_src_gen.gene_src_genus                     ? 
_entity_src_gen.pdbx_gene_src_gene                 'PTPN11, PTP2C, SHPTP2' 
_entity_src_gen.gene_src_species                   ? 
_entity_src_gen.gene_src_strain                    ? 
_entity_src_gen.gene_src_tissue                    ? 
_entity_src_gen.gene_src_tissue_fraction           ? 
_entity_src_gen.gene_src_details                   ? 
_entity_src_gen.pdbx_gene_src_fragment             ? 
_entity_src_gen.pdbx_gene_src_scientific_name      'Homo sapiens' 
_entity_src_gen.pdbx_gene_src_ncbi_taxonomy_id     9606 
_entity_src_gen.pdbx_gene_src_variant              ? 
_entity_src_gen.pdbx_gene_src_cell_line            ? 
_entity_src_gen.pdbx_gene_src_atcc                 ? 
_entity_src_gen.pdbx_gene_src_organ                ? 
_entity_src_gen.pdbx_gene_src_organelle            ? 
_entity_src_gen.pdbx_gene_src_cell                 ? 
_entity_src_gen.pdbx_gene_src_cellular_location    ? 
_entity_src_gen.host_org_common_name               ? 
_entity_src_gen.pdbx_host_org_scientific_name      'Escherichia coli BL21(DE3)' 
_entity_src_gen.pdbx_host_org_ncbi_taxonomy_id     469008 
_entity_src_gen.host_org_genus                     ? 
_entity_src_gen.pdbx_host_org_gene                 ? 
_entity_src_gen.pdbx_host_org_organ                ? 
_entity_src_gen.host_org_species                   ? 
_entity_src_gen.pdbx_host_org_tissue               ? 
_entity_src_gen.pdbx_host_org_tissue_fraction      ? 
_entity_src_gen.pdbx_host_org_strain               ? 
_entity_src_gen.pdbx_host_org_variant              ? 
_entity_src_gen.pdbx_host_org_cell_line            ? 
_entity_src_gen.pdbx_host_org_atcc                 ? 
_entity_src_gen.pdbx_host_org_culture_collection   ? 
_entity_src_gen.pdbx_host_org_cell                 ? 
_entity_src_gen.pdbx_host_org_organelle            ? 
_entity_src_gen.pdbx_host_org_cellular_location    ? 
_entity_src_gen.pdbx_host_org_vector_type          ? 
_entity_src_gen.pdbx_host_org_vector               ? 
_entity_src_gen.host_org_details                   ? 
_entity_src_gen.expression_system_id               ? 
_entity_src_gen.plasmid_name                       ? 
_entity_src_gen.plasmid_details                    ? 
_entity_src_gen.pdbx_description                   ? 
# 
_pdbx_entity_src_syn.entity_id              2 
_pdbx_entity_src_syn.pdbx_src_id            1 
_pdbx_entity_src_syn.pdbx_alt_source_flag   sample 
_pdbx_entity_src_syn.pdbx_beg_seq_num       1 
_pdbx_entity_src_syn.pdbx_end_seq_num       39 
_pdbx_entity_src_syn.organism_scientific    'Homo sapiens' 
_pdbx_entity_src_syn.organism_common_name   human 
_pdbx_entity_src_syn.ncbi_taxonomy_id       9606 
_pdbx_entity_src_syn.details                ? 
# 
loop_
_chem_comp.id 
_chem_comp.type 
_chem_comp.mon_nstd_flag 
_chem_comp.name 
_chem_comp.pdbx_synonyms 
_chem_comp.formula 
_chem_comp.formula_weight 
ALA 'L-peptide linking' y ALANINE           ?                 'C3 H7 N O2'     89.093  
ARG 'L-peptide linking' y ARGININE          ?                 'C6 H15 N4 O2 1' 175.209 
ASN 'L-peptide linking' y ASPARAGINE        ?                 'C4 H8 N2 O3'    132.118 
ASP 'L-peptide linking' y 'ASPARTIC ACID'   ?                 'C4 H7 N O4'     133.103 
CYS 'L-peptide linking' y CYSTEINE          ?                 'C3 H7 N O2 S'   121.158 
GLN 'L-peptide linking' y GLUTAMINE         ?                 'C5 H10 N2 O3'   146.144 
GLU 'L-peptide linking' y 'GLUTAMIC ACID'   ?                 'C5 H9 N O4'     147.129 
GLY 'peptide linking'   y GLYCINE           ?                 'C2 H5 N O2'     75.067  
HIS 'L-peptide linking' y HISTIDINE         ?                 'C6 H10 N3 O2 1' 156.162 
HOH non-polymer         . WATER             ?                 'H2 O'           18.015  
ILE 'L-peptide linking' y ISOLEUCINE        ?                 'C6 H13 N O2'    131.173 
LEU 'L-peptide linking' y LEUCINE           ?                 'C6 H13 N O2'    131.173 
LYS 'L-peptide linking' y LYSINE            ?                 'C6 H15 N2 O2 1' 147.195 
MET 'L-peptide linking' y METHIONINE        ?                 'C5 H11 N O2 S'  149.211 
PHE 'L-peptide linking' y PHENYLALANINE     ?                 'C9 H11 N O2'    165.189 
PRO 'L-peptide linking' y PROLINE           ?                 'C5 H9 N O2'     115.130 
PTR 'L-peptide linking' n O-PHOSPHOTYROSINE PHOSPHONOTYROSINE 'C9 H12 N O6 P'  261.168 
SER 'L-peptide linking' y SERINE            ?                 'C3 H7 N O3'     105.093 
THR 'L-peptide linking' y THREONINE         ?                 'C4 H9 N O3'     119.119 
TRP 'L-peptide linking' y TRYPTOPHAN        ?                 'C11 H12 N2 O2'  204.225 
TYR 'L-peptide linking' y TYROSINE          ?                 'C9 H11 N O3'    181.189 
VAL 'L-peptide linking' y VALINE            ?                 'C5 H11 N O2'    117.146 
# 
loop_
_pdbx_poly_seq_scheme.asym_id 
_pdbx_poly_seq_scheme.entity_id 
_pdbx_poly_seq_scheme.seq_id 
_pdbx_poly_seq_scheme.mon_id 
_pdbx_poly_seq_scheme.ndb_seq_num 
_pdbx_poly_seq_scheme.pdb_seq_num 
_pdbx_poly_seq_scheme.auth_seq_num 
_pdbx_poly_seq_scheme.pdb_mon_id 
_pdbx_poly_seq_scheme.auth_mon_id 
_pdbx_poly_seq_scheme.pdb_strand_id 
_pdbx_poly_seq_scheme.pdb_ins_code 
_pdbx_poly_seq_scheme.hetero 
A 1 1   MET 1   1   ?   ?   ?   A . n 
A 1 2   THR 2   2   ?   ?   ?   A . n 
A 1 3   SER 3   3   ?   ?   ?   A . n 
A 1 4   ARG 4   4   ?   ?   ?   A . n 
A 1 5   ARG 5   5   ?   ?   ?   A . n 
A 1 6   TRP 6   6   6   TRP TRP A . n 
A 1 7   PHE 7   7   7   PHE PHE A . n 
A 1 8   HIS 8   8   8   HIS HIS A . n 
A 1 9   PRO 9   9   9   PRO PRO A . n 
A 1 10  ASN 10  10  10  ASN ASN A . n 
A 1 11  ILE 11  11  11  ILE ILE A . n 
A 1 12  THR 12  12  12  THR THR A . n 
A 1 13  GLY 13  13  13  GLY GLY A . n 
A 1 14  VAL 14  14  14  VAL VAL A . n 
A 1 15  GLU 15  15  15  GLU GLU A . n 
A 1 16  ALA 16  16  16  ALA ALA A . n 
A 1 17  GLU 17  17  17  GLU GLU A . n 
A 1 18  ASN 18  18  18  ASN ASN A . n 
A 1 19  LEU 19  19  19  LEU LEU A . n 
A 1 20  LEU 20  20  20  LEU LEU A . n 
A 1 21  LEU 21  21  21  LEU LEU A . n 
A 1 22  THR 22  22  22  THR THR A . n 
A 1 23  ARG 23  23  23  ARG ARG A . n 
A 1 24  GLY 24  24  24  GLY GLY A . n 
A 1 25  VAL 25  25  25  VAL VAL A . n 
A 1 26  ASP 26  26  26  ASP ASP A . n 
A 1 27  GLY 27  27  27  GLY GLY A . n 
A 1 28  SER 28  28  28  SER SER A . n 
A 1 29  PHE 29  29  29  PHE PHE A . n 
A 1 30  LEU 30  30  30  LEU LEU A . n 
A 1 31  ALA 31  31  31  ALA ALA A . n 
A 1 32  ARG 32  32  32  ARG ARG A . n 
A 1 33  PRO 33  33  33  PRO PRO A . n 
A 1 34  SER 34  34  34  SER SER A . n 
A 1 35  LYS 35  35  35  LYS LYS A . n 
A 1 36  SER 36  36  36  SER SER A . n 
A 1 37  ASN 37  37  37  ASN ASN A . n 
A 1 38  PRO 38  38  38  PRO PRO A . n 
A 1 39  GLY 39  39  39  GLY GLY A . n 
A 1 40  ASP 40  40  40  ASP ASP A . n 
A 1 41  PHE 41  41  41  PHE PHE A . n 
A 1 42  THR 42  42  42  THR THR A . n 
A 1 43  LEU 43  43  43  LEU LEU A . n 
A 1 44  SER 44  44  44  SER SER A . n 
A 1 45  VAL 45  45  45  VAL VAL A . n 
A 1 46  ARG 46  46  46  ARG ARG A . n 
A 1 47  ARG 47  47  47  ARG ARG A . n 
A 1 48  ASN 48  48  48  ASN ASN A . n 
A 1 49  GLY 49  49  49  GLY GLY A . n 
A 1 50  ALA 50  50  50  ALA ALA A . n 
A 1 51  VAL 51  51  51  VAL VAL A . n 
A 1 52  THR 52  52  52  THR THR A . n 
A 1 53  HIS 53  53  53  HIS HIS A . n 
A 1 54  ILE 54  54  54  ILE ILE A . n 
A 1 55  LYS 55  55  55  LYS LYS A . n 
A 1 56  ILE 56  56  56  ILE ILE A . n 
A 1 57  GLN 57  57  57  GLN GLN A . n 
A 1 58  ASN 58  58  58  ASN ASN A . n 
A 1 59  THR 59  59  59  THR THR A . n 
A 1 60  GLY 60  60  60  GLY GLY A . n 
A 1 61  ASP 61  61  61  ASP ASP A . n 
A 1 62  TYR 62  62  62  TYR TYR A . n 
A 1 63  TYR 63  63  63  TYR TYR A . n 
A 1 64  ASP 64  64  64  ASP ASP A . n 
A 1 65  LEU 65  65  65  LEU LEU A . n 
A 1 66  TYR 66  66  66  TYR TYR A . n 
A 1 67  GLY 67  67  67  GLY GLY A . n 
A 1 68  GLY 68  68  68  GLY GLY A . n 
A 1 69  GLU 69  69  69  GLU GLU A . n 
A 1 70  LYS 70  70  70  LYS LYS A . n 
A 1 71  PHE 71  71  71  PHE PHE A . n 
A 1 72  ALA 72  72  72  ALA ALA A . n 
A 1 73  THR 73  73  73  THR THR A . n 
A 1 74  LEU 74  74  74  LEU LEU A . n 
A 1 75  ALA 75  75  75  ALA ALA A . n 
A 1 76  GLU 76  76  76  GLU GLU A . n 
A 1 77  LEU 77  77  77  LEU LEU A . n 
A 1 78  VAL 78  78  78  VAL VAL A . n 
A 1 79  GLN 79  79  79  GLN GLN A . n 
A 1 80  TYR 80  80  80  TYR TYR A . n 
A 1 81  TYR 81  81  81  TYR TYR A . n 
A 1 82  MET 82  82  82  MET MET A . n 
A 1 83  GLU 83  83  83  GLU GLU A . n 
A 1 84  HIS 84  84  84  HIS HIS A . n 
A 1 85  HIS 85  85  85  HIS HIS A . n 
A 1 86  GLY 86  86  86  GLY GLY A . n 
A 1 87  GLN 87  87  87  GLN GLN A . n 
A 1 88  LEU 88  88  88  LEU LEU A . n 
A 1 89  LYS 89  89  89  LYS LYS A . n 
A 1 90  GLU 90  90  90  GLU GLU A . n 
A 1 91  LYS 91  91  91  LYS LYS A . n 
A 1 92  ASN 92  92  92  ASN ASN A . n 
A 1 93  GLY 93  93  93  GLY GLY A . n 
A 1 94  ASP 94  94  94  ASP ASP A . n 
A 1 95  VAL 95  95  95  VAL VAL A . n 
A 1 96  ILE 96  96  96  ILE ILE A . n 
A 1 97  GLU 97  97  97  GLU GLU A . n 
A 1 98  LEU 98  98  98  LEU LEU A . n 
A 1 99  LYS 99  99  99  LYS LYS A . n 
A 1 100 TYR 100 100 100 TYR TYR A . n 
A 1 101 PRO 101 101 101 PRO PRO A . n 
A 1 102 LEU 102 102 102 LEU LEU A . n 
A 1 103 ASN 103 103 103 ASN ASN A . n 
A 1 104 CYS 104 104 104 CYS CYS A . n 
A 1 105 ALA 105 105 ?   ?   ?   A . n 
A 1 106 ASP 106 106 ?   ?   ?   A . n 
B 2 1   SER 1   -9  ?   ?   ?   B . n 
B 2 2   SER 2   -8  ?   ?   ?   B . n 
B 2 3   PRO 3   -7  ?   ?   ?   B . n 
B 2 4   MET 4   -6  ?   ?   ?   B . n 
B 2 5   ILE 5   -5  ?   ?   ?   B . n 
B 2 6   LYS 6   -4  ?   ?   ?   B . n 
B 2 7   PRO 7   -3  ?   ?   ?   B . n 
B 2 8   LYS 8   -2  ?   ?   ?   B . n 
B 2 9   GLY 9   -1  ?   ?   ?   B . n 
B 2 10  ASP 10  0   ?   ?   ?   B . n 
B 2 11  LYS 11  1   ?   ?   ?   B . n 
B 2 12  GLN 12  2   2   GLN GLN B . n 
B 2 13  VAL 13  3   3   VAL VAL B . n 
B 2 14  GLU 14  4   4   GLU GLU B . n 
B 2 15  PTR 15  5   5   PTR PTR B . n 
B 2 16  LEU 16  6   6   LEU LEU B . n 
B 2 17  ASP 17  7   7   ASP ASP B . n 
B 2 18  LEU 18  8   8   LEU LEU B . n 
B 2 19  ASP 19  9   9   ASP ASP B . n 
B 2 20  LEU 20  10  10  LEU LEU B . n 
B 2 21  ASP 21  11  ?   ?   ?   B . n 
B 2 22  SER 22  12  ?   ?   ?   B . n 
B 2 23  GLY 23  13  ?   ?   ?   B . n 
B 2 24  LYS 24  14  ?   ?   ?   B . n 
B 2 25  SER 25  15  ?   ?   ?   B . n 
B 2 26  THR 26  16  ?   ?   ?   B . n 
B 2 27  PRO 27  17  ?   ?   ?   B . n 
B 2 28  PRO 28  18  ?   ?   ?   B . n 
B 2 29  ARG 29  19  ?   ?   ?   B . n 
B 2 30  LYS 30  20  ?   ?   ?   B . n 
B 2 31  GLN 31  21  ?   ?   ?   B . n 
B 2 32  LYS 32  22  ?   ?   ?   B . n 
B 2 33  SER 33  23  ?   ?   ?   B . n 
B 2 34  SER 34  24  ?   ?   ?   B . n 
B 2 35  GLY 35  25  ?   ?   ?   B . n 
B 2 36  SER 36  26  ?   ?   ?   B . n 
B 2 37  GLY 37  27  ?   ?   ?   B . n 
B 2 38  SER 38  28  ?   ?   ?   B . n 
B 2 39  SER 39  29  ?   ?   ?   B . n 
# 
_pdbx_entity_instance_feature.ordinal        1 
_pdbx_entity_instance_feature.comp_id        PTR 
_pdbx_entity_instance_feature.asym_id        ? 
_pdbx_entity_instance_feature.seq_num        ? 
_pdbx_entity_instance_feature.auth_comp_id   PTR 
_pdbx_entity_instance_feature.auth_asym_id   ? 
_pdbx_entity_instance_feature.auth_seq_num   ? 
_pdbx_entity_instance_feature.feature_type   'SUBJECT OF INVESTIGATION' 
_pdbx_entity_instance_feature.details        ? 
# 
loop_
_pdbx_nonpoly_scheme.asym_id 
_pdbx_nonpoly_scheme.entity_id 
_pdbx_nonpoly_scheme.mon_id 
_pdbx_nonpoly_scheme.ndb_seq_num 
_pdbx_nonpoly_scheme.pdb_seq_num 
_pdbx_nonpoly_scheme.auth_seq_num 
_pdbx_nonpoly_scheme.pdb_mon_id 
_pdbx_nonpoly_scheme.auth_mon_id 
_pdbx_nonpoly_scheme.pdb_strand_id 
_pdbx_nonpoly_scheme.pdb_ins_code 
C 3 HOH 1  201 13 HOH HOH A . 
C 3 HOH 2  202 17 HOH HOH A . 
C 3 HOH 3  203 11 HOH HOH A . 
C 3 HOH 4  204 12 HOH HOH A . 
C 3 HOH 5  205 24 HOH HOH A . 
C 3 HOH 6  206 54 HOH HOH A . 
C 3 HOH 7  207 7  HOH HOH A . 
C 3 HOH 8  208 38 HOH HOH A . 
C 3 HOH 9  209 47 HOH HOH A . 
C 3 HOH 10 210 2  HOH HOH A . 
C 3 HOH 11 211 8  HOH HOH A . 
C 3 HOH 12 212 5  HOH HOH A . 
C 3 HOH 13 213 33 HOH HOH A . 
C 3 HOH 14 214 34 HOH HOH A . 
C 3 HOH 15 215 22 HOH HOH A . 
C 3 HOH 16 216 58 HOH HOH A . 
C 3 HOH 17 217 6  HOH HOH A . 
C 3 HOH 18 218 49 HOH HOH A . 
C 3 HOH 19 219 9  HOH HOH A . 
C 3 HOH 20 220 50 HOH HOH A . 
C 3 HOH 21 221 31 HOH HOH A . 
C 3 HOH 22 222 21 HOH HOH A . 
C 3 HOH 23 223 19 HOH HOH A . 
C 3 HOH 24 224 16 HOH HOH A . 
C 3 HOH 25 225 20 HOH HOH A . 
C 3 HOH 26 226 45 HOH HOH A . 
C 3 HOH 27 227 10 HOH HOH A . 
C 3 HOH 28 228 1  HOH HOH A . 
C 3 HOH 29 229 64 HOH HOH A . 
C 3 HOH 30 230 61 HOH HOH A . 
C 3 HOH 31 231 25 HOH HOH A . 
C 3 HOH 32 232 46 HOH HOH A . 
C 3 HOH 33 233 14 HOH HOH A . 
C 3 HOH 34 234 15 HOH HOH A . 
C 3 HOH 35 235 3  HOH HOH A . 
C 3 HOH 36 236 72 HOH HOH A . 
C 3 HOH 37 237 40 HOH HOH A . 
C 3 HOH 38 238 35 HOH HOH A . 
C 3 HOH 39 239 53 HOH HOH A . 
C 3 HOH 40 240 26 HOH HOH A . 
C 3 HOH 41 241 56 HOH HOH A . 
C 3 HOH 42 242 51 HOH HOH A . 
D 3 HOH 1  101 59 HOH HOH B . 
# 
loop_
_pdbx_unobs_or_zero_occ_atoms.id 
_pdbx_unobs_or_zero_occ_atoms.PDB_model_num 
_pdbx_unobs_or_zero_occ_atoms.polymer_flag 
_pdbx_unobs_or_zero_occ_atoms.occupancy_flag 
_pdbx_unobs_or_zero_occ_atoms.auth_asym_id 
_pdbx_unobs_or_zero_occ_atoms.auth_comp_id 
_pdbx_unobs_or_zero_occ_atoms.auth_seq_id 
_pdbx_unobs_or_zero_occ_atoms.PDB_ins_code 
_pdbx_unobs_or_zero_occ_atoms.auth_atom_id 
_pdbx_unobs_or_zero_occ_atoms.label_alt_id 
_pdbx_unobs_or_zero_occ_atoms.label_asym_id 
_pdbx_unobs_or_zero_occ_atoms.label_comp_id 
_pdbx_unobs_or_zero_occ_atoms.label_seq_id 
_pdbx_unobs_or_zero_occ_atoms.label_atom_id 
1  1 Y 0 A LYS 35 ? CB  ? A LYS 35 CB  
2  1 Y 0 A LYS 35 ? CG  ? A LYS 35 CG  
3  1 Y 0 A LYS 35 ? CD  ? A LYS 35 CD  
4  1 Y 0 A LYS 35 ? CE  ? A LYS 35 CE  
5  1 Y 0 A LYS 35 ? NZ  ? A LYS 35 NZ  
6  1 Y 0 A GLU 76 ? CG  ? A GLU 76 CG  
7  1 Y 0 A GLU 76 ? CD  ? A GLU 76 CD  
8  1 Y 0 A GLU 76 ? OE1 ? A GLU 76 OE1 
9  1 Y 0 A GLU 76 ? OE2 ? A GLU 76 OE2 
10 1 Y 0 A LYS 89 ? CG  ? A LYS 89 CG  
11 1 Y 0 A LYS 89 ? CD  ? A LYS 89 CD  
12 1 Y 0 A LYS 89 ? CE  ? A LYS 89 CE  
13 1 Y 0 A LYS 89 ? NZ  ? A LYS 89 NZ  
14 1 Y 0 A LYS 91 ? CG  ? A LYS 91 CG  
15 1 Y 0 A LYS 91 ? CD  ? A LYS 91 CD  
16 1 Y 0 A LYS 91 ? CE  ? A LYS 91 CE  
17 1 Y 0 A LYS 91 ? NZ  ? A LYS 91 NZ  
18 1 Y 0 A ASN 92 ? CG  ? A ASN 92 CG  
19 1 Y 0 A ASN 92 ? OD1 ? A ASN 92 OD1 
20 1 Y 0 A ASN 92 ? ND2 ? A ASN 92 ND2 
21 1 Y 0 B GLN 2  ? CD  ? B GLN 12 CD  
22 1 Y 0 B GLN 2  ? OE1 ? B GLN 12 OE1 
23 1 Y 0 B GLN 2  ? NE2 ? B GLN 12 NE2 
# 
loop_
_software.citation_id 
_software.classification 
_software.compiler_name 
_software.compiler_version 
_software.contact_author 
_software.contact_author_email 
_software.date 
_software.description 
_software.dependencies 
_software.hardware 
_software.language 
_software.location 
_software.mods 
_software.name 
_software.os 
_software.os_version 
_software.type 
_software.version 
_software.pdbx_ordinal 
? refinement       ? ? ? ? ? ? ? ? ? ? ? PHENIX  ? ? ? 1.21.1_5286                            1 
? 'data reduction' ? ? ? ? ? ? ? ? ? ? ? XDS     ? ? ? 'VERSION Jan 31, 2020  BUILT=20200417' 2 
? 'data scaling'   ? ? ? ? ? ? ? ? ? ? ? Aimless ? ? ? 0.7.4                                  3 
? phasing          ? ? ? ? ? ? ? ? ? ? ? PHASER  ? ? ? 2.8.3                                  4 
# 
_cell.angle_alpha                  90.000 
_cell.angle_alpha_esd              ? 
_cell.angle_beta                   90.000 
_cell.angle_beta_esd               ? 
_cell.angle_gamma                  90.000 
_cell.angle_gamma_esd              ? 
_cell.entry_id                     9QA5 
_cell.details                      ? 
_cell.formula_units_Z              ? 
_cell.length_a                     60.780 
_cell.length_a_esd                 ? 
_cell.length_b                     60.780 
_cell.length_b_esd                 ? 
_cell.length_c                     69.847 
_cell.length_c_esd                 ? 
_cell.volume                       258033.768 
_cell.volume_esd                   ? 
_cell.Z_PDB                        8 
_cell.reciprocal_angle_alpha       ? 
_cell.reciprocal_angle_beta        ? 
_cell.reciprocal_angle_gamma       ? 
_cell.reciprocal_angle_alpha_esd   ? 
_cell.reciprocal_angle_beta_esd    ? 
_cell.reciprocal_angle_gamma_esd   ? 
_cell.reciprocal_length_a          ? 
_cell.reciprocal_length_b          ? 
_cell.reciprocal_length_c          ? 
_cell.reciprocal_length_a_esd      ? 
_cell.reciprocal_length_b_esd      ? 
_cell.reciprocal_length_c_esd      ? 
_cell.pdbx_unique_axis             ? 
_cell.pdbx_esd_method              ? 
# 
_symmetry.entry_id                         9QA5 
_symmetry.cell_setting                     ? 
_symmetry.Int_Tables_number                96 
_symmetry.space_group_name_Hall            'P 4nw 2abw' 
_symmetry.space_group_name_H-M             'P 43 21 2' 
_symmetry.pdbx_full_space_group_name_H-M   ? 
# 
_exptl.absorpt_coefficient_mu     ? 
_exptl.absorpt_correction_T_max   ? 
_exptl.absorpt_correction_T_min   ? 
_exptl.absorpt_correction_type    ? 
_exptl.absorpt_process_details    ? 
_exptl.entry_id                   9QA5 
_exptl.crystals_number            1 
_exptl.details                    ? 
_exptl.method                     'X-RAY DIFFRACTION' 
_exptl.method_details             ? 
# 
_exptl_crystal.colour                       ? 
_exptl_crystal.density_diffrn               ? 
_exptl_crystal.density_Matthews             1.99 
_exptl_crystal.density_method               ? 
_exptl_crystal.density_percent_sol          38.11 
_exptl_crystal.description                  ? 
_exptl_crystal.F_000                        ? 
_exptl_crystal.id                           1 
_exptl_crystal.preparation                  ? 
_exptl_crystal.size_max                     ? 
_exptl_crystal.size_mid                     ? 
_exptl_crystal.size_min                     ? 
_exptl_crystal.size_rad                     ? 
_exptl_crystal.colour_lustre                ? 
_exptl_crystal.colour_modifier              ? 
_exptl_crystal.colour_primary               ? 
_exptl_crystal.density_meas                 ? 
_exptl_crystal.density_meas_esd             ? 
_exptl_crystal.density_meas_gt              ? 
_exptl_crystal.density_meas_lt              ? 
_exptl_crystal.density_meas_temp            ? 
_exptl_crystal.density_meas_temp_esd        ? 
_exptl_crystal.density_meas_temp_gt         ? 
_exptl_crystal.density_meas_temp_lt         ? 
_exptl_crystal.pdbx_crystal_image_url       ? 
_exptl_crystal.pdbx_crystal_image_format    ? 
_exptl_crystal.pdbx_mosaicity               ? 
_exptl_crystal.pdbx_mosaicity_esd           ? 
_exptl_crystal.pdbx_mosaic_method           ? 
_exptl_crystal.pdbx_mosaic_block_size       ? 
_exptl_crystal.pdbx_mosaic_block_size_esd   ? 
# 
_exptl_crystal_grow.apparatus       ? 
_exptl_crystal_grow.atmosphere      ? 
_exptl_crystal_grow.crystal_id      1 
_exptl_crystal_grow.details         ? 
_exptl_crystal_grow.method          'VAPOR DIFFUSION, HANGING DROP' 
_exptl_crystal_grow.method_ref      ? 
_exptl_crystal_grow.pH              ? 
_exptl_crystal_grow.pressure        ? 
_exptl_crystal_grow.pressure_esd    ? 
_exptl_crystal_grow.seeding         ? 
_exptl_crystal_grow.seeding_ref     ? 
_exptl_crystal_grow.temp_details    ? 
_exptl_crystal_grow.temp_esd        ? 
_exptl_crystal_grow.time            ? 
_exptl_crystal_grow.pdbx_details    '5 % PEG3350, 0.2 M NaCl, 0.1 M BisTris, pH 5.5' 
_exptl_crystal_grow.pdbx_pH_range   ? 
_exptl_crystal_grow.temp            293 
# 
_diffrn.ambient_environment              ? 
_diffrn.ambient_temp                     100 
_diffrn.ambient_temp_details             ? 
_diffrn.ambient_temp_esd                 ? 
_diffrn.crystal_id                       1 
_diffrn.crystal_support                  ? 
_diffrn.crystal_treatment                ? 
_diffrn.details                          ? 
_diffrn.id                               1 
_diffrn.ambient_pressure                 ? 
_diffrn.ambient_pressure_esd             ? 
_diffrn.ambient_pressure_gt              ? 
_diffrn.ambient_pressure_lt              ? 
_diffrn.ambient_temp_gt                  ? 
_diffrn.ambient_temp_lt                  ? 
_diffrn.pdbx_serial_crystal_experiment   N 
# 
_diffrn_detector.details                      ? 
_diffrn_detector.detector                     PIXEL 
_diffrn_detector.diffrn_id                    1 
_diffrn_detector.type                         'RIGAKU HyPix-Arc 150' 
_diffrn_detector.area_resol_mean              ? 
_diffrn_detector.dtime                        ? 
_diffrn_detector.pdbx_frames_total            ? 
_diffrn_detector.pdbx_collection_time_total   ? 
_diffrn_detector.pdbx_collection_date         2021-01-14 
_diffrn_detector.pdbx_frequency               ? 
_diffrn_detector.id                           ? 
_diffrn_detector.number_of_axes               ? 
# 
_diffrn_radiation.collimation                      ? 
_diffrn_radiation.diffrn_id                        1 
_diffrn_radiation.filter_edge                      ? 
_diffrn_radiation.inhomogeneity                    ? 
_diffrn_radiation.monochromator                    ? 
_diffrn_radiation.polarisn_norm                    ? 
_diffrn_radiation.polarisn_ratio                   ? 
_diffrn_radiation.probe                            ? 
_diffrn_radiation.type                             ? 
_diffrn_radiation.xray_symbol                      ? 
_diffrn_radiation.wavelength_id                    1 
_diffrn_radiation.pdbx_monochromatic_or_laue_m_l   M 
_diffrn_radiation.pdbx_wavelength_list             ? 
_diffrn_radiation.pdbx_wavelength                  ? 
_diffrn_radiation.pdbx_diffrn_protocol             'SINGLE WAVELENGTH' 
_diffrn_radiation.pdbx_analyzer                    ? 
_diffrn_radiation.pdbx_scattering_type             x-ray 
# 
_diffrn_radiation_wavelength.id           1 
_diffrn_radiation_wavelength.wavelength   1.5418 
_diffrn_radiation_wavelength.wt           1.0 
# 
_diffrn_source.current                     ? 
_diffrn_source.details                     ? 
_diffrn_source.diffrn_id                   1 
_diffrn_source.power                       ? 
_diffrn_source.size                        ? 
_diffrn_source.source                      'ROTATING ANODE' 
_diffrn_source.target                      ? 
_diffrn_source.type                        'RIGAKU MICROMAX-007' 
_diffrn_source.voltage                     ? 
_diffrn_source.take-off_angle              ? 
_diffrn_source.pdbx_wavelength_list        1.5418 
_diffrn_source.pdbx_wavelength             ? 
_diffrn_source.pdbx_synchrotron_beamline   ? 
_diffrn_source.pdbx_synchrotron_site       ? 
# 
_reflns.B_iso_Wilson_estimate                          31.76 
_reflns.entry_id                                       9QA5 
_reflns.data_reduction_details                         ? 
_reflns.data_reduction_method                          ? 
_reflns.d_resolution_high                              2.08 
_reflns.d_resolution_low                               69.85 
_reflns.details                                        ? 
_reflns.limit_h_max                                    ? 
_reflns.limit_h_min                                    ? 
_reflns.limit_k_max                                    ? 
_reflns.limit_k_min                                    ? 
_reflns.limit_l_max                                    ? 
_reflns.limit_l_min                                    ? 
_reflns.number_all                                     ? 
_reflns.number_obs                                     8364 
_reflns.observed_criterion                             ? 
_reflns.observed_criterion_F_max                       ? 
_reflns.observed_criterion_F_min                       ? 
_reflns.observed_criterion_I_max                       ? 
_reflns.observed_criterion_I_min                       ? 
_reflns.observed_criterion_sigma_F                     ? 
_reflns.observed_criterion_sigma_I                     ? 
_reflns.percent_possible_obs                           100 
_reflns.R_free_details                                 ? 
_reflns.Rmerge_F_all                                   ? 
_reflns.Rmerge_F_obs                                   ? 
_reflns.Friedel_coverage                               ? 
_reflns.number_gt                                      ? 
_reflns.threshold_expression                           ? 
_reflns.pdbx_redundancy                                14.2 
_reflns.pdbx_netI_over_av_sigmaI                       ? 
_reflns.pdbx_netI_over_sigmaI                          14.0 
_reflns.pdbx_res_netI_over_av_sigmaI_2                 ? 
_reflns.pdbx_res_netI_over_sigmaI_2                    ? 
_reflns.pdbx_chi_squared                               ? 
_reflns.pdbx_scaling_rejects                           ? 
_reflns.pdbx_d_res_high_opt                            ? 
_reflns.pdbx_d_res_low_opt                             ? 
_reflns.pdbx_d_res_opt_method                          ? 
_reflns.phase_calculation_details                      ? 
_reflns.pdbx_Rrim_I_all                                0.137 
_reflns.pdbx_Rpim_I_all                                ? 
_reflns.pdbx_d_opt                                     ? 
_reflns.pdbx_number_measured_all                       ? 
_reflns.pdbx_diffrn_id                                 1 
_reflns.pdbx_ordinal                                   1 
_reflns.pdbx_CC_half                                   0.998 
_reflns.pdbx_CC_star                                   ? 
_reflns.pdbx_R_split                                   ? 
_reflns.pdbx_Rmerge_I_obs                              ? 
_reflns.pdbx_Rmerge_I_all                              ? 
_reflns.pdbx_Rsym_value                                ? 
_reflns.pdbx_CC_split_method                           ? 
_reflns.pdbx_aniso_diffraction_limit_axis_1_ortho[1]   ? 
_reflns.pdbx_aniso_diffraction_limit_axis_1_ortho[2]   ? 
_reflns.pdbx_aniso_diffraction_limit_axis_1_ortho[3]   ? 
_reflns.pdbx_aniso_diffraction_limit_axis_2_ortho[1]   ? 
_reflns.pdbx_aniso_diffraction_limit_axis_2_ortho[2]   ? 
_reflns.pdbx_aniso_diffraction_limit_axis_2_ortho[3]   ? 
_reflns.pdbx_aniso_diffraction_limit_axis_3_ortho[1]   ? 
_reflns.pdbx_aniso_diffraction_limit_axis_3_ortho[2]   ? 
_reflns.pdbx_aniso_diffraction_limit_axis_3_ortho[3]   ? 
_reflns.pdbx_aniso_diffraction_limit_1                 ? 
_reflns.pdbx_aniso_diffraction_limit_2                 ? 
_reflns.pdbx_aniso_diffraction_limit_3                 ? 
_reflns.pdbx_aniso_B_tensor_eigenvector_1_ortho[1]     ? 
_reflns.pdbx_aniso_B_tensor_eigenvector_1_ortho[2]     ? 
_reflns.pdbx_aniso_B_tensor_eigenvector_1_ortho[3]     ? 
_reflns.pdbx_aniso_B_tensor_eigenvector_2_ortho[1]     ? 
_reflns.pdbx_aniso_B_tensor_eigenvector_2_ortho[2]     ? 
_reflns.pdbx_aniso_B_tensor_eigenvector_2_ortho[3]     ? 
_reflns.pdbx_aniso_B_tensor_eigenvector_3_ortho[1]     ? 
_reflns.pdbx_aniso_B_tensor_eigenvector_3_ortho[2]     ? 
_reflns.pdbx_aniso_B_tensor_eigenvector_3_ortho[3]     ? 
_reflns.pdbx_aniso_B_tensor_eigenvalue_1               ? 
_reflns.pdbx_aniso_B_tensor_eigenvalue_2               ? 
_reflns.pdbx_aniso_B_tensor_eigenvalue_3               ? 
_reflns.pdbx_orthogonalization_convention              ? 
_reflns.pdbx_percent_possible_ellipsoidal              ? 
_reflns.pdbx_percent_possible_spherical                ? 
_reflns.pdbx_percent_possible_ellipsoidal_anomalous    ? 
_reflns.pdbx_percent_possible_spherical_anomalous      ? 
_reflns.pdbx_redundancy_anomalous                      ? 
_reflns.pdbx_CC_half_anomalous                         ? 
_reflns.pdbx_absDiff_over_sigma_anomalous              ? 
_reflns.pdbx_percent_possible_anomalous                ? 
_reflns.pdbx_observed_signal_threshold                 ? 
_reflns.pdbx_signal_type                               ? 
_reflns.pdbx_signal_details                            ? 
_reflns.pdbx_signal_software_id                        ? 
# 
_reflns_shell.d_res_high                                    2.08 
_reflns_shell.d_res_low                                     2.14 
_reflns_shell.meanI_over_sigI_all                           ? 
_reflns_shell.meanI_over_sigI_obs                           2.9 
_reflns_shell.number_measured_all                           ? 
_reflns_shell.number_measured_obs                           ? 
_reflns_shell.number_possible                               ? 
_reflns_shell.number_unique_all                             ? 
_reflns_shell.number_unique_obs                             633 
_reflns_shell.percent_possible_obs                          ? 
_reflns_shell.Rmerge_F_all                                  ? 
_reflns_shell.Rmerge_F_obs                                  ? 
_reflns_shell.meanI_over_sigI_gt                            ? 
_reflns_shell.meanI_over_uI_all                             ? 
_reflns_shell.meanI_over_uI_gt                              ? 
_reflns_shell.number_measured_gt                            ? 
_reflns_shell.number_unique_gt                              ? 
_reflns_shell.percent_possible_gt                           ? 
_reflns_shell.Rmerge_F_gt                                   ? 
_reflns_shell.Rmerge_I_gt                                   ? 
_reflns_shell.pdbx_redundancy                               13.3 
_reflns_shell.pdbx_chi_squared                              ? 
_reflns_shell.pdbx_netI_over_sigmaI_all                     ? 
_reflns_shell.pdbx_netI_over_sigmaI_obs                     ? 
_reflns_shell.pdbx_Rrim_I_all                               0.95 
_reflns_shell.pdbx_Rpim_I_all                               ? 
_reflns_shell.pdbx_rejects                                  ? 
_reflns_shell.pdbx_ordinal                                  1 
_reflns_shell.pdbx_diffrn_id                                1 
_reflns_shell.pdbx_CC_half                                  0.817 
_reflns_shell.pdbx_CC_star                                  ? 
_reflns_shell.pdbx_R_split                                  ? 
_reflns_shell.percent_possible_all                          100 
_reflns_shell.Rmerge_I_all                                  ? 
_reflns_shell.Rmerge_I_obs                                  ? 
_reflns_shell.pdbx_Rsym_value                               ? 
_reflns_shell.pdbx_percent_possible_ellipsoidal             ? 
_reflns_shell.pdbx_percent_possible_spherical               ? 
_reflns_shell.pdbx_percent_possible_ellipsoidal_anomalous   ? 
_reflns_shell.pdbx_percent_possible_spherical_anomalous     ? 
_reflns_shell.pdbx_redundancy_anomalous                     ? 
_reflns_shell.pdbx_CC_half_anomalous                        ? 
_reflns_shell.pdbx_absDiff_over_sigma_anomalous             ? 
_reflns_shell.pdbx_percent_possible_anomalous               ? 
# 
_refine.aniso_B[1][1]                            ? 
_refine.aniso_B[1][2]                            ? 
_refine.aniso_B[1][3]                            ? 
_refine.aniso_B[2][2]                            ? 
_refine.aniso_B[2][3]                            ? 
_refine.aniso_B[3][3]                            ? 
_refine.B_iso_max                                ? 
_refine.B_iso_mean                               36.20 
_refine.B_iso_min                                ? 
_refine.correlation_coeff_Fo_to_Fc               ? 
_refine.correlation_coeff_Fo_to_Fc_free          ? 
_refine.details                                  ? 
_refine.diff_density_max                         ? 
_refine.diff_density_max_esd                     ? 
_refine.diff_density_min                         ? 
_refine.diff_density_min_esd                     ? 
_refine.diff_density_rms                         ? 
_refine.diff_density_rms_esd                     ? 
_refine.entry_id                                 9QA5 
_refine.pdbx_refine_id                           'X-RAY DIFFRACTION' 
_refine.ls_abs_structure_details                 ? 
_refine.ls_abs_structure_Flack                   ? 
_refine.ls_abs_structure_Flack_esd               ? 
_refine.ls_abs_structure_Rogers                  ? 
_refine.ls_abs_structure_Rogers_esd              ? 
_refine.ls_d_res_high                            2.08 
_refine.ls_d_res_low                             27.87 
_refine.ls_extinction_coef                       ? 
_refine.ls_extinction_coef_esd                   ? 
_refine.ls_extinction_expression                 ? 
_refine.ls_extinction_method                     ? 
_refine.ls_goodness_of_fit_all                   ? 
_refine.ls_goodness_of_fit_all_esd               ? 
_refine.ls_goodness_of_fit_obs                   ? 
_refine.ls_goodness_of_fit_obs_esd               ? 
_refine.ls_hydrogen_treatment                    ? 
_refine.ls_matrix_type                           ? 
_refine.ls_number_constraints                    ? 
_refine.ls_number_parameters                     ? 
_refine.ls_number_reflns_all                     ? 
_refine.ls_number_reflns_obs                     8295 
_refine.ls_number_reflns_R_free                  405 
_refine.ls_number_reflns_R_work                  7890 
_refine.ls_number_restraints                     ? 
_refine.ls_percent_reflns_obs                    99.70 
_refine.ls_percent_reflns_R_free                 4.88 
_refine.ls_R_factor_all                          ? 
_refine.ls_R_factor_obs                          0.2281 
_refine.ls_R_factor_R_free                       0.2729 
_refine.ls_R_factor_R_free_error                 ? 
_refine.ls_R_factor_R_free_error_details         ? 
_refine.ls_R_factor_R_work                       0.2258 
_refine.ls_R_Fsqd_factor_obs                     ? 
_refine.ls_R_I_factor_obs                        ? 
_refine.ls_redundancy_reflns_all                 ? 
_refine.ls_redundancy_reflns_obs                 ? 
_refine.ls_restrained_S_all                      ? 
_refine.ls_restrained_S_obs                      ? 
_refine.ls_shift_over_esd_max                    ? 
_refine.ls_shift_over_esd_mean                   ? 
_refine.ls_structure_factor_coef                 ? 
_refine.ls_weighting_details                     ? 
_refine.ls_weighting_scheme                      ? 
_refine.ls_wR_factor_all                         ? 
_refine.ls_wR_factor_obs                         ? 
_refine.ls_wR_factor_R_free                      ? 
_refine.ls_wR_factor_R_work                      ? 
_refine.occupancy_max                            ? 
_refine.occupancy_min                            ? 
_refine.solvent_model_details                    'FLAT BULK SOLVENT MODEL' 
_refine.solvent_model_param_bsol                 ? 
_refine.solvent_model_param_ksol                 ? 
_refine.correlation_coeff_I_to_Fcsqd_work        ? 
_refine.correlation_coeff_I_to_Fcsqd_free        ? 
_refine.pdbx_R_complete                          ? 
_refine.ls_R_factor_gt                           ? 
_refine.ls_goodness_of_fit_gt                    ? 
_refine.ls_goodness_of_fit_ref                   ? 
_refine.ls_shift_over_su_max                     ? 
_refine.ls_shift_over_su_max_lt                  ? 
_refine.ls_shift_over_su_mean                    ? 
_refine.ls_shift_over_su_mean_lt                 ? 
_refine.pdbx_ls_sigma_I                          ? 
_refine.pdbx_ls_sigma_F                          1.34 
_refine.pdbx_ls_sigma_Fsqd                       ? 
_refine.pdbx_data_cutoff_high_absF               ? 
_refine.pdbx_data_cutoff_high_rms_absF           ? 
_refine.pdbx_data_cutoff_low_absF                ? 
_refine.pdbx_isotropic_thermal_model             ? 
_refine.pdbx_ls_cross_valid_method               'FREE R-VALUE' 
_refine.pdbx_method_to_determine_struct          'MOLECULAR REPLACEMENT' 
_refine.pdbx_starting_model                      ? 
_refine.pdbx_stereochemistry_target_values       'GeoStd + Monomer Library + CDL v1.2' 
_refine.pdbx_R_Free_selection_details            ? 
_refine.pdbx_stereochem_target_val_spec_case     ? 
_refine.pdbx_overall_ESU_R                       ? 
_refine.pdbx_overall_ESU_R_Free                  ? 
_refine.pdbx_solvent_vdw_probe_radii             1.1100 
_refine.pdbx_solvent_ion_probe_radii             ? 
_refine.pdbx_solvent_shrinkage_radii             0.9000 
_refine.pdbx_real_space_R                        ? 
_refine.pdbx_density_correlation                 ? 
_refine.pdbx_pd_number_of_powder_patterns        ? 
_refine.pdbx_pd_number_of_points                 ? 
_refine.pdbx_pd_meas_number_of_points            ? 
_refine.pdbx_pd_proc_ls_prof_R_factor            ? 
_refine.pdbx_pd_proc_ls_prof_wR_factor           ? 
_refine.pdbx_pd_Marquardt_correlation_coeff      ? 
_refine.pdbx_pd_Fsqrd_R_factor                   ? 
_refine.pdbx_pd_ls_matrix_band_width             ? 
_refine.pdbx_overall_phase_error                 30.8407 
_refine.pdbx_overall_SU_R_free_Cruickshank_DPI   ? 
_refine.pdbx_overall_SU_R_free_Blow_DPI          ? 
_refine.pdbx_overall_SU_R_Blow_DPI               ? 
_refine.pdbx_TLS_residual_ADP_flag               ? 
_refine.pdbx_diffrn_id                           1 
_refine.overall_SU_B                             ? 
_refine.overall_SU_ML                            0.2609 
_refine.overall_SU_R_Cruickshank_DPI             ? 
_refine.overall_SU_R_free                        ? 
_refine.overall_FOM_free_R_set                   ? 
_refine.overall_FOM_work_R_set                   ? 
_refine.pdbx_average_fsc_overall                 ? 
_refine.pdbx_average_fsc_work                    ? 
_refine.pdbx_average_fsc_free                    ? 
# 
_refine_hist.pdbx_refine_id                   'X-RAY DIFFRACTION' 
_refine_hist.cycle_id                         LAST 
_refine_hist.details                          ? 
_refine_hist.d_res_high                       2.08 
_refine_hist.d_res_low                        27.87 
_refine_hist.number_atoms_solvent             43 
_refine_hist.number_atoms_total               913 
_refine_hist.number_reflns_all                ? 
_refine_hist.number_reflns_obs                ? 
_refine_hist.number_reflns_R_free             ? 
_refine_hist.number_reflns_R_work             ? 
_refine_hist.R_factor_all                     ? 
_refine_hist.R_factor_obs                     ? 
_refine_hist.R_factor_R_free                  ? 
_refine_hist.R_factor_R_work                  ? 
_refine_hist.pdbx_number_residues_total       ? 
_refine_hist.pdbx_B_iso_mean_ligand           ? 
_refine_hist.pdbx_B_iso_mean_solvent          ? 
_refine_hist.pdbx_number_atoms_protein        870 
_refine_hist.pdbx_number_atoms_nucleic_acid   0 
_refine_hist.pdbx_number_atoms_ligand         0 
_refine_hist.pdbx_number_atoms_lipid          ? 
_refine_hist.pdbx_number_atoms_carb           ? 
_refine_hist.pdbx_pseudo_atom_details         ? 
# 
loop_
_refine_ls_restr.pdbx_refine_id 
_refine_ls_restr.criterion 
_refine_ls_restr.dev_ideal 
_refine_ls_restr.dev_ideal_target 
_refine_ls_restr.number 
_refine_ls_restr.rejects 
_refine_ls_restr.type 
_refine_ls_restr.weight 
_refine_ls_restr.pdbx_restraint_function 
'X-RAY DIFFRACTION' ? 0.0061  ? 898  ? f_bond_d           ? ? 
'X-RAY DIFFRACTION' ? 0.9502  ? 1218 ? f_angle_d          ? ? 
'X-RAY DIFFRACTION' ? 0.0499  ? 130  ? f_chiral_restr     ? ? 
'X-RAY DIFFRACTION' ? 0.0071  ? 158  ? f_plane_restr      ? ? 
'X-RAY DIFFRACTION' ? 15.7940 ? 337  ? f_dihedral_angle_d ? ? 
# 
loop_
_refine_ls_shell.pdbx_refine_id 
_refine_ls_shell.d_res_high 
_refine_ls_shell.d_res_low 
_refine_ls_shell.number_reflns_all 
_refine_ls_shell.number_reflns_obs 
_refine_ls_shell.number_reflns_R_free 
_refine_ls_shell.number_reflns_R_work 
_refine_ls_shell.percent_reflns_obs 
_refine_ls_shell.percent_reflns_R_free 
_refine_ls_shell.R_factor_all 
_refine_ls_shell.R_factor_obs 
_refine_ls_shell.R_factor_R_free_error 
_refine_ls_shell.R_factor_R_work 
_refine_ls_shell.redundancy_reflns_all 
_refine_ls_shell.redundancy_reflns_obs 
_refine_ls_shell.wR_factor_all 
_refine_ls_shell.wR_factor_obs 
_refine_ls_shell.wR_factor_R_free 
_refine_ls_shell.wR_factor_R_work 
_refine_ls_shell.pdbx_R_complete 
_refine_ls_shell.correlation_coeff_Fo_to_Fc 
_refine_ls_shell.correlation_coeff_Fo_to_Fc_free 
_refine_ls_shell.correlation_coeff_I_to_Fcsqd_work 
_refine_ls_shell.correlation_coeff_I_to_Fcsqd_free 
_refine_ls_shell.pdbx_total_number_of_bins_used 
_refine_ls_shell.pdbx_phase_error 
_refine_ls_shell.pdbx_fsc_work 
_refine_ls_shell.pdbx_fsc_free 
_refine_ls_shell.R_factor_R_free 
'X-RAY DIFFRACTION' 2.08 2.38  . . 142 2569 100.00 . . . . 0.2462 . . . . . . . . . . . . . . . 0.3181 
'X-RAY DIFFRACTION' 2.38 3.00  . . 127 2591 99.74  . . . . 0.2804 . . . . . . . . . . . . . . . 0.3741 
'X-RAY DIFFRACTION' 3.00 27.87 . . 136 2730 99.38  . . . . 0.2021 . . . . . . . . . . . . . . . 0.2328 
# 
_struct.entry_id                     9QA5 
_struct.title                        'Structure of the N-SH2 domain of SHP2 in complex with the phosphoY627-Gab1 (613-651) peptide' 
_struct.pdbx_model_details           ? 
_struct.pdbx_formula_weight          ? 
_struct.pdbx_formula_weight_method   ? 
_struct.pdbx_model_type_details      ? 
_struct.pdbx_CASP_flag               N 
# 
_struct_keywords.entry_id        9QA5 
_struct_keywords.text            'SH2-domain, phosphatase, PTPN11, phospho-tyrosine, SIGNALING PROTEIN' 
_struct_keywords.pdbx_keywords   'SIGNALING PROTEIN' 
# 
loop_
_struct_asym.id 
_struct_asym.pdbx_blank_PDB_chainid_flag 
_struct_asym.pdbx_modified 
_struct_asym.entity_id 
_struct_asym.details 
A N N 1 ? 
B N N 2 ? 
C N N 3 ? 
D N N 3 ? 
# 
loop_
_struct_ref.id 
_struct_ref.db_name 
_struct_ref.db_code 
_struct_ref.pdbx_db_accession 
_struct_ref.pdbx_db_isoform 
_struct_ref.entity_id 
_struct_ref.pdbx_seq_one_letter_code 
_struct_ref.pdbx_align_begin 
1 UNP PTN11_HUMAN Q06124 Q06124-3 1 
;MTSRRWFHPNITGVEAENLLLTRGVDGSFLARPSKSNPGDFTLSVRRNGAVTHIKIQNTGDYYDLYGGEKFATLAELVQY
YMEHHGQLKEKNGDVIELKYPLNCAD
;
1   
2 UNP GAB1_HUMAN  Q13480 ?        2 SSPMIKPKGDKQVEYLDLDLDSGKSTPPRKQKSSGSGSS 613 
# 
loop_
_struct_ref_seq.align_id 
_struct_ref_seq.ref_id 
_struct_ref_seq.pdbx_PDB_id_code 
_struct_ref_seq.pdbx_strand_id 
_struct_ref_seq.seq_align_beg 
_struct_ref_seq.pdbx_seq_align_beg_ins_code 
_struct_ref_seq.seq_align_end 
_struct_ref_seq.pdbx_seq_align_end_ins_code 
_struct_ref_seq.pdbx_db_accession 
_struct_ref_seq.db_align_beg 
_struct_ref_seq.pdbx_db_align_beg_ins_code 
_struct_ref_seq.db_align_end 
_struct_ref_seq.pdbx_db_align_end_ins_code 
_struct_ref_seq.pdbx_auth_seq_align_beg 
_struct_ref_seq.pdbx_auth_seq_align_end 
1 1 9QA5 A 1 ? 106 ? Q06124 1   ? 106 ? 1  106 
2 2 9QA5 B 1 ? 39  ? Q13480 613 ? 651 ? -9 29  
# 
_pdbx_struct_assembly.id                   1 
_pdbx_struct_assembly.details              author_defined_assembly 
_pdbx_struct_assembly.method_details       ? 
_pdbx_struct_assembly.oligomeric_details   dimeric 
_pdbx_struct_assembly.oligomeric_count     2 
# 
loop_
_pdbx_struct_assembly_prop.biol_id 
_pdbx_struct_assembly_prop.type 
_pdbx_struct_assembly_prop.value 
_pdbx_struct_assembly_prop.details 
1 'ABSA (A^2)' 1410 ? 
1 MORE         -17  ? 
1 'SSA (A^2)'  5860 ? 
# 
_pdbx_struct_assembly_gen.assembly_id       1 
_pdbx_struct_assembly_gen.oper_expression   1 
_pdbx_struct_assembly_gen.asym_id_list      A,B,C,D 
# 
_pdbx_struct_assembly_auth_evidence.id                     1 
_pdbx_struct_assembly_auth_evidence.assembly_id            1 
_pdbx_struct_assembly_auth_evidence.experimental_support   'isothermal titration calorimetry' 
_pdbx_struct_assembly_auth_evidence.details                ? 
# 
_pdbx_struct_oper_list.id                   1 
_pdbx_struct_oper_list.type                 'identity operation' 
_pdbx_struct_oper_list.name                 1_555 
_pdbx_struct_oper_list.symmetry_operation   x,y,z 
_pdbx_struct_oper_list.matrix[1][1]         1.0000000000 
_pdbx_struct_oper_list.matrix[1][2]         0.0000000000 
_pdbx_struct_oper_list.matrix[1][3]         0.0000000000 
_pdbx_struct_oper_list.vector[1]            0.0000000000 
_pdbx_struct_oper_list.matrix[2][1]         0.0000000000 
_pdbx_struct_oper_list.matrix[2][2]         1.0000000000 
_pdbx_struct_oper_list.matrix[2][3]         0.0000000000 
_pdbx_struct_oper_list.vector[2]            0.0000000000 
_pdbx_struct_oper_list.matrix[3][1]         0.0000000000 
_pdbx_struct_oper_list.matrix[3][2]         0.0000000000 
_pdbx_struct_oper_list.matrix[3][3]         1.0000000000 
_pdbx_struct_oper_list.vector[3]            0.0000000000 
# 
loop_
_struct_conf.conf_type_id 
_struct_conf.id 
_struct_conf.pdbx_PDB_helix_id 
_struct_conf.beg_label_comp_id 
_struct_conf.beg_label_asym_id 
_struct_conf.beg_label_seq_id 
_struct_conf.pdbx_beg_PDB_ins_code 
_struct_conf.end_label_comp_id 
_struct_conf.end_label_asym_id 
_struct_conf.end_label_seq_id 
_struct_conf.pdbx_end_PDB_ins_code 
_struct_conf.beg_auth_comp_id 
_struct_conf.beg_auth_asym_id 
_struct_conf.beg_auth_seq_id 
_struct_conf.end_auth_comp_id 
_struct_conf.end_auth_asym_id 
_struct_conf.end_auth_seq_id 
_struct_conf.pdbx_PDB_helix_class 
_struct_conf.details 
_struct_conf.pdbx_PDB_helix_length 
HELX_P HELX_P1 AA1 THR A 12 ? GLY A 24 ? THR A 12 GLY A 24 1 ? 13 
HELX_P HELX_P2 AA2 THR A 73 ? HIS A 84 ? THR A 73 HIS A 84 1 ? 12 
# 
_struct_conf_type.id          HELX_P 
_struct_conf_type.criteria    ? 
_struct_conf_type.reference   ? 
# 
loop_
_struct_conn.id 
_struct_conn.conn_type_id 
_struct_conn.pdbx_leaving_atom_flag 
_struct_conn.pdbx_PDB_id 
_struct_conn.ptnr1_label_asym_id 
_struct_conn.ptnr1_label_comp_id 
_struct_conn.ptnr1_label_seq_id 
_struct_conn.ptnr1_label_atom_id 
_struct_conn.pdbx_ptnr1_label_alt_id 
_struct_conn.pdbx_ptnr1_PDB_ins_code 
_struct_conn.pdbx_ptnr1_standard_comp_id 
_struct_conn.ptnr1_symmetry 
_struct_conn.ptnr2_label_asym_id 
_struct_conn.ptnr2_label_comp_id 
_struct_conn.ptnr2_label_seq_id 
_struct_conn.ptnr2_label_atom_id 
_struct_conn.pdbx_ptnr2_label_alt_id 
_struct_conn.pdbx_ptnr2_PDB_ins_code 
_struct_conn.ptnr1_auth_asym_id 
_struct_conn.ptnr1_auth_comp_id 
_struct_conn.ptnr1_auth_seq_id 
_struct_conn.ptnr2_auth_asym_id 
_struct_conn.ptnr2_auth_comp_id 
_struct_conn.ptnr2_auth_seq_id 
_struct_conn.ptnr2_symmetry 
_struct_conn.pdbx_ptnr3_label_atom_id 
_struct_conn.pdbx_ptnr3_label_seq_id 
_struct_conn.pdbx_ptnr3_label_comp_id 
_struct_conn.pdbx_ptnr3_label_asym_id 
_struct_conn.pdbx_ptnr3_label_alt_id 
_struct_conn.pdbx_ptnr3_PDB_ins_code 
_struct_conn.details 
_struct_conn.pdbx_dist_value 
_struct_conn.pdbx_value_order 
_struct_conn.pdbx_role 
covale1 covale both ? B GLU 14 C ? ? ? 1_555 B PTR 15 N ? ? B GLU 4 B PTR 5 1_555 ? ? ? ? ? ? ? 1.329 ? ? 
covale2 covale both ? B PTR 15 C ? ? ? 1_555 B LEU 16 N ? ? B PTR 5 B LEU 6 1_555 ? ? ? ? ? ? ? 1.326 ? ? 
# 
_struct_conn_type.id          covale 
_struct_conn_type.criteria    ? 
_struct_conn_type.reference   ? 
# 
_pdbx_modification_feature.ordinal                            1 
_pdbx_modification_feature.label_comp_id                      PTR 
_pdbx_modification_feature.label_asym_id                      B 
_pdbx_modification_feature.label_seq_id                       15 
_pdbx_modification_feature.label_alt_id                       ? 
_pdbx_modification_feature.modified_residue_label_comp_id     . 
_pdbx_modification_feature.modified_residue_label_asym_id     . 
_pdbx_modification_feature.modified_residue_label_seq_id      . 
_pdbx_modification_feature.modified_residue_label_alt_id      . 
_pdbx_modification_feature.auth_comp_id                       PTR 
_pdbx_modification_feature.auth_asym_id                       B 
_pdbx_modification_feature.auth_seq_id                        5 
_pdbx_modification_feature.PDB_ins_code                       ? 
_pdbx_modification_feature.symmetry                           1_555 
_pdbx_modification_feature.modified_residue_auth_comp_id      . 
_pdbx_modification_feature.modified_residue_auth_asym_id      . 
_pdbx_modification_feature.modified_residue_auth_seq_id       . 
_pdbx_modification_feature.modified_residue_PDB_ins_code      . 
_pdbx_modification_feature.modified_residue_symmetry          . 
_pdbx_modification_feature.comp_id_linking_atom               . 
_pdbx_modification_feature.modified_residue_id_linking_atom   . 
_pdbx_modification_feature.modified_residue_id                TYR 
_pdbx_modification_feature.ref_pcm_id                         1 
_pdbx_modification_feature.ref_comp_id                        PTR 
_pdbx_modification_feature.type                               Phosphorylation 
_pdbx_modification_feature.category                           'Named protein modification' 
# 
_struct_sheet.id               AA1 
_struct_sheet.type             ? 
_struct_sheet.number_strands   5 
_struct_sheet.details          ? 
# 
loop_
_struct_sheet_order.sheet_id 
_struct_sheet_order.range_id_1 
_struct_sheet_order.range_id_2 
_struct_sheet_order.offset 
_struct_sheet_order.sense 
AA1 1 2 ? anti-parallel 
AA1 2 3 ? anti-parallel 
AA1 3 4 ? anti-parallel 
AA1 4 5 ? parallel      
# 
loop_
_struct_sheet_range.sheet_id 
_struct_sheet_range.id 
_struct_sheet_range.beg_label_comp_id 
_struct_sheet_range.beg_label_asym_id 
_struct_sheet_range.beg_label_seq_id 
_struct_sheet_range.pdbx_beg_PDB_ins_code 
_struct_sheet_range.end_label_comp_id 
_struct_sheet_range.end_label_asym_id 
_struct_sheet_range.end_label_seq_id 
_struct_sheet_range.pdbx_end_PDB_ins_code 
_struct_sheet_range.beg_auth_comp_id 
_struct_sheet_range.beg_auth_asym_id 
_struct_sheet_range.beg_auth_seq_id 
_struct_sheet_range.end_auth_comp_id 
_struct_sheet_range.end_auth_asym_id 
_struct_sheet_range.end_auth_seq_id 
AA1 1 TYR A 63  ? ASP A 64  ? TYR A 63  ASP A 64  
AA1 2 ALA A 50  ? ASN A 58  ? ALA A 50  ASN A 58  
AA1 3 PHE A 41  ? ARG A 47  ? PHE A 41  ARG A 47  
AA1 4 SER A 28  ? PRO A 33  ? SER A 28  PRO A 33  
AA1 5 TYR A 100 ? PRO A 101 ? TYR A 100 PRO A 101 
# 
loop_
_pdbx_struct_sheet_hbond.sheet_id 
_pdbx_struct_sheet_hbond.range_id_1 
_pdbx_struct_sheet_hbond.range_id_2 
_pdbx_struct_sheet_hbond.range_1_label_atom_id 
_pdbx_struct_sheet_hbond.range_1_label_comp_id 
_pdbx_struct_sheet_hbond.range_1_label_asym_id 
_pdbx_struct_sheet_hbond.range_1_label_seq_id 
_pdbx_struct_sheet_hbond.range_1_PDB_ins_code 
_pdbx_struct_sheet_hbond.range_1_auth_atom_id 
_pdbx_struct_sheet_hbond.range_1_auth_comp_id 
_pdbx_struct_sheet_hbond.range_1_auth_asym_id 
_pdbx_struct_sheet_hbond.range_1_auth_seq_id 
_pdbx_struct_sheet_hbond.range_2_label_atom_id 
_pdbx_struct_sheet_hbond.range_2_label_comp_id 
_pdbx_struct_sheet_hbond.range_2_label_asym_id 
_pdbx_struct_sheet_hbond.range_2_label_seq_id 
_pdbx_struct_sheet_hbond.range_2_PDB_ins_code 
_pdbx_struct_sheet_hbond.range_2_auth_atom_id 
_pdbx_struct_sheet_hbond.range_2_auth_comp_id 
_pdbx_struct_sheet_hbond.range_2_auth_asym_id 
_pdbx_struct_sheet_hbond.range_2_auth_seq_id 
AA1 1 2 O ASP A 64 ? O ASP A 64 N GLN A 57  ? N GLN A 57  
AA1 2 3 O ALA A 50 ? O ALA A 50 N ARG A 47  ? N ARG A 47  
AA1 3 4 O THR A 42 ? O THR A 42 N ARG A 32  ? N ARG A 32  
AA1 4 5 N PHE A 29 ? N PHE A 29 O TYR A 100 ? O TYR A 100 
# 
_pdbx_entry_details.entry_id                   9QA5 
_pdbx_entry_details.nonpolymer_details         ? 
_pdbx_entry_details.sequence_details           ? 
_pdbx_entry_details.compound_details           ? 
_pdbx_entry_details.source_details             ? 
_pdbx_entry_details.has_ligand_of_interest     Y 
_pdbx_entry_details.has_protein_modification   Y 
# 
loop_
_pdbx_validate_torsion.id 
_pdbx_validate_torsion.PDB_model_num 
_pdbx_validate_torsion.auth_comp_id 
_pdbx_validate_torsion.auth_asym_id 
_pdbx_validate_torsion.auth_seq_id 
_pdbx_validate_torsion.PDB_ins_code 
_pdbx_validate_torsion.label_alt_id 
_pdbx_validate_torsion.phi 
_pdbx_validate_torsion.psi 
1 1 ASN A 37 ? ? -112.33 76.31 
2 1 LEU A 65 ? ? -103.88 42.58 
# 
_pdbx_struct_mod_residue.id               1 
_pdbx_struct_mod_residue.label_asym_id    B 
_pdbx_struct_mod_residue.label_comp_id    PTR 
_pdbx_struct_mod_residue.label_seq_id     15 
_pdbx_struct_mod_residue.auth_asym_id     B 
_pdbx_struct_mod_residue.auth_comp_id     PTR 
_pdbx_struct_mod_residue.auth_seq_id      5 
_pdbx_struct_mod_residue.PDB_ins_code     ? 
_pdbx_struct_mod_residue.parent_comp_id   TYR 
_pdbx_struct_mod_residue.details          'modified residue' 
# 
_pdbx_struct_special_symmetry.id              1 
_pdbx_struct_special_symmetry.PDB_model_num   1 
_pdbx_struct_special_symmetry.auth_asym_id    A 
_pdbx_struct_special_symmetry.auth_comp_id    HOH 
_pdbx_struct_special_symmetry.auth_seq_id     238 
_pdbx_struct_special_symmetry.PDB_ins_code    ? 
_pdbx_struct_special_symmetry.label_asym_id   C 
_pdbx_struct_special_symmetry.label_comp_id   HOH 
_pdbx_struct_special_symmetry.label_seq_id    . 
# 
loop_
_space_group_symop.id 
_space_group_symop.operation_xyz 
1 x,y,z               
2 -y+1/2,x+1/2,z+3/4  
3 y+1/2,-x+1/2,z+1/4  
4 x+1/2,-y+1/2,-z+1/4 
5 -x+1/2,y+1/2,-z+3/4 
6 -x,-y,z+1/2         
7 y,x,-z              
8 -y,-x,-z+1/2        
# 
loop_
_pdbx_unobs_or_zero_occ_residues.id 
_pdbx_unobs_or_zero_occ_residues.PDB_model_num 
_pdbx_unobs_or_zero_occ_residues.polymer_flag 
_pdbx_unobs_or_zero_occ_residues.occupancy_flag 
_pdbx_unobs_or_zero_occ_residues.auth_asym_id 
_pdbx_unobs_or_zero_occ_residues.auth_comp_id 
_pdbx_unobs_or_zero_occ_residues.auth_seq_id 
_pdbx_unobs_or_zero_occ_residues.PDB_ins_code 
_pdbx_unobs_or_zero_occ_residues.label_asym_id 
_pdbx_unobs_or_zero_occ_residues.label_comp_id 
_pdbx_unobs_or_zero_occ_residues.label_seq_id 
1  1 Y 1 A MET 1   ? A MET 1   
2  1 Y 1 A THR 2   ? A THR 2   
3  1 Y 1 A SER 3   ? A SER 3   
4  1 Y 1 A ARG 4   ? A ARG 4   
5  1 Y 1 A ARG 5   ? A ARG 5   
6  1 Y 1 A ALA 105 ? A ALA 105 
7  1 Y 1 A ASP 106 ? A ASP 106 
8  1 Y 1 B SER -9  ? B SER 1   
9  1 Y 1 B SER -8  ? B SER 2   
10 1 Y 1 B PRO -7  ? B PRO 3   
11 1 Y 1 B MET -6  ? B MET 4   
12 1 Y 1 B ILE -5  ? B ILE 5   
13 1 Y 1 B LYS -4  ? B LYS 6   
14 1 Y 1 B PRO -3  ? B PRO 7   
15 1 Y 1 B LYS -2  ? B LYS 8   
16 1 Y 1 B GLY -1  ? B GLY 9   
17 1 Y 1 B ASP 0   ? B ASP 10  
18 1 Y 1 B LYS 1   ? B LYS 11  
19 1 Y 1 B ASP 11  ? B ASP 21  
20 1 Y 1 B SER 12  ? B SER 22  
21 1 Y 1 B GLY 13  ? B GLY 23  
22 1 Y 1 B LYS 14  ? B LYS 24  
23 1 Y 1 B SER 15  ? B SER 25  
24 1 Y 1 B THR 16  ? B THR 26  
25 1 Y 1 B PRO 17  ? B PRO 27  
26 1 Y 1 B PRO 18  ? B PRO 28  
27 1 Y 1 B ARG 19  ? B ARG 29  
28 1 Y 1 B LYS 20  ? B LYS 30  
29 1 Y 1 B GLN 21  ? B GLN 31  
30 1 Y 1 B LYS 22  ? B LYS 32  
31 1 Y 1 B SER 23  ? B SER 33  
32 1 Y 1 B SER 24  ? B SER 34  
33 1 Y 1 B GLY 25  ? B GLY 35  
34 1 Y 1 B SER 26  ? B SER 36  
35 1 Y 1 B GLY 27  ? B GLY 37  
36 1 Y 1 B SER 28  ? B SER 38  
37 1 Y 1 B SER 29  ? B SER 39  
# 
loop_
_chem_comp_atom.comp_id 
_chem_comp_atom.atom_id 
_chem_comp_atom.type_symbol 
_chem_comp_atom.pdbx_aromatic_flag 
_chem_comp_atom.pdbx_stereo_config 
_chem_comp_atom.pdbx_ordinal 
ALA N    N N N 1   
ALA CA   C N S 2   
ALA C    C N N 3   
ALA O    O N N 4   
ALA CB   C N N 5   
ALA OXT  O N N 6   
ALA H    H N N 7   
ALA H2   H N N 8   
ALA HA   H N N 9   
ALA HB1  H N N 10  
ALA HB2  H N N 11  
ALA HB3  H N N 12  
ALA HXT  H N N 13  
ARG N    N N N 14  
ARG CA   C N S 15  
ARG C    C N N 16  
ARG O    O N N 17  
ARG CB   C N N 18  
ARG CG   C N N 19  
ARG CD   C N N 20  
ARG NE   N N N 21  
ARG CZ   C N N 22  
ARG NH1  N N N 23  
ARG NH2  N N N 24  
ARG OXT  O N N 25  
ARG H    H N N 26  
ARG H2   H N N 27  
ARG HA   H N N 28  
ARG HB2  H N N 29  
ARG HB3  H N N 30  
ARG HG2  H N N 31  
ARG HG3  H N N 32  
ARG HD2  H N N 33  
ARG HD3  H N N 34  
ARG HE   H N N 35  
ARG HH11 H N N 36  
ARG HH12 H N N 37  
ARG HH21 H N N 38  
ARG HH22 H N N 39  
ARG HXT  H N N 40  
ASN N    N N N 41  
ASN CA   C N S 42  
ASN C    C N N 43  
ASN O    O N N 44  
ASN CB   C N N 45  
ASN CG   C N N 46  
ASN OD1  O N N 47  
ASN ND2  N N N 48  
ASN OXT  O N N 49  
ASN H    H N N 50  
ASN H2   H N N 51  
ASN HA   H N N 52  
ASN HB2  H N N 53  
ASN HB3  H N N 54  
ASN HD21 H N N 55  
ASN HD22 H N N 56  
ASN HXT  H N N 57  
ASP N    N N N 58  
ASP CA   C N S 59  
ASP C    C N N 60  
ASP O    O N N 61  
ASP CB   C N N 62  
ASP CG   C N N 63  
ASP OD1  O N N 64  
ASP OD2  O N N 65  
ASP OXT  O N N 66  
ASP H    H N N 67  
ASP H2   H N N 68  
ASP HA   H N N 69  
ASP HB2  H N N 70  
ASP HB3  H N N 71  
ASP HD2  H N N 72  
ASP HXT  H N N 73  
CYS N    N N N 74  
CYS CA   C N R 75  
CYS C    C N N 76  
CYS O    O N N 77  
CYS CB   C N N 78  
CYS SG   S N N 79  
CYS OXT  O N N 80  
CYS H    H N N 81  
CYS H2   H N N 82  
CYS HA   H N N 83  
CYS HB2  H N N 84  
CYS HB3  H N N 85  
CYS HG   H N N 86  
CYS HXT  H N N 87  
GLN N    N N N 88  
GLN CA   C N S 89  
GLN C    C N N 90  
GLN O    O N N 91  
GLN CB   C N N 92  
GLN CG   C N N 93  
GLN CD   C N N 94  
GLN OE1  O N N 95  
GLN NE2  N N N 96  
GLN OXT  O N N 97  
GLN H    H N N 98  
GLN H2   H N N 99  
GLN HA   H N N 100 
GLN HB2  H N N 101 
GLN HB3  H N N 102 
GLN HG2  H N N 103 
GLN HG3  H N N 104 
GLN HE21 H N N 105 
GLN HE22 H N N 106 
GLN HXT  H N N 107 
GLU N    N N N 108 
GLU CA   C N S 109 
GLU C    C N N 110 
GLU O    O N N 111 
GLU CB   C N N 112 
GLU CG   C N N 113 
GLU CD   C N N 114 
GLU OE1  O N N 115 
GLU OE2  O N N 116 
GLU OXT  O N N 117 
GLU H    H N N 118 
GLU H2   H N N 119 
GLU HA   H N N 120 
GLU HB2  H N N 121 
GLU HB3  H N N 122 
GLU HG2  H N N 123 
GLU HG3  H N N 124 
GLU HE2  H N N 125 
GLU HXT  H N N 126 
GLY N    N N N 127 
GLY CA   C N N 128 
GLY C    C N N 129 
GLY O    O N N 130 
GLY OXT  O N N 131 
GLY H    H N N 132 
GLY H2   H N N 133 
GLY HA2  H N N 134 
GLY HA3  H N N 135 
GLY HXT  H N N 136 
HIS N    N N N 137 
HIS CA   C N S 138 
HIS C    C N N 139 
HIS O    O N N 140 
HIS CB   C N N 141 
HIS CG   C Y N 142 
HIS ND1  N Y N 143 
HIS CD2  C Y N 144 
HIS CE1  C Y N 145 
HIS NE2  N Y N 146 
HIS OXT  O N N 147 
HIS H    H N N 148 
HIS H2   H N N 149 
HIS HA   H N N 150 
HIS HB2  H N N 151 
HIS HB3  H N N 152 
HIS HD1  H N N 153 
HIS HD2  H N N 154 
HIS HE1  H N N 155 
HIS HE2  H N N 156 
HIS HXT  H N N 157 
HOH O    O N N 158 
HOH H1   H N N 159 
HOH H2   H N N 160 
ILE N    N N N 161 
ILE CA   C N S 162 
ILE C    C N N 163 
ILE O    O N N 164 
ILE CB   C N S 165 
ILE CG1  C N N 166 
ILE CG2  C N N 167 
ILE CD1  C N N 168 
ILE OXT  O N N 169 
ILE H    H N N 170 
ILE H2   H N N 171 
ILE HA   H N N 172 
ILE HB   H N N 173 
ILE HG12 H N N 174 
ILE HG13 H N N 175 
ILE HG21 H N N 176 
ILE HG22 H N N 177 
ILE HG23 H N N 178 
ILE HD11 H N N 179 
ILE HD12 H N N 180 
ILE HD13 H N N 181 
ILE HXT  H N N 182 
LEU N    N N N 183 
LEU CA   C N S 184 
LEU C    C N N 185 
LEU O    O N N 186 
LEU CB   C N N 187 
LEU CG   C N N 188 
LEU CD1  C N N 189 
LEU CD2  C N N 190 
LEU OXT  O N N 191 
LEU H    H N N 192 
LEU H2   H N N 193 
LEU HA   H N N 194 
LEU HB2  H N N 195 
LEU HB3  H N N 196 
LEU HG   H N N 197 
LEU HD11 H N N 198 
LEU HD12 H N N 199 
LEU HD13 H N N 200 
LEU HD21 H N N 201 
LEU HD22 H N N 202 
LEU HD23 H N N 203 
LEU HXT  H N N 204 
LYS N    N N N 205 
LYS CA   C N S 206 
LYS C    C N N 207 
LYS O    O N N 208 
LYS CB   C N N 209 
LYS CG   C N N 210 
LYS CD   C N N 211 
LYS CE   C N N 212 
LYS NZ   N N N 213 
LYS OXT  O N N 214 
LYS H    H N N 215 
LYS H2   H N N 216 
LYS HA   H N N 217 
LYS HB2  H N N 218 
LYS HB3  H N N 219 
LYS HG2  H N N 220 
LYS HG3  H N N 221 
LYS HD2  H N N 222 
LYS HD3  H N N 223 
LYS HE2  H N N 224 
LYS HE3  H N N 225 
LYS HZ1  H N N 226 
LYS HZ2  H N N 227 
LYS HZ3  H N N 228 
LYS HXT  H N N 229 
MET N    N N N 230 
MET CA   C N S 231 
MET C    C N N 232 
MET O    O N N 233 
MET CB   C N N 234 
MET CG   C N N 235 
MET SD   S N N 236 
MET CE   C N N 237 
MET OXT  O N N 238 
MET H    H N N 239 
MET H2   H N N 240 
MET HA   H N N 241 
MET HB2  H N N 242 
MET HB3  H N N 243 
MET HG2  H N N 244 
MET HG3  H N N 245 
MET HE1  H N N 246 
MET HE2  H N N 247 
MET HE3  H N N 248 
MET HXT  H N N 249 
PHE N    N N N 250 
PHE CA   C N S 251 
PHE C    C N N 252 
PHE O    O N N 253 
PHE CB   C N N 254 
PHE CG   C Y N 255 
PHE CD1  C Y N 256 
PHE CD2  C Y N 257 
PHE CE1  C Y N 258 
PHE CE2  C Y N 259 
PHE CZ   C Y N 260 
PHE OXT  O N N 261 
PHE H    H N N 262 
PHE H2   H N N 263 
PHE HA   H N N 264 
PHE HB2  H N N 265 
PHE HB3  H N N 266 
PHE HD1  H N N 267 
PHE HD2  H N N 268 
PHE HE1  H N N 269 
PHE HE2  H N N 270 
PHE HZ   H N N 271 
PHE HXT  H N N 272 
PRO N    N N N 273 
PRO CA   C N S 274 
PRO C    C N N 275 
PRO O    O N N 276 
PRO CB   C N N 277 
PRO CG   C N N 278 
PRO CD   C N N 279 
PRO OXT  O N N 280 
PRO H    H N N 281 
PRO HA   H N N 282 
PRO HB2  H N N 283 
PRO HB3  H N N 284 
PRO HG2  H N N 285 
PRO HG3  H N N 286 
PRO HD2  H N N 287 
PRO HD3  H N N 288 
PRO HXT  H N N 289 
PTR N    N N N 290 
PTR CA   C N S 291 
PTR C    C N N 292 
PTR O    O N N 293 
PTR OXT  O N N 294 
PTR CB   C N N 295 
PTR CG   C Y N 296 
PTR CD1  C Y N 297 
PTR CD2  C Y N 298 
PTR CE1  C Y N 299 
PTR CE2  C Y N 300 
PTR CZ   C Y N 301 
PTR OH   O N N 302 
PTR P    P N N 303 
PTR O1P  O N N 304 
PTR O2P  O N N 305 
PTR O3P  O N N 306 
PTR H    H N N 307 
PTR H2   H N N 308 
PTR HA   H N N 309 
PTR HXT  H N N 310 
PTR HB2  H N N 311 
PTR HB3  H N N 312 
PTR HD1  H N N 313 
PTR HD2  H N N 314 
PTR HE1  H N N 315 
PTR HE2  H N N 316 
PTR HO2P H N N 317 
PTR HO3P H N N 318 
SER N    N N N 319 
SER CA   C N S 320 
SER C    C N N 321 
SER O    O N N 322 
SER CB   C N N 323 
SER OG   O N N 324 
SER OXT  O N N 325 
SER H    H N N 326 
SER H2   H N N 327 
SER HA   H N N 328 
SER HB2  H N N 329 
SER HB3  H N N 330 
SER HG   H N N 331 
SER HXT  H N N 332 
THR N    N N N 333 
THR CA   C N S 334 
THR C    C N N 335 
THR O    O N N 336 
THR CB   C N R 337 
THR OG1  O N N 338 
THR CG2  C N N 339 
THR OXT  O N N 340 
THR H    H N N 341 
THR H2   H N N 342 
THR HA   H N N 343 
THR HB   H N N 344 
THR HG1  H N N 345 
THR HG21 H N N 346 
THR HG22 H N N 347 
THR HG23 H N N 348 
THR HXT  H N N 349 
TRP N    N N N 350 
TRP CA   C N S 351 
TRP C    C N N 352 
TRP O    O N N 353 
TRP CB   C N N 354 
TRP CG   C Y N 355 
TRP CD1  C Y N 356 
TRP CD2  C Y N 357 
TRP NE1  N Y N 358 
TRP CE2  C Y N 359 
TRP CE3  C Y N 360 
TRP CZ2  C Y N 361 
TRP CZ3  C Y N 362 
TRP CH2  C Y N 363 
TRP OXT  O N N 364 
TRP H    H N N 365 
TRP H2   H N N 366 
TRP HA   H N N 367 
TRP HB2  H N N 368 
TRP HB3  H N N 369 
TRP HD1  H N N 370 
TRP HE1  H N N 371 
TRP HE3  H N N 372 
TRP HZ2  H N N 373 
TRP HZ3  H N N 374 
TRP HH2  H N N 375 
TRP HXT  H N N 376 
TYR N    N N N 377 
TYR CA   C N S 378 
TYR C    C N N 379 
TYR O    O N N 380 
TYR CB   C N N 381 
TYR CG   C Y N 382 
TYR CD1  C Y N 383 
TYR CD2  C Y N 384 
TYR CE1  C Y N 385 
TYR CE2  C Y N 386 
TYR CZ   C Y N 387 
TYR OH   O N N 388 
TYR OXT  O N N 389 
TYR H    H N N 390 
TYR H2   H N N 391 
TYR HA   H N N 392 
TYR HB2  H N N 393 
TYR HB3  H N N 394 
TYR HD1  H N N 395 
TYR HD2  H N N 396 
TYR HE1  H N N 397 
TYR HE2  H N N 398 
TYR HH   H N N 399 
TYR HXT  H N N 400 
VAL N    N N N 401 
VAL CA   C N S 402 
VAL C    C N N 403 
VAL O    O N N 404 
VAL CB   C N N 405 
VAL CG1  C N N 406 
VAL CG2  C N N 407 
VAL OXT  O N N 408 
VAL H    H N N 409 
VAL H2   H N N 410 
VAL HA   H N N 411 
VAL HB   H N N 412 
VAL HG11 H N N 413 
VAL HG12 H N N 414 
VAL HG13 H N N 415 
VAL HG21 H N N 416 
VAL HG22 H N N 417 
VAL HG23 H N N 418 
VAL HXT  H N N 419 
# 
loop_
_chem_comp_bond.comp_id 
_chem_comp_bond.atom_id_1 
_chem_comp_bond.atom_id_2 
_chem_comp_bond.value_order 
_chem_comp_bond.pdbx_aromatic_flag 
_chem_comp_bond.pdbx_stereo_config 
_chem_comp_bond.pdbx_ordinal 
ALA N   CA   sing N N 1   
ALA N   H    sing N N 2   
ALA N   H2   sing N N 3   
ALA CA  C    sing N N 4   
ALA CA  CB   sing N N 5   
ALA CA  HA   sing N N 6   
ALA C   O    doub N N 7   
ALA C   OXT  sing N N 8   
ALA CB  HB1  sing N N 9   
ALA CB  HB2  sing N N 10  
ALA CB  HB3  sing N N 11  
ALA OXT HXT  sing N N 12  
ARG N   CA   sing N N 13  
ARG N   H    sing N N 14  
ARG N   H2   sing N N 15  
ARG CA  C    sing N N 16  
ARG CA  CB   sing N N 17  
ARG CA  HA   sing N N 18  
ARG C   O    doub N N 19  
ARG C   OXT  sing N N 20  
ARG CB  CG   sing N N 21  
ARG CB  HB2  sing N N 22  
ARG CB  HB3  sing N N 23  
ARG CG  CD   sing N N 24  
ARG CG  HG2  sing N N 25  
ARG CG  HG3  sing N N 26  
ARG CD  NE   sing N N 27  
ARG CD  HD2  sing N N 28  
ARG CD  HD3  sing N N 29  
ARG NE  CZ   sing N N 30  
ARG NE  HE   sing N N 31  
ARG CZ  NH1  sing N N 32  
ARG CZ  NH2  doub N N 33  
ARG NH1 HH11 sing N N 34  
ARG NH1 HH12 sing N N 35  
ARG NH2 HH21 sing N N 36  
ARG NH2 HH22 sing N N 37  
ARG OXT HXT  sing N N 38  
ASN N   CA   sing N N 39  
ASN N   H    sing N N 40  
ASN N   H2   sing N N 41  
ASN CA  C    sing N N 42  
ASN CA  CB   sing N N 43  
ASN CA  HA   sing N N 44  
ASN C   O    doub N N 45  
ASN C   OXT  sing N N 46  
ASN CB  CG   sing N N 47  
ASN CB  HB2  sing N N 48  
ASN CB  HB3  sing N N 49  
ASN CG  OD1  doub N N 50  
ASN CG  ND2  sing N N 51  
ASN ND2 HD21 sing N N 52  
ASN ND2 HD22 sing N N 53  
ASN OXT HXT  sing N N 54  
ASP N   CA   sing N N 55  
ASP N   H    sing N N 56  
ASP N   H2   sing N N 57  
ASP CA  C    sing N N 58  
ASP CA  CB   sing N N 59  
ASP CA  HA   sing N N 60  
ASP C   O    doub N N 61  
ASP C   OXT  sing N N 62  
ASP CB  CG   sing N N 63  
ASP CB  HB2  sing N N 64  
ASP CB  HB3  sing N N 65  
ASP CG  OD1  doub N N 66  
ASP CG  OD2  sing N N 67  
ASP OD2 HD2  sing N N 68  
ASP OXT HXT  sing N N 69  
CYS N   CA   sing N N 70  
CYS N   H    sing N N 71  
CYS N   H2   sing N N 72  
CYS CA  C    sing N N 73  
CYS CA  CB   sing N N 74  
CYS CA  HA   sing N N 75  
CYS C   O    doub N N 76  
CYS C   OXT  sing N N 77  
CYS CB  SG   sing N N 78  
CYS CB  HB2  sing N N 79  
CYS CB  HB3  sing N N 80  
CYS SG  HG   sing N N 81  
CYS OXT HXT  sing N N 82  
GLN N   CA   sing N N 83  
GLN N   H    sing N N 84  
GLN N   H2   sing N N 85  
GLN CA  C    sing N N 86  
GLN CA  CB   sing N N 87  
GLN CA  HA   sing N N 88  
GLN C   O    doub N N 89  
GLN C   OXT  sing N N 90  
GLN CB  CG   sing N N 91  
GLN CB  HB2  sing N N 92  
GLN CB  HB3  sing N N 93  
GLN CG  CD   sing N N 94  
GLN CG  HG2  sing N N 95  
GLN CG  HG3  sing N N 96  
GLN CD  OE1  doub N N 97  
GLN CD  NE2  sing N N 98  
GLN NE2 HE21 sing N N 99  
GLN NE2 HE22 sing N N 100 
GLN OXT HXT  sing N N 101 
GLU N   CA   sing N N 102 
GLU N   H    sing N N 103 
GLU N   H2   sing N N 104 
GLU CA  C    sing N N 105 
GLU CA  CB   sing N N 106 
GLU CA  HA   sing N N 107 
GLU C   O    doub N N 108 
GLU C   OXT  sing N N 109 
GLU CB  CG   sing N N 110 
GLU CB  HB2  sing N N 111 
GLU CB  HB3  sing N N 112 
GLU CG  CD   sing N N 113 
GLU CG  HG2  sing N N 114 
GLU CG  HG3  sing N N 115 
GLU CD  OE1  doub N N 116 
GLU CD  OE2  sing N N 117 
GLU OE2 HE2  sing N N 118 
GLU OXT HXT  sing N N 119 
GLY N   CA   sing N N 120 
GLY N   H    sing N N 121 
GLY N   H2   sing N N 122 
GLY CA  C    sing N N 123 
GLY CA  HA2  sing N N 124 
GLY CA  HA3  sing N N 125 
GLY C   O    doub N N 126 
GLY C   OXT  sing N N 127 
GLY OXT HXT  sing N N 128 
HIS N   CA   sing N N 129 
HIS N   H    sing N N 130 
HIS N   H2   sing N N 131 
HIS CA  C    sing N N 132 
HIS CA  CB   sing N N 133 
HIS CA  HA   sing N N 134 
HIS C   O    doub N N 135 
HIS C   OXT  sing N N 136 
HIS CB  CG   sing N N 137 
HIS CB  HB2  sing N N 138 
HIS CB  HB3  sing N N 139 
HIS CG  ND1  sing Y N 140 
HIS CG  CD2  doub Y N 141 
HIS ND1 CE1  doub Y N 142 
HIS ND1 HD1  sing N N 143 
HIS CD2 NE2  sing Y N 144 
HIS CD2 HD2  sing N N 145 
HIS CE1 NE2  sing Y N 146 
HIS CE1 HE1  sing N N 147 
HIS NE2 HE2  sing N N 148 
HIS OXT HXT  sing N N 149 
HOH O   H1   sing N N 150 
HOH O   H2   sing N N 151 
ILE N   CA   sing N N 152 
ILE N   H    sing N N 153 
ILE N   H2   sing N N 154 
ILE CA  C    sing N N 155 
ILE CA  CB   sing N N 156 
ILE CA  HA   sing N N 157 
ILE C   O    doub N N 158 
ILE C   OXT  sing N N 159 
ILE CB  CG1  sing N N 160 
ILE CB  CG2  sing N N 161 
ILE CB  HB   sing N N 162 
ILE CG1 CD1  sing N N 163 
ILE CG1 HG12 sing N N 164 
ILE CG1 HG13 sing N N 165 
ILE CG2 HG21 sing N N 166 
ILE CG2 HG22 sing N N 167 
ILE CG2 HG23 sing N N 168 
ILE CD1 HD11 sing N N 169 
ILE CD1 HD12 sing N N 170 
ILE CD1 HD13 sing N N 171 
ILE OXT HXT  sing N N 172 
LEU N   CA   sing N N 173 
LEU N   H    sing N N 174 
LEU N   H2   sing N N 175 
LEU CA  C    sing N N 176 
LEU CA  CB   sing N N 177 
LEU CA  HA   sing N N 178 
LEU C   O    doub N N 179 
LEU C   OXT  sing N N 180 
LEU CB  CG   sing N N 181 
LEU CB  HB2  sing N N 182 
LEU CB  HB3  sing N N 183 
LEU CG  CD1  sing N N 184 
LEU CG  CD2  sing N N 185 
LEU CG  HG   sing N N 186 
LEU CD1 HD11 sing N N 187 
LEU CD1 HD12 sing N N 188 
LEU CD1 HD13 sing N N 189 
LEU CD2 HD21 sing N N 190 
LEU CD2 HD22 sing N N 191 
LEU CD2 HD23 sing N N 192 
LEU OXT HXT  sing N N 193 
LYS N   CA   sing N N 194 
LYS N   H    sing N N 195 
LYS N   H2   sing N N 196 
LYS CA  C    sing N N 197 
LYS CA  CB   sing N N 198 
LYS CA  HA   sing N N 199 
LYS C   O    doub N N 200 
LYS C   OXT  sing N N 201 
LYS CB  CG   sing N N 202 
LYS CB  HB2  sing N N 203 
LYS CB  HB3  sing N N 204 
LYS CG  CD   sing N N 205 
LYS CG  HG2  sing N N 206 
LYS CG  HG3  sing N N 207 
LYS CD  CE   sing N N 208 
LYS CD  HD2  sing N N 209 
LYS CD  HD3  sing N N 210 
LYS CE  NZ   sing N N 211 
LYS CE  HE2  sing N N 212 
LYS CE  HE3  sing N N 213 
LYS NZ  HZ1  sing N N 214 
LYS NZ  HZ2  sing N N 215 
LYS NZ  HZ3  sing N N 216 
LYS OXT HXT  sing N N 217 
MET N   CA   sing N N 218 
MET N   H    sing N N 219 
MET N   H2   sing N N 220 
MET CA  C    sing N N 221 
MET CA  CB   sing N N 222 
MET CA  HA   sing N N 223 
MET C   O    doub N N 224 
MET C   OXT  sing N N 225 
MET CB  CG   sing N N 226 
MET CB  HB2  sing N N 227 
MET CB  HB3  sing N N 228 
MET CG  SD   sing N N 229 
MET CG  HG2  sing N N 230 
MET CG  HG3  sing N N 231 
MET SD  CE   sing N N 232 
MET CE  HE1  sing N N 233 
MET CE  HE2  sing N N 234 
MET CE  HE3  sing N N 235 
MET OXT HXT  sing N N 236 
PHE N   CA   sing N N 237 
PHE N   H    sing N N 238 
PHE N   H2   sing N N 239 
PHE CA  C    sing N N 240 
PHE CA  CB   sing N N 241 
PHE CA  HA   sing N N 242 
PHE C   O    doub N N 243 
PHE C   OXT  sing N N 244 
PHE CB  CG   sing N N 245 
PHE CB  HB2  sing N N 246 
PHE CB  HB3  sing N N 247 
PHE CG  CD1  doub Y N 248 
PHE CG  CD2  sing Y N 249 
PHE CD1 CE1  sing Y N 250 
PHE CD1 HD1  sing N N 251 
PHE CD2 CE2  doub Y N 252 
PHE CD2 HD2  sing N N 253 
PHE CE1 CZ   doub Y N 254 
PHE CE1 HE1  sing N N 255 
PHE CE2 CZ   sing Y N 256 
PHE CE2 HE2  sing N N 257 
PHE CZ  HZ   sing N N 258 
PHE OXT HXT  sing N N 259 
PRO N   CA   sing N N 260 
PRO N   CD   sing N N 261 
PRO N   H    sing N N 262 
PRO CA  C    sing N N 263 
PRO CA  CB   sing N N 264 
PRO CA  HA   sing N N 265 
PRO C   O    doub N N 266 
PRO C   OXT  sing N N 267 
PRO CB  CG   sing N N 268 
PRO CB  HB2  sing N N 269 
PRO CB  HB3  sing N N 270 
PRO CG  CD   sing N N 271 
PRO CG  HG2  sing N N 272 
PRO CG  HG3  sing N N 273 
PRO CD  HD2  sing N N 274 
PRO CD  HD3  sing N N 275 
PRO OXT HXT  sing N N 276 
PTR N   CA   sing N N 277 
PTR N   H    sing N N 278 
PTR N   H2   sing N N 279 
PTR CA  C    sing N N 280 
PTR CA  CB   sing N N 281 
PTR CA  HA   sing N N 282 
PTR C   O    doub N N 283 
PTR C   OXT  sing N N 284 
PTR OXT HXT  sing N N 285 
PTR CB  CG   sing N N 286 
PTR CB  HB2  sing N N 287 
PTR CB  HB3  sing N N 288 
PTR CG  CD1  doub Y N 289 
PTR CG  CD2  sing Y N 290 
PTR CD1 CE1  sing Y N 291 
PTR CD1 HD1  sing N N 292 
PTR CD2 CE2  doub Y N 293 
PTR CD2 HD2  sing N N 294 
PTR CE1 CZ   doub Y N 295 
PTR CE1 HE1  sing N N 296 
PTR CE2 CZ   sing Y N 297 
PTR CE2 HE2  sing N N 298 
PTR CZ  OH   sing N N 299 
PTR OH  P    sing N N 300 
PTR P   O1P  doub N N 301 
PTR P   O2P  sing N N 302 
PTR P   O3P  sing N N 303 
PTR O2P HO2P sing N N 304 
PTR O3P HO3P sing N N 305 
SER N   CA   sing N N 306 
SER N   H    sing N N 307 
SER N   H2   sing N N 308 
SER CA  C    sing N N 309 
SER CA  CB   sing N N 310 
SER CA  HA   sing N N 311 
SER C   O    doub N N 312 
SER C   OXT  sing N N 313 
SER CB  OG   sing N N 314 
SER CB  HB2  sing N N 315 
SER CB  HB3  sing N N 316 
SER OG  HG   sing N N 317 
SER OXT HXT  sing N N 318 
THR N   CA   sing N N 319 
THR N   H    sing N N 320 
THR N   H2   sing N N 321 
THR CA  C    sing N N 322 
THR CA  CB   sing N N 323 
THR CA  HA   sing N N 324 
THR C   O    doub N N 325 
THR C   OXT  sing N N 326 
THR CB  OG1  sing N N 327 
THR CB  CG2  sing N N 328 
THR CB  HB   sing N N 329 
THR OG1 HG1  sing N N 330 
THR CG2 HG21 sing N N 331 
THR CG2 HG22 sing N N 332 
THR CG2 HG23 sing N N 333 
THR OXT HXT  sing N N 334 
TRP N   CA   sing N N 335 
TRP N   H    sing N N 336 
TRP N   H2   sing N N 337 
TRP CA  C    sing N N 338 
TRP CA  CB   sing N N 339 
TRP CA  HA   sing N N 340 
TRP C   O    doub N N 341 
TRP C   OXT  sing N N 342 
TRP CB  CG   sing N N 343 
TRP CB  HB2  sing N N 344 
TRP CB  HB3  sing N N 345 
TRP CG  CD1  doub Y N 346 
TRP CG  CD2  sing Y N 347 
TRP CD1 NE1  sing Y N 348 
TRP CD1 HD1  sing N N 349 
TRP CD2 CE2  doub Y N 350 
TRP CD2 CE3  sing Y N 351 
TRP NE1 CE2  sing Y N 352 
TRP NE1 HE1  sing N N 353 
TRP CE2 CZ2  sing Y N 354 
TRP CE3 CZ3  doub Y N 355 
TRP CE3 HE3  sing N N 356 
TRP CZ2 CH2  doub Y N 357 
TRP CZ2 HZ2  sing N N 358 
TRP CZ3 CH2  sing Y N 359 
TRP CZ3 HZ3  sing N N 360 
TRP CH2 HH2  sing N N 361 
TRP OXT HXT  sing N N 362 
TYR N   CA   sing N N 363 
TYR N   H    sing N N 364 
TYR N   H2   sing N N 365 
TYR CA  C    sing N N 366 
TYR CA  CB   sing N N 367 
TYR CA  HA   sing N N 368 
TYR C   O    doub N N 369 
TYR C   OXT  sing N N 370 
TYR CB  CG   sing N N 371 
TYR CB  HB2  sing N N 372 
TYR CB  HB3  sing N N 373 
TYR CG  CD1  doub Y N 374 
TYR CG  CD2  sing Y N 375 
TYR CD1 CE1  sing Y N 376 
TYR CD1 HD1  sing N N 377 
TYR CD2 CE2  doub Y N 378 
TYR CD2 HD2  sing N N 379 
TYR CE1 CZ   doub Y N 380 
TYR CE1 HE1  sing N N 381 
TYR CE2 CZ   sing Y N 382 
TYR CE2 HE2  sing N N 383 
TYR CZ  OH   sing N N 384 
TYR OH  HH   sing N N 385 
TYR OXT HXT  sing N N 386 
VAL N   CA   sing N N 387 
VAL N   H    sing N N 388 
VAL N   H2   sing N N 389 
VAL CA  C    sing N N 390 
VAL CA  CB   sing N N 391 
VAL CA  HA   sing N N 392 
VAL C   O    doub N N 393 
VAL C   OXT  sing N N 394 
VAL CB  CG1  sing N N 395 
VAL CB  CG2  sing N N 396 
VAL CB  HB   sing N N 397 
VAL CG1 HG11 sing N N 398 
VAL CG1 HG12 sing N N 399 
VAL CG1 HG13 sing N N 400 
VAL CG2 HG21 sing N N 401 
VAL CG2 HG22 sing N N 402 
VAL CG2 HG23 sing N N 403 
VAL OXT HXT  sing N N 404 
# 
_pdbx_audit_support.funding_organization   'German Research Foundation (DFG)' 
_pdbx_audit_support.country                Germany 
_pdbx_audit_support.grant_number           ? 
_pdbx_audit_support.ordinal                1 
# 
_pdbx_initial_refinement_model.id               1 
_pdbx_initial_refinement_model.entity_id_list   ? 
_pdbx_initial_refinement_model.type             'experimental model' 
_pdbx_initial_refinement_model.source_name      PDB 
_pdbx_initial_refinement_model.accession_code   4qsy 
_pdbx_initial_refinement_model.details          ? 
# 
_space_group.name_H-M_alt     'P 43 21 2' 
_space_group.name_Hall        'P 4nw 2abw' 
_space_group.IT_number        96 
_space_group.crystal_system   tetragonal 
_space_group.id               1 
# 
_atom_sites.entry_id                    9QA5 
_atom_sites.Cartn_transf_matrix[1][1]   ? 
_atom_sites.Cartn_transf_matrix[1][2]   ? 
_atom_sites.Cartn_transf_matrix[1][3]   ? 
_atom_sites.Cartn_transf_matrix[2][1]   ? 
_atom_sites.Cartn_transf_matrix[2][2]   ? 
_atom_sites.Cartn_transf_matrix[2][3]   ? 
_atom_sites.Cartn_transf_matrix[3][1]   ? 
_atom_sites.Cartn_transf_matrix[3][2]   ? 
_atom_sites.Cartn_transf_matrix[3][3]   ? 
_atom_sites.Cartn_transf_vector[1]      ? 
_atom_sites.Cartn_transf_vector[2]      ? 
_atom_sites.Cartn_transf_vector[3]      ? 
_atom_sites.Cartn_transform_axes        ? 
_atom_sites.fract_transf_matrix[1][1]   0.01363048 
_atom_sites.fract_transf_matrix[1][2]   -0.00893192 
_atom_sites.fract_transf_matrix[1][3]   0.00226537 
_atom_sites.fract_transf_matrix[2][1]   -0.00821993 
_atom_sites.fract_transf_matrix[2][2]   -0.01361388 
_atom_sites.fract_transf_matrix[2][3]   -0.00421854 
_atom_sites.fract_transf_matrix[3][1]   0.00362394 
_atom_sites.fract_transf_matrix[3][2]   0.00205629 
_atom_sites.fract_transf_matrix[3][3]   -0.01369727 
_atom_sites.fract_transf_vector[1]      -0.223664 
_atom_sites.fract_transf_vector[2]      0.313718 
_atom_sites.fract_transf_vector[3]      -0.026483 
_atom_sites.solution_primary            ? 
_atom_sites.solution_secondary          ? 
_atom_sites.solution_hydrogens          ? 
_atom_sites.special_details             ? 
# 
loop_
_atom_type.symbol 
_atom_type.scat_dispersion_real 
_atom_type.scat_dispersion_imag 
_atom_type.scat_Cromer_Mann_a1 
_atom_type.scat_Cromer_Mann_a2 
_atom_type.scat_Cromer_Mann_a3 
_atom_type.scat_Cromer_Mann_a4 
_atom_type.scat_Cromer_Mann_b1 
_atom_type.scat_Cromer_Mann_b2 
_atom_type.scat_Cromer_Mann_b3 
_atom_type.scat_Cromer_Mann_b4 
_atom_type.scat_Cromer_Mann_c 
_atom_type.scat_source 
_atom_type.scat_dispersion_source 
C ? ? 3.54356 2.42580 ? ? 25.62398 1.50364  ? ? 0.0 
;2-Gaussian fit: Grosse-Kunstleve RW, Sauter NK, Adams PD: Newsletter of the IUCr Commission on Crystallographic Computing 2004, 3, 22-31.
;
? 
N ? ? 4.01032 2.96436 ? ? 19.97189 1.75589  ? ? 0.0 
;2-Gaussian fit: Grosse-Kunstleve RW, Sauter NK, Adams PD: Newsletter of the IUCr Commission on Crystallographic Computing 2004, 3, 22-31.
;
? 
O ? ? 4.49882 3.47563 ? ? 15.80542 1.70748  ? ? 0.0 
;2-Gaussian fit: Grosse-Kunstleve RW, Sauter NK, Adams PD: Newsletter of the IUCr Commission on Crystallographic Computing 2004, 3, 22-31.
;
? 
P ? ? 9.51135 5.44231 ? ? 1.42069  35.72801 ? ? 0.0 
;2-Gaussian fit: Grosse-Kunstleve RW, Sauter NK, Adams PD: Newsletter of the IUCr Commission on Crystallographic Computing 2004, 3, 22-31.
;
? 
S ? ? 9.55732 6.39887 ? ? 1.23737  29.19336 ? ? 0.0 
;2-Gaussian fit: Grosse-Kunstleve RW, Sauter NK, Adams PD: Newsletter of the IUCr Commission on Crystallographic Computing 2004, 3, 22-31.
;
? 
# 
loop_
_atom_site.group_PDB 
_atom_site.id 
_atom_site.type_symbol 
_atom_site.label_atom_id 
_atom_site.label_alt_id 
_atom_site.label_comp_id 
_atom_site.label_asym_id 
_atom_site.label_entity_id 
_atom_site.label_seq_id 
_atom_site.pdbx_PDB_ins_code 
_atom_site.Cartn_x 
_atom_site.Cartn_y 
_atom_site.Cartn_z 
_atom_site.occupancy 
_atom_site.B_iso_or_equiv 
_atom_site.pdbx_formal_charge 
_atom_site.auth_seq_id 
_atom_site.auth_comp_id 
_atom_site.auth_asym_id 
_atom_site.auth_atom_id 
_atom_site.pdbx_PDB_model_num 
ATOM   1   N N   . TRP A 1 6   ? -0.33581  -10.72028 4.12944   1.000 32.09924 ? 6   TRP A N   1 
ATOM   2   C CA  . TRP A 1 6   ? -0.30096  -9.66851  3.11027   1.000 27.97911 ? 6   TRP A CA  1 
ATOM   3   C C   . TRP A 1 6   ? 1.11165   -9.14776  2.80078   1.000 29.93920 ? 6   TRP A C   1 
ATOM   4   O O   . TRP A 1 6   ? 1.28827   -8.31505  1.89972   1.000 25.07482 ? 6   TRP A O   1 
ATOM   5   C CB  . TRP A 1 6   ? -1.19517  -8.49783  3.53865   1.000 29.43604 ? 6   TRP A CB  1 
ATOM   6   C CG  . TRP A 1 6   ? -1.05500  -8.16135  4.99545   1.000 33.94117 ? 6   TRP A CG  1 
ATOM   7   C CD1 . TRP A 1 6   ? -1.90732  -8.50435  6.00202   1.000 44.66790 ? 6   TRP A CD1 1 
ATOM   8   C CD2 . TRP A 1 6   ? 0.01683   -7.43373  5.60818   1.000 33.65637 ? 6   TRP A CD2 1 
ATOM   9   N NE1 . TRP A 1 6   ? -1.43784  -8.03262  7.20533   1.000 39.01810 ? 6   TRP A NE1 1 
ATOM   10  C CE2 . TRP A 1 6   ? -0.25535  -7.37448  6.99106   1.000 34.66683 ? 6   TRP A CE2 1 
ATOM   11  C CE3 . TRP A 1 6   ? 1.17886   -6.82659  5.12090   1.000 29.33663 ? 6   TRP A CE3 1 
ATOM   12  C CZ2 . TRP A 1 6   ? 0.58993   -6.73488  7.89308   1.000 28.95307 ? 6   TRP A CZ2 1 
ATOM   13  C CZ3 . TRP A 1 6   ? 2.01861   -6.18037  6.02408   1.000 29.61934 ? 6   TRP A CZ3 1 
ATOM   14  C CH2 . TRP A 1 6   ? 1.71453   -6.14154  7.39404   1.000 26.62662 ? 6   TRP A CH2 1 
ATOM   15  N N   . PHE A 1 7   ? 2.12804   -9.61196  3.52945   1.000 26.55190 ? 7   PHE A N   1 
ATOM   16  C CA  . PHE A 1 7   ? 3.48920   -9.16855  3.25915   1.000 29.98935 ? 7   PHE A CA  1 
ATOM   17  C C   . PHE A 1 7   ? 4.17890   -10.14735 2.31314   1.000 27.68045 ? 7   PHE A C   1 
ATOM   18  O O   . PHE A 1 7   ? 4.21958   -11.34543 2.57974   1.000 30.75998 ? 7   PHE A O   1 
ATOM   19  C CB  . PHE A 1 7   ? 4.28722   -9.02751  4.55488   1.000 31.32448 ? 7   PHE A CB  1 
ATOM   20  C CG  . PHE A 1 7   ? 5.70821   -8.57230  4.34110   1.000 29.66031 ? 7   PHE A CG  1 
ATOM   21  C CD1 . PHE A 1 7   ? 5.97984   -7.31747  3.81725   1.000 29.02380 ? 7   PHE A CD1 1 
ATOM   22  C CD2 . PHE A 1 7   ? 6.77307   -9.39360  4.66286   1.000 31.43968 ? 7   PHE A CD2 1 
ATOM   23  C CE1 . PHE A 1 7   ? 7.28254   -6.89925  3.60116   1.000 30.49875 ? 7   PHE A CE1 1 
ATOM   24  C CE2 . PHE A 1 7   ? 8.08421   -8.97421  4.45944   1.000 24.63679 ? 7   PHE A CE2 1 
ATOM   25  C CZ  . PHE A 1 7   ? 8.34059   -7.73071  3.93251   1.000 26.60890 ? 7   PHE A CZ  1 
ATOM   26  N N   . HIS A 1 8   ? 4.71535   -9.63182  1.20799   1.000 27.40527 ? 8   HIS A N   1 
ATOM   27  C CA  . HIS A 1 8   ? 5.38412   -10.43203 0.18240   1.000 27.96217 ? 8   HIS A CA  1 
ATOM   28  C C   . HIS A 1 8   ? 6.85765   -10.04141 0.15354   1.000 30.86501 ? 8   HIS A C   1 
ATOM   29  O O   . HIS A 1 8   ? 7.23582   -9.07744  -0.52659  1.000 32.69603 ? 8   HIS A O   1 
ATOM   30  C CB  . HIS A 1 8   ? 4.73850   -10.20871 -1.18398  1.000 30.78395 ? 8   HIS A CB  1 
ATOM   31  C CG  . HIS A 1 8   ? 3.34330   -10.73967 -1.29185  1.000 29.91045 ? 8   HIS A CG  1 
ATOM   32  N ND1 . HIS A 1 8   ? 3.00369   -11.75980 -2.15579  1.000 37.44477 ? 8   HIS A ND1 1 
ATOM   33  C CD2 . HIS A 1 8   ? 2.20200   -10.39535 -0.64881  1.000 28.48365 ? 8   HIS A CD2 1 
ATOM   34  C CE1 . HIS A 1 8   ? 1.71356   -12.02465 -2.03651  1.000 31.30517 ? 8   HIS A CE1 1 
ATOM   35  N NE2 . HIS A 1 8   ? 1.20378   -11.21046 -1.13012  1.000 28.55150 ? 8   HIS A NE2 1 
ATOM   36  N N   . PRO A 1 9   ? 7.73040   -10.76720 0.85619   1.000 33.03980 ? 9   PRO A N   1 
ATOM   37  C CA  . PRO A 1 9   ? 9.09025   -10.24763 1.07855   1.000 33.54483 ? 9   PRO A CA  1 
ATOM   38  C C   . PRO A 1 9   ? 9.95584   -10.17436 -0.16558  1.000 41.25780 ? 9   PRO A C   1 
ATOM   39  O O   . PRO A 1 9   ? 10.95511  -9.44586  -0.14763  1.000 41.99801 ? 9   PRO A O   1 
ATOM   40  C CB  . PRO A 1 9   ? 9.67753   -11.23315 2.09469   1.000 32.61181 ? 9   PRO A CB  1 
ATOM   41  C CG  . PRO A 1 9   ? 8.98706   -12.50015 1.80166   1.000 34.42466 ? 9   PRO A CG  1 
ATOM   42  C CD  . PRO A 1 9   ? 7.55752   -12.09905 1.44940   1.000 32.97730 ? 9   PRO A CD  1 
ATOM   43  N N   . ASN A 1 10  ? 9.63383   -10.88254 -1.24448  1.000 41.00368 ? 10  ASN A N   1 
ATOM   44  C CA  . ASN A 1 10  ? 10.64571  -11.06520 -2.28235  1.000 43.44397 ? 10  ASN A CA  1 
ATOM   45  C C   . ASN A 1 10  ? 10.16812  -10.63143 -3.66047  1.000 35.53541 ? 10  ASN A C   1 
ATOM   46  O O   . ASN A 1 10  ? 10.55168  -11.22828 -4.66543  1.000 43.95283 ? 10  ASN A O   1 
ATOM   47  C CB  . ASN A 1 10  ? 11.10095  -12.52058 -2.32520  1.000 44.51803 ? 10  ASN A CB  1 
ATOM   48  C CG  . ASN A 1 10  ? 11.87279  -12.92544 -1.08489  1.000 49.96778 ? 10  ASN A CG  1 
ATOM   49  O OD1 . ASN A 1 10  ? 12.78092  -12.21952 -0.64288  1.000 47.23366 ? 10  ASN A OD1 1 
ATOM   50  N ND2 . ASN A 1 10  ? 11.51573  -14.06932 -0.51797  1.000 47.05199 ? 10  ASN A ND2 1 
ATOM   51  N N   . ILE A 1 11  ? 9.35910   -9.57309  -3.75998  1.000 39.32953 ? 11  ILE A N   1 
ATOM   52  C CA  . ILE A 1 11  ? 8.78756   -9.18834  -5.04636  1.000 32.73647 ? 11  ILE A CA  1 
ATOM   53  C C   . ILE A 1 11  ? 9.02089   -7.70941  -5.31589  1.000 35.50723 ? 11  ILE A C   1 
ATOM   54  O O   . ILE A 1 11  ? 9.16108   -6.89477  -4.39716  1.000 34.71687 ? 11  ILE A O   1 
ATOM   55  C CB  . ILE A 1 11  ? 7.27567   -9.50074  -5.14284  1.000 31.69174 ? 11  ILE A CB  1 
ATOM   56  C CG1 . ILE A 1 11  ? 6.48110   -8.65586  -4.14412  1.000 28.31411 ? 11  ILE A CG1 1 
ATOM   57  C CG2 . ILE A 1 11  ? 7.01178   -10.98242 -4.93837  1.000 43.25024 ? 11  ILE A CG2 1 
ATOM   58  C CD1 . ILE A 1 11  ? 4.97421   -8.69692  -4.39873  1.000 30.31690 ? 11  ILE A CD1 1 
ATOM   59  N N   . THR A 1 12  ? 9.01443   -7.36140  -6.59970  1.000 31.24163 ? 12  THR A N   1 
ATOM   60  C CA  . THR A 1 12  ? 9.20779   -5.99233  -7.04778  1.000 33.16800 ? 12  THR A CA  1 
ATOM   61  C C   . THR A 1 12  ? 7.85298   -5.32307  -7.26582  1.000 36.61645 ? 12  THR A C   1 
ATOM   62  O O   . THR A 1 12  ? 6.79650   -5.95739  -7.16911  1.000 31.48921 ? 12  THR A O   1 
ATOM   63  C CB  . THR A 1 12  ? 10.01244  -5.97136  -8.34281  1.000 36.23214 ? 12  THR A CB  1 
ATOM   64  O OG1 . THR A 1 12  ? 9.23830   -6.60198  -9.36601  1.000 35.63755 ? 12  THR A OG1 1 
ATOM   65  C CG2 . THR A 1 12  ? 11.31843  -6.74580  -8.18864  1.000 40.82839 ? 12  THR A CG2 1 
ATOM   66  N N   . GLY A 1 13  ? 7.88356   -4.02856  -7.60386  1.000 30.28825 ? 13  GLY A N   1 
ATOM   67  C CA  . GLY A 1 13  ? 6.64097   -3.31735  -7.85447  1.000 32.54318 ? 13  GLY A CA  1 
ATOM   68  C C   . GLY A 1 13  ? 5.87236   -3.89021  -9.03098  1.000 38.96334 ? 13  GLY A C   1 
ATOM   69  O O   . GLY A 1 13  ? 4.64365   -4.02662  -8.98304  1.000 28.31764 ? 13  GLY A O   1 
ATOM   70  N N   . VAL A 1 14  ? 6.58665   -4.25199  -10.09679 1.000 30.86860 ? 14  VAL A N   1 
ATOM   71  C CA  . VAL A 1 14  ? 5.91350   -4.77163  -11.27787 1.000 29.88940 ? 14  VAL A CA  1 
ATOM   72  C C   . VAL A 1 14  ? 5.36285   -6.15726  -10.99764 1.000 32.19125 ? 14  VAL A C   1 
ATOM   73  O O   . VAL A 1 14  ? 4.22447   -6.46534  -11.36344 1.000 33.64365 ? 14  VAL A O   1 
ATOM   74  C CB  . VAL A 1 14  ? 6.86833   -4.75067  -12.48704 1.000 42.07610 ? 14  VAL A CB  1 
ATOM   75  C CG1 . VAL A 1 14  ? 6.34636   -5.62416  -13.61660 1.000 38.09225 ? 14  VAL A CG1 1 
ATOM   76  C CG2 . VAL A 1 14  ? 7.03578   -3.31176  -12.97071 1.000 39.60480 ? 14  VAL A CG2 1 
ATOM   77  N N   . GLU A 1 15  ? 6.14758   -7.00719  -10.32421 1.000 32.22363 ? 15  GLU A N   1 
ATOM   78  C CA  . GLU A 1 15  ? 5.64134   -8.31660  -9.92296  1.000 32.59702 ? 15  GLU A CA  1 
ATOM   79  C C   . GLU A 1 15  ? 4.41637   -8.18015  -9.03371  1.000 33.73725 ? 15  GLU A C   1 
ATOM   80  O O   . GLU A 1 15  ? 3.46170   -8.96223  -9.14581  1.000 34.17212 ? 15  GLU A O   1 
ATOM   81  C CB  . GLU A 1 15  ? 6.73317   -9.10074  -9.20257  1.000 32.06976 ? 15  GLU A CB  1 
ATOM   82  C CG  . GLU A 1 15  ? 7.90742   -9.43468  -10.10219 1.000 39.38340 ? 15  GLU A CG  1 
ATOM   83  C CD  . GLU A 1 15  ? 9.06086   -10.05129 -9.34641  1.000 44.28760 ? 15  GLU A CD  1 
ATOM   84  O OE1 . GLU A 1 15  ? 9.25739   -9.68609  -8.16776  1.000 43.67161 ? 15  GLU A OE1 1 
ATOM   85  O OE2 . GLU A 1 15  ? 9.76665   -10.90628 -9.92296  1.000 52.75707 ? 15  GLU A OE2 1 
ATOM   86  N N   . ALA A 1 16  ? 4.43678   -7.20773  -8.12447  1.000 26.97585 ? 16  ALA A N   1 
ATOM   87  C CA  . ALA A 1 16  ? 3.26021   -6.94429  -7.30924  1.000 27.87405 ? 16  ALA A CA  1 
ATOM   88  C C   . ALA A 1 16  ? 2.06090   -6.60462  -8.18150  1.000 29.67743 ? 16  ALA A C   1 
ATOM   89  O O   . ALA A 1 16  ? 0.94874   -7.08475  -7.93890  1.000 24.49662 ? 16  ALA A O   1 
ATOM   90  C CB  . ALA A 1 16  ? 3.54843   -5.81692  -6.32677  1.000 23.65841 ? 16  ALA A CB  1 
ATOM   91  N N   . GLU A 1 17  ? 2.26809   -5.78689  -9.21333  1.000 28.07076 ? 17  GLU A N   1 
ATOM   92  C CA  . GLU A 1 17  ? 1.16763   -5.43019  -10.09507 1.000 28.07313 ? 17  GLU A CA  1 
ATOM   93  C C   . GLU A 1 17  ? 0.56596   -6.67023  -10.73443 1.000 26.51534 ? 17  GLU A C   1 
ATOM   94  O O   . GLU A 1 17  ? -0.65035  -6.87851  -10.69342 1.000 28.65075 ? 17  GLU A O   1 
ATOM   95  C CB  . GLU A 1 17  ? 1.64751   -4.45998  -11.16756 1.000 30.15269 ? 17  GLU A CB  1 
ATOM   96  C CG  . GLU A 1 17  ? 2.06794   -3.11150  -10.61539 1.000 34.41761 ? 17  GLU A CG  1 
ATOM   97  C CD  . GLU A 1 17  ? 2.37323   -2.11545  -11.70924 1.000 39.47843 ? 17  GLU A CD  1 
ATOM   98  O OE1 . GLU A 1 17  ? 2.72752   -2.55741  -12.82541 1.000 39.77552 ? 17  GLU A OE1 1 
ATOM   99  O OE2 . GLU A 1 17  ? 2.25697   -0.89845  -11.45047 1.000 35.12981 ? 17  GLU A OE2 1 
ATOM   100 N N   . ASN A 1 18  ? 1.41155   -7.52435  -11.29887 1.000 27.29638 ? 18  ASN A N   1 
ATOM   101 C CA  . ASN A 1 18  ? 0.90612   -8.67987  -12.02386 1.000 28.25500 ? 18  ASN A CA  1 
ATOM   102 C C   . ASN A 1 18  ? 0.25520   -9.67880  -11.08171 1.000 29.51206 ? 18  ASN A C   1 
ATOM   103 O O   . ASN A 1 18  ? -0.75607  -10.31017 -11.42962 1.000 28.19300 ? 18  ASN A O   1 
ATOM   104 C CB  . ASN A 1 18  ? 2.04454   -9.31058  -12.81558 1.000 32.47204 ? 18  ASN A CB  1 
ATOM   105 C CG  . ASN A 1 18  ? 2.60032   -8.36444  -13.87472 1.000 37.05819 ? 18  ASN A CG  1 
ATOM   106 O OD1 . ASN A 1 18  ? 1.92053   -7.42350  -14.32118 1.000 36.56714 ? 18  ASN A OD1 1 
ATOM   107 N ND2 . ASN A 1 18  ? 3.83037   -8.61505  -14.29039 1.000 40.19605 ? 18  ASN A ND2 1 
ATOM   108 N N   . LEU A 1 19  ? 0.80916   -9.81520  -9.87670  1.000 23.70551 ? 19  LEU A N   1 
ATOM   109 C CA  . LEU A 1 19  ? 0.17758   -10.62761 -8.84714  1.000 28.37278 ? 19  LEU A CA  1 
ATOM   110 C C   . LEU A 1 19  ? -1.22494  -10.11944 -8.53140  1.000 27.67417 ? 19  LEU A C   1 
ATOM   111 O O   . LEU A 1 19  ? -2.18088  -10.89492 -8.46003  1.000 24.84657 ? 19  LEU A O   1 
ATOM   112 C CB  . LEU A 1 19  ? 1.03933   -10.61242 -7.59231  1.000 26.91933 ? 19  LEU A CB  1 
ATOM   113 C CG  . LEU A 1 19  ? 1.18570   -11.88066 -6.77687  1.000 41.15202 ? 19  LEU A CG  1 
ATOM   114 C CD1 . LEU A 1 19  ? 1.66481   -13.02976 -7.66707  1.000 31.63224 ? 19  LEU A CD1 1 
ATOM   115 C CD2 . LEU A 1 19  ? 2.15881   -11.62141 -5.60717  1.000 38.34567 ? 19  LEU A CD2 1 
ATOM   116 N N   . LEU A 1 20  ? -1.36477  -8.81687  -8.31937  1.000 26.45147 ? 20  LEU A N   1 
ATOM   117 C CA  . LEU A 1 20  ? -2.68002  -8.29040  -7.99037  1.000 23.33762 ? 20  LEU A CA  1 
ATOM   118 C C   . LEU A 1 20  ? -3.64291  -8.40175  -9.16399  1.000 28.02740 ? 20  LEU A C   1 
ATOM   119 O O   . LEU A 1 20  ? -4.85298  -8.54217  -8.95903  1.000 25.51191 ? 20  LEU A O   1 
ATOM   120 C CB  . LEU A 1 20  ? -2.55600  -6.84426  -7.53493  1.000 20.29840 ? 20  LEU A CB  1 
ATOM   121 C CG  . LEU A 1 20  ? -1.95890  -6.69397  -6.14110  1.000 22.63301 ? 20  LEU A CG  1 
ATOM   122 C CD1 . LEU A 1 20  ? -1.49874  -5.25457  -5.92775  1.000 23.56000 ? 20  LEU A CD1 1 
ATOM   123 C CD2 . LEU A 1 20  ? -3.00723  -7.06650  -5.12600  1.000 21.75248 ? 20  LEU A CD2 1 
ATOM   124 N N   . LEU A 1 21  ? -3.13450  -8.33419  -10.39419 1.000 27.16356 ? 21  LEU A N   1 
ATOM   125 C CA  . LEU A 1 21  ? -4.01782  -8.33525  -11.56027 1.000 29.31941 ? 21  LEU A CA  1 
ATOM   126 C C   . LEU A 1 21  ? -4.45738  -9.73067  -11.96942 1.000 24.06819 ? 21  LEU A C   1 
ATOM   127 O O   . LEU A 1 21  ? -5.47195  -9.86606  -12.65234 1.000 24.37648 ? 21  LEU A O   1 
ATOM   128 C CB  . LEU A 1 21  ? -3.33082  -7.65574  -12.75291 1.000 28.02790 ? 21  LEU A CB  1 
ATOM   129 C CG  . LEU A 1 21  ? -3.03997  -6.16155  -12.59268 1.000 25.62144 ? 21  LEU A CG  1 
ATOM   130 C CD1 . LEU A 1 21  ? -2.15087  -5.64936  -13.72477 1.000 26.26820 ? 21  LEU A CD1 1 
ATOM   131 C CD2 . LEU A 1 21  ? -4.35918  -5.39868  -12.52443 1.000 27.62317 ? 21  LEU A CD2 1 
ATOM   132 N N   . THR A 1 22  ? -3.71847  -10.76671 -11.58113 1.000 26.08066 ? 22  THR A N   1 
ATOM   133 C CA  . THR A 1 22  ? -4.05497  -12.12423 -11.96464 1.000 26.47966 ? 22  THR A CA  1 
ATOM   134 C C   . THR A 1 22  ? -4.53769  -12.98181 -10.81396 1.000 26.66523 ? 22  THR A C   1 
ATOM   135 O O   . THR A 1 22  ? -5.09402  -14.04781 -11.06374 1.000 25.67173 ? 22  THR A O   1 
ATOM   136 C CB  . THR A 1 22  ? -2.84422  -12.82446 -12.59713 1.000 28.28436 ? 22  THR A CB  1 
ATOM   137 O OG1 . THR A 1 22  ? -1.79547  -12.92272 -11.62197 1.000 30.69782 ? 22  THR A OG1 1 
ATOM   138 C CG2 . THR A 1 22  ? -2.37287  -12.05391 -13.81076 1.000 27.06226 ? 22  THR A CG2 1 
ATOM   139 N N   . ARG A 1 23  ? -4.31176  -12.57366 -9.57182  1.000 25.53853 ? 23  ARG A N   1 
ATOM   140 C CA  A ARG A 1 23  ? -4.76812  -13.34247 -8.42692  0.500 27.46601 ? 23  ARG A CA  1 
ATOM   141 C CA  B ARG A 1 23  ? -4.77963  -13.34547 -8.43611  0.500 27.97163 ? 23  ARG A CA  1 
ATOM   142 C C   . ARG A 1 23  ? -5.60627  -12.52370 -7.46454  1.000 30.88961 ? 23  ARG A C   1 
ATOM   143 O O   . ARG A 1 23  ? -6.11854  -13.08239 -6.49895  1.000 24.36635 ? 23  ARG A O   1 
ATOM   144 C CB  A ARG A 1 23  ? -3.57980  -13.95534 -7.66871  0.500 29.86547 ? 23  ARG A CB  1 
ATOM   145 C CB  B ARG A 1 23  ? -3.59375  -13.99266 -7.70526  0.500 30.39838 ? 23  ARG A CB  1 
ATOM   146 C CG  A ARG A 1 23  ? -2.80944  -14.97886 -8.48685  0.500 36.41204 ? 23  ARG A CG  1 
ATOM   147 C CG  B ARG A 1 23  ? -3.02968  -15.18108 -8.47055  0.500 36.30379 ? 23  ARG A CG  1 
ATOM   148 C CD  A ARG A 1 23  ? -1.96042  -15.91397 -7.62984  0.500 39.29536 ? 23  ARG A CD  1 
ATOM   149 C CD  B ARG A 1 23  ? -1.64188  -15.59129 -8.00527  0.500 39.75103 ? 23  ARG A CD  1 
ATOM   150 N NE  A ARG A 1 23  ? -1.34085  -16.94044 -8.46329  0.500 45.22226 ? 23  ARG A NE  1 
ATOM   151 N NE  B ARG A 1 23  ? -1.16099  -16.76887 -8.72434  0.500 45.32749 ? 23  ARG A NE  1 
ATOM   152 C CZ  A ARG A 1 23  ? -1.76456  -18.19299 -8.56356  0.500 41.65093 ? 23  ARG A CZ  1 
ATOM   153 C CZ  B ARG A 1 23  ? -0.58471  -16.74393 -9.91950  0.500 41.65093 ? 23  ARG A CZ  1 
ATOM   154 N NH1 A ARG A 1 23  ? -2.76086  -18.64822 -7.82597  0.500 41.13093 ? 23  ARG A NH1 1 
ATOM   155 N NH1 B ARG A 1 23  ? -0.42508  -15.61326 -10.58954 0.500 41.13093 ? 23  ARG A NH1 1 
ATOM   156 N NH2 A ARG A 1 23  ? -1.17013  -19.01044 -9.42437  0.500 41.81439 ? 23  ARG A NH2 1 
ATOM   157 N NH2 B ARG A 1 23  ? -0.15426  -17.88272 -10.45477 0.500 40.29093 ? 23  ARG A NH2 1 
ATOM   158 N N   . GLY A 1 24  ? -5.76553  -11.22375 -7.70374  1.000 28.73795 ? 24  GLY A N   1 
ATOM   159 C CA  . GLY A 1 24  ? -6.55496  -10.37519 -6.84940  1.000 23.60557 ? 24  GLY A CA  1 
ATOM   160 C C   . GLY A 1 24  ? -7.80940  -9.86929  -7.53560  1.000 28.39169 ? 24  GLY A C   1 
ATOM   161 O O   . GLY A 1 24  ? -8.13750  -10.21742 -8.67021  1.000 24.89645 ? 24  GLY A O   1 
ATOM   162 N N   . VAL A 1 25  ? -8.52550  -9.03378  -6.79073  1.000 26.89176 ? 25  VAL A N   1 
ATOM   163 C CA  . VAL A 1 25  ? -9.71033  -8.34375  -7.25946  1.000 24.22008 ? 25  VAL A CA  1 
ATOM   164 C C   . VAL A 1 25  ? -9.53994  -6.85905  -6.95974  1.000 28.83925 ? 25  VAL A C   1 
ATOM   165 O O   . VAL A 1 25  ? -8.56277  -6.43924  -6.34074  1.000 21.35324 ? 25  VAL A O   1 
ATOM   166 C CB  . VAL A 1 25  ? -11.00034 -8.88725  -6.60961  1.000 25.53754 ? 25  VAL A CB  1 
ATOM   167 C CG1 . VAL A 1 25  ? -11.16435 -10.37638 -6.91192  1.000 20.80859 ? 25  VAL A CG1 1 
ATOM   168 C CG2 . VAL A 1 25  ? -10.99590 -8.61112  -5.09500  1.000 23.99028 ? 25  VAL A CG2 1 
ATOM   169 N N   . ASP A 1 26  ? -10.50639 -6.05886  -7.39884  1.000 22.12150 ? 26  ASP A N   1 
ATOM   170 C CA  . ASP A 1 26  ? -10.46220 -4.65054  -7.05213  1.000 24.81683 ? 26  ASP A CA  1 
ATOM   171 C C   . ASP A 1 26  ? -10.60740 -4.50771  -5.54582  1.000 25.47340 ? 26  ASP A C   1 
ATOM   172 O O   . ASP A 1 26  ? -11.53056 -5.05993  -4.94772  1.000 24.28038 ? 26  ASP A O   1 
ATOM   173 C CB  . ASP A 1 26  ? -11.55781 -3.87909  -7.78343  1.000 25.51129 ? 26  ASP A CB  1 
ATOM   174 C CG  . ASP A 1 26  ? -11.21141 -3.62144  -9.25109  1.000 31.06193 ? 26  ASP A CG  1 
ATOM   175 O OD1 . ASP A 1 26  ? -10.01889 -3.74226  -9.63773  1.000 23.16984 ? 26  ASP A OD1 1 
ATOM   176 O OD2 . ASP A 1 26  ? -12.13983 -3.29751  -10.01950 1.000 30.83342 ? 26  ASP A OD2 1 
ATOM   177 N N   . GLY A 1 27  ? -9.67252  -3.78495  -4.93018  1.000 27.56545 ? 27  GLY A N   1 
ATOM   178 C CA  . GLY A 1 27  ? -9.60765  -3.67997  -3.49094  1.000 25.00219 ? 27  GLY A CA  1 
ATOM   179 C C   . GLY A 1 27  ? -8.54731  -4.55340  -2.86296  1.000 27.91460 ? 27  GLY A C   1 
ATOM   180 O O   . GLY A 1 27  ? -8.27275  -4.39134  -1.66772  1.000 23.98461 ? 27  GLY A O   1 
ATOM   181 N N   . SER A 1 28  ? -7.95939  -5.47778  -3.63098  1.000 23.34781 ? 28  SER A N   1 
ATOM   182 C CA  . SER A 1 28  ? -6.83795  -6.28828  -3.15182  1.000 25.14807 ? 28  SER A CA  1 
ATOM   183 C C   . SER A 1 28  ? -5.59239  -5.43212  -2.94486  1.000 26.22789 ? 28  SER A C   1 
ATOM   184 O O   . SER A 1 28  ? -5.32990  -4.48339  -3.69239  1.000 21.18085 ? 28  SER A O   1 
ATOM   185 C CB  . SER A 1 28  ? -6.50129  -7.41097  -4.14121  1.000 23.98436 ? 28  SER A CB  1 
ATOM   186 O OG  . SER A 1 28  ? -7.48284  -8.44393  -4.16902  1.000 21.57517 ? 28  SER A OG  1 
ATOM   187 N N   . PHE A 1 29  ? -4.79521  -5.79298  -1.93766  1.000 22.63693 ? 29  PHE A N   1 
ATOM   188 C CA  . PHE A 1 29  ? -3.54796  -5.07072  -1.72761  1.000 26.18171 ? 29  PHE A CA  1 
ATOM   189 C C   . PHE A 1 29  ? -2.52618  -6.02167  -1.13689  1.000 28.14982 ? 29  PHE A C   1 
ATOM   190 O O   . PHE A 1 29  ? -2.86142  -7.10909  -0.64864  1.000 24.97853 ? 29  PHE A O   1 
ATOM   191 C CB  . PHE A 1 29  ? -3.73362  -3.86397  -0.80135  1.000 25.58228 ? 29  PHE A CB  1 
ATOM   192 C CG  . PHE A 1 29  ? -4.04344  -4.25186  0.61118   1.000 24.53954 ? 29  PHE A CG  1 
ATOM   193 C CD1 . PHE A 1 29  ? -5.34377  -4.52755  0.99583   1.000 29.07249 ? 29  PHE A CD1 1 
ATOM   194 C CD2 . PHE A 1 29  ? -3.03224  -4.37335  1.54389   1.000 26.50228 ? 29  PHE A CD2 1 
ATOM   195 C CE1 . PHE A 1 29  ? -5.63921  -4.91283  2.29952   1.000 29.70026 ? 29  PHE A CE1 1 
ATOM   196 C CE2 . PHE A 1 29  ? -3.31878  -4.75008  2.83974   1.000 26.45751 ? 29  PHE A CE2 1 
ATOM   197 C CZ  . PHE A 1 29  ? -4.62319  -5.02670  3.21582   1.000 21.02450 ? 29  PHE A CZ  1 
ATOM   198 N N   . LEU A 1 30  ? -1.26859  -5.59913  -1.20292  1.000 19.32630 ? 30  LEU A N   1 
ATOM   199 C CA  . LEU A 1 30  ? -0.18188  -6.27158  -0.51453  1.000 18.75377 ? 30  LEU A CA  1 
ATOM   200 C C   . LEU A 1 30  ? 0.81297   -5.21850  -0.05078  1.000 28.56646 ? 30  LEU A C   1 
ATOM   201 O O   . LEU A 1 30  ? 0.75651   -4.05849  -0.46852  1.000 20.74561 ? 30  LEU A O   1 
ATOM   202 C CB  . LEU A 1 30  ? 0.50171   -7.30986  -1.41411  1.000 23.85076 ? 30  LEU A CB  1 
ATOM   203 C CG  . LEU A 1 30  ? 1.01182   -6.86061  -2.78805  1.000 28.38736 ? 30  LEU A CG  1 
ATOM   204 C CD1 . LEU A 1 30  ? 2.39545   -6.19210  -2.70559  1.000 24.73552 ? 30  LEU A CD1 1 
ATOM   205 C CD2 . LEU A 1 30  ? 1.05639   -8.05698  -3.74462  1.000 21.01375 ? 30  LEU A CD2 1 
ATOM   206 N N   . ALA A 1 31  ? 1.73874   -5.64297  0.81310   1.000 25.51433 ? 31  ALA A N   1 
ATOM   207 C CA  . ALA A 1 31  ? 2.88599   -4.84029  1.20138   1.000 25.23322 ? 31  ALA A CA  1 
ATOM   208 C C   . ALA A 1 31  ? 4.15469   -5.56145  0.78213   1.000 32.09065 ? 31  ALA A C   1 
ATOM   209 O O   . ALA A 1 31  ? 4.20097   -6.79441  0.74842   1.000 28.36356 ? 31  ALA A O   1 
ATOM   210 C CB  . ALA A 1 31  ? 2.90371   -4.57163  2.71227   1.000 27.69811 ? 31  ALA A CB  1 
ATOM   211 N N   . ARG A 1 32  ? 5.17900   -4.78333  0.44556   1.000 29.16021 ? 32  ARG A N   1 
ATOM   212 C CA  . ARG A 1 32  ? 6.42038   -5.32322  -0.08516  1.000 32.12930 ? 32  ARG A CA  1 
ATOM   213 C C   . ARG A 1 32  ? 7.54509   -4.35294  0.25220   1.000 31.67377 ? 32  ARG A C   1 
ATOM   214 O O   . ARG A 1 32  ? 7.28240   -3.19943  0.61117   1.000 33.60083 ? 32  ARG A O   1 
ATOM   215 C CB  . ARG A 1 32  ? 6.30550   -5.52861  -1.60129  1.000 26.99002 ? 32  ARG A CB  1 
ATOM   216 C CG  . ARG A 1 32  ? 5.91873   -4.23388  -2.29443  1.000 30.99311 ? 32  ARG A CG  1 
ATOM   217 C CD  . ARG A 1 32  ? 6.00578   -4.36411  -3.78768  1.000 26.95365 ? 32  ARG A CD  1 
ATOM   218 N NE  . ARG A 1 32  ? 5.57938   -3.11988  -4.40677  1.000 28.60109 ? 32  ARG A NE  1 
ATOM   219 C CZ  . ARG A 1 32  ? 6.39946   -2.13276  -4.72928  1.000 32.92569 ? 32  ARG A CZ  1 
ATOM   220 N NH1 . ARG A 1 32  ? 7.70857   -2.23261  -4.53777  1.000 30.51785 ? 32  ARG A NH1 1 
ATOM   221 N NH2 . ARG A 1 32  ? 5.89514   -1.02083  -5.25883  1.000 28.38525 ? 32  ARG A NH2 1 
ATOM   222 N N   . PRO A 1 33  ? 8.80449   -4.78630  0.17318   1.000 31.03766 ? 33  PRO A N   1 
ATOM   223 C CA  . PRO A 1 33  ? 9.91636   -3.85706  0.40183   1.000 37.03641 ? 33  PRO A CA  1 
ATOM   224 C C   . PRO A 1 33  ? 10.05777  -2.85715  -0.72978  1.000 36.65066 ? 33  PRO A C   1 
ATOM   225 O O   . PRO A 1 33  ? 9.72586   -3.13501  -1.88497  1.000 35.91125 ? 33  PRO A O   1 
ATOM   226 C CB  . PRO A 1 33  ? 11.14221  -4.77551  0.47619   1.000 28.87904 ? 33  PRO A CB  1 
ATOM   227 C CG  . PRO A 1 33  ? 10.75922  -5.95624  -0.31633  1.000 36.10703 ? 33  PRO A CG  1 
ATOM   228 C CD  . PRO A 1 33  ? 9.29394   -6.16291  -0.01750  1.000 37.00546 ? 33  PRO A CD  1 
ATOM   229 N N   . SER A 1 34  ? 10.57805  -1.68160  -0.37889  1.000 37.50873 ? 34  SER A N   1 
ATOM   230 C CA  . SER A 1 34  ? 10.70786  -0.57776  -1.32249  1.000 36.77021 ? 34  SER A CA  1 
ATOM   231 C C   . SER A 1 34  ? 11.99110  -0.68632  -2.13772  1.000 37.10024 ? 34  SER A C   1 
ATOM   232 O O   . SER A 1 34  ? 13.08007  -0.83732  -1.57829  1.000 37.96971 ? 34  SER A O   1 
ATOM   233 C CB  . SER A 1 34  ? 10.69419  0.75007   -0.56928  1.000 41.37717 ? 34  SER A CB  1 
ATOM   234 O OG  . SER A 1 34  ? 10.89206  1.84184   -1.44620  1.000 46.85846 ? 34  SER A OG  1 
ATOM   235 N N   . LYS A 1 35  ? 11.86198  -0.57590  -3.46145  1.000 41.56839 ? 35  LYS A N   1 
ATOM   236 C CA  . LYS A 1 35  ? 13.04154  -0.48097  -4.31715  1.000 43.15275 ? 35  LYS A CA  1 
ATOM   237 C C   . LYS A 1 35  ? 13.78007  0.82781   -4.07594  1.000 48.59822 ? 35  LYS A C   1 
ATOM   238 O O   . LYS A 1 35  ? 14.98929  0.83214   -3.81694  1.000 47.82600 ? 35  LYS A O   1 
ATOM   239 C CB  . LYS A 1 35  ? 12.64115  -0.59835  -5.78591  0.000 47.00353 ? 35  LYS A CB  1 
ATOM   240 C CG  . LYS A 1 35  ? 13.77836  -0.31662  -6.75337  0.000 51.20998 ? 35  LYS A CG  1 
ATOM   241 C CD  . LYS A 1 35  ? 13.26535  0.08706   -8.12847  0.000 56.28305 ? 35  LYS A CD  1 
ATOM   242 C CE  . LYS A 1 35  ? 14.41263  0.43751   -9.06542  0.000 63.71120 ? 35  LYS A CE  1 
ATOM   243 N NZ  . LYS A 1 35  ? 15.29164  -0.73524  -9.32726  0.000 63.86103 ? 35  LYS A NZ  1 
ATOM   244 N N   . SER A 1 36  ? 13.05722  1.95171   -4.13312  1.000 47.93339 ? 36  SER A N   1 
ATOM   245 C CA  . SER A 1 36  ? 13.68704  3.25858   -4.00371  1.000 40.24377 ? 36  SER A CA  1 
ATOM   246 C C   . SER A 1 36  ? 14.14021  3.56302   -2.57912  1.000 50.00856 ? 36  SER A C   1 
ATOM   247 O O   . SER A 1 36  ? 15.16052  4.23584   -2.39678  1.000 52.66472 ? 36  SER A O   1 
ATOM   248 C CB  . SER A 1 36  ? 12.73179  4.34587   -4.48549  1.000 43.79765 ? 36  SER A CB  1 
ATOM   249 O OG  . SER A 1 36  ? 11.50821  4.26324   -3.78440  1.000 51.39190 ? 36  SER A OG  1 
ATOM   250 N N   . ASN A 1 37  ? 13.40226  3.12473   -1.55864  1.000 47.50395 ? 37  ASN A N   1 
ATOM   251 C CA  . ASN A 1 37  ? 13.89373  3.32867   -0.19784  1.000 49.40375 ? 37  ASN A CA  1 
ATOM   252 C C   . ASN A 1 37  ? 14.24779  1.98862   0.43081   1.000 51.21763 ? 37  ASN A C   1 
ATOM   253 O O   . ASN A 1 37  ? 13.48509  1.48245   1.26814   1.000 49.42117 ? 37  ASN A O   1 
ATOM   254 C CB  . ASN A 1 37  ? 12.86119  4.04298   0.66927   1.000 40.97664 ? 37  ASN A CB  1 
ATOM   255 C CG  . ASN A 1 37  ? 12.51542  5.40410   0.14891   1.000 50.08985 ? 37  ASN A CG  1 
ATOM   256 O OD1 . ASN A 1 37  ? 11.94485  5.53887   -0.93121  1.000 60.06353 ? 37  ASN A OD1 1 
ATOM   257 N ND2 . ASN A 1 37  ? 12.84699  6.43319   0.91948   1.000 59.26380 ? 37  ASN A ND2 1 
ATOM   258 N N   . PRO A 1 38  ? 15.38485  1.38856   0.06384   1.000 52.60935 ? 38  PRO A N   1 
ATOM   259 C CA  . PRO A 1 38  ? 15.69775  0.04266   0.56176   1.000 51.25578 ? 38  PRO A CA  1 
ATOM   260 C C   . PRO A 1 38  ? 15.64243  -0.00064  2.07899   1.000 56.24887 ? 38  PRO A C   1 
ATOM   261 O O   . PRO A 1 38  ? 16.10591  0.91281   2.76663   1.000 50.94430 ? 38  PRO A O   1 
ATOM   262 C CB  . PRO A 1 38  ? 17.11591  -0.21357  0.03775   1.000 53.97212 ? 38  PRO A CB  1 
ATOM   263 C CG  . PRO A 1 38  ? 17.24914  0.69966   -1.14462  1.000 52.94689 ? 38  PRO A CG  1 
ATOM   264 C CD  . PRO A 1 38  ? 16.46521  1.92297   -0.78469  1.000 52.43685 ? 38  PRO A CD  1 
ATOM   265 N N   . GLY A 1 39  ? 15.03458  -1.06145  2.59524   1.000 54.14402 ? 39  GLY A N   1 
ATOM   266 C CA  . GLY A 1 39  ? 14.81625  -1.20612  4.00463   1.000 46.83215 ? 39  GLY A CA  1 
ATOM   267 C C   . GLY A 1 39  ? 13.43864  -0.79536  4.45233   1.000 43.90109 ? 39  GLY A C   1 
ATOM   268 O O   . GLY A 1 39  ? 12.99314  -1.24801  5.51044   1.000 46.61502 ? 39  GLY A O   1 
ATOM   269 N N   . ASP A 1 40  ? 12.75467  0.03670   3.66791   1.000 40.95400 ? 40  ASP A N   1 
ATOM   270 C CA  . ASP A 1 40  ? 11.38015  0.43510   3.92295   1.000 39.13045 ? 40  ASP A CA  1 
ATOM   271 C C   . ASP A 1 40  ? 10.40739  -0.40666  3.09597   1.000 36.00125 ? 40  ASP A C   1 
ATOM   272 O O   . ASP A 1 40  ? 10.79786  -1.26491  2.29872   1.000 38.67296 ? 40  ASP A O   1 
ATOM   273 C CB  . ASP A 1 40  ? 11.18791  1.91634   3.61552   1.000 42.78798 ? 40  ASP A CB  1 
ATOM   274 C CG  . ASP A 1 40  ? 11.73517  2.80963   4.70042   1.000 51.51951 ? 40  ASP A CG  1 
ATOM   275 O OD1 . ASP A 1 40  ? 12.09642  2.28733   5.78292   1.000 52.47095 ? 40  ASP A OD1 1 
ATOM   276 O OD2 . ASP A 1 40  ? 11.79105  4.03462   4.46724   1.000 46.74365 ? 40  ASP A OD2 1 
ATOM   277 N N   . PHE A 1 41  ? 9.11925   -0.12087  3.27111   1.000 33.80442 ? 41  PHE A N   1 
ATOM   278 C CA  . PHE A 1 41  ? 8.04113   -0.90903  2.69987   1.000 35.41527 ? 41  PHE A CA  1 
ATOM   279 C C   . PHE A 1 41  ? 7.10214   -0.05193  1.86202   1.000 33.81904 ? 41  PHE A C   1 
ATOM   280 O O   . PHE A 1 41  ? 7.07973   1.17896   1.95665   1.000 26.72917 ? 41  PHE A O   1 
ATOM   281 C CB  . PHE A 1 41  ? 7.26063   -1.62146  3.79983   1.000 32.75465 ? 41  PHE A CB  1 
ATOM   282 C CG  . PHE A 1 41  ? 8.11620   -2.53572  4.61133   1.000 34.04623 ? 41  PHE A CG  1 
ATOM   283 C CD1 . PHE A 1 41  ? 8.70325   -3.64024  4.02481   1.000 36.58648 ? 41  PHE A CD1 1 
ATOM   284 C CD2 . PHE A 1 41  ? 8.36908   -2.27013  5.95165   1.000 39.67325 ? 41  PHE A CD2 1 
ATOM   285 C CE1 . PHE A 1 41  ? 9.52656   -4.48283  4.76057   1.000 42.90359 ? 41  PHE A CE1 1 
ATOM   286 C CE2 . PHE A 1 41  ? 9.17823   -3.10578  6.69324   1.000 37.78529 ? 41  PHE A CE2 1 
ATOM   287 C CZ  . PHE A 1 41  ? 9.76312   -4.21556  6.09779   1.000 38.54490 ? 41  PHE A CZ  1 
ATOM   288 N N   . THR A 1 42  ? 6.32094   -0.73599  1.02881   1.000 28.54210 ? 42  THR A N   1 
ATOM   289 C CA  . THR A 1 42  ? 5.41966   -0.08603  0.09675   1.000 29.15511 ? 42  THR A CA  1 
ATOM   290 C C   . THR A 1 42  ? 4.15406   -0.90887  -0.01574  1.000 30.94900 ? 42  THR A C   1 
ATOM   291 O O   . THR A 1 42  ? 4.21720   -2.13843  -0.05385  1.000 26.36306 ? 42  THR A O   1 
ATOM   292 C CB  . THR A 1 42  ? 6.06239   0.05733   -1.28762  1.000 33.63077 ? 42  THR A CB  1 
ATOM   293 O OG1 . THR A 1 42  ? 7.21746   0.90309   -1.18354  1.000 26.80402 ? 42  THR A OG1 1 
ATOM   294 C CG2 . THR A 1 42  ? 5.06166   0.65428   -2.28712  1.000 29.74584 ? 42  THR A CG2 1 
ATOM   295 N N   . LEU A 1 43  ? 3.01516   -0.21819  -0.05215  1.000 28.91019 ? 43  LEU A N   1 
ATOM   296 C CA  . LEU A 1 43  ? 1.72102   -0.82044  -0.33240  1.000 31.28258 ? 43  LEU A CA  1 
ATOM   297 C C   . LEU A 1 43  ? 1.45318   -0.79038  -1.83043  1.000 32.47600 ? 43  LEU A C   1 
ATOM   298 O O   . LEU A 1 43  ? 1.60154   0.25558   -2.46782  1.000 29.30475 ? 43  LEU A O   1 
ATOM   299 C CB  . LEU A 1 43  ? 0.61836   -0.05686  0.38978   1.000 28.49894 ? 43  LEU A CB  1 
ATOM   300 C CG  . LEU A 1 43  ? 0.64730   -0.10458  1.92048   1.000 32.89727 ? 43  LEU A CG  1 
ATOM   301 C CD1 . LEU A 1 43  ? -0.45513  0.75680   2.47247   1.000 29.04018 ? 43  LEU A CD1 1 
ATOM   302 C CD2 . LEU A 1 43  ? 0.47039   -1.52654  2.38950   1.000 28.06545 ? 43  LEU A CD2 1 
ATOM   303 N N   . SER A 1 44  ? 1.06459   -1.93084  -2.38995  1.000 28.39007 ? 44  SER A N   1 
ATOM   304 C CA  . SER A 1 44  ? 0.52809   -1.98442  -3.74275  1.000 28.49923 ? 44  SER A CA  1 
ATOM   305 C C   . SER A 1 44  ? -0.95176  -2.32517  -3.66140  1.000 25.95063 ? 44  SER A C   1 
ATOM   306 O O   . SER A 1 44  ? -1.32909  -3.31276  -3.02092  1.000 26.25605 ? 44  SER A O   1 
ATOM   307 C CB  . SER A 1 44  ? 1.27727   -3.00626  -4.59655  1.000 26.80887 ? 44  SER A CB  1 
ATOM   308 O OG  . SER A 1 44  ? 2.64196   -2.66781  -4.69440  1.000 29.98259 ? 44  SER A OG  1 
ATOM   309 N N   . VAL A 1 45  ? -1.78036  -1.50938  -4.30375  1.000 24.51262 ? 45  VAL A N   1 
ATOM   310 C CA  . VAL A 1 45  ? -3.22857  -1.53906  -4.13868  1.000 24.53956 ? 45  VAL A CA  1 
ATOM   311 C C   . VAL A 1 45  ? -3.89075  -1.55747  -5.51018  1.000 30.08501 ? 45  VAL A C   1 
ATOM   312 O O   . VAL A 1 45  ? -3.58954  -0.71030  -6.35693  1.000 22.66302 ? 45  VAL A O   1 
ATOM   313 C CB  . VAL A 1 45  ? -3.72975  -0.31666  -3.36283  1.000 26.93953 ? 45  VAL A CB  1 
ATOM   314 C CG1 . VAL A 1 45  ? -5.14137  -0.58094  -2.85408  1.000 26.13859 ? 45  VAL A CG1 1 
ATOM   315 C CG2 . VAL A 1 45  ? -2.75461  0.04487   -2.23492  1.000 28.90411 ? 45  VAL A CG2 1 
ATOM   316 N N   . ARG A 1 46  ? -4.82695  -2.47961  -5.71360  1.000 21.77247 ? 46  ARG A N   1 
ATOM   317 C CA  . ARG A 1 46  ? -5.55896  -2.55418  -6.97250  1.000 25.67150 ? 46  ARG A CA  1 
ATOM   318 C C   . ARG A 1 46  ? -6.89512  -1.83174  -6.85704  1.000 22.98173 ? 46  ARG A C   1 
ATOM   319 O O   . ARG A 1 46  ? -7.67343  -2.08236  -5.92600  1.000 25.83751 ? 46  ARG A O   1 
ATOM   320 C CB  . ARG A 1 46  ? -5.78023  -4.00590  -7.40753  1.000 24.15164 ? 46  ARG A CB  1 
ATOM   321 C CG  . ARG A 1 46  ? -6.67293  -4.11219  -8.64515  1.000 26.45079 ? 46  ARG A CG  1 
ATOM   322 C CD  . ARG A 1 46  ? -6.79110  -5.55879  -9.11233  1.000 24.68395 ? 46  ARG A CD  1 
ATOM   323 N NE  . ARG A 1 46  ? -7.99904  -5.76975  -9.89373  1.000 27.46402 ? 46  ARG A NE  1 
ATOM   324 C CZ  . ARG A 1 46  ? -8.30363  -6.91779  -10.48329 1.000 27.90164 ? 46  ARG A CZ  1 
ATOM   325 N NH1 . ARG A 1 46  ? -7.51056  -7.97253  -10.38732 1.000 21.78869 ? 46  ARG A NH1 1 
ATOM   326 N NH2 . ARG A 1 46  ? -9.42376  -7.00369  -11.19422 1.000 22.25370 ? 46  ARG A NH2 1 
ATOM   327 N N   . ARG A 1 47  ? -7.16258  -0.92774  -7.80119  1.000 26.98401 ? 47  ARG A N   1 
ATOM   328 C CA  . ARG A 1 47  ? -8.48965  -0.33426  -7.88104  1.000 26.21231 ? 47  ARG A CA  1 
ATOM   329 C C   . ARG A 1 47  ? -8.82269  -0.03112  -9.33671  1.000 32.44112 ? 47  ARG A C   1 
ATOM   330 O O   . ARG A 1 47  ? -7.94968  0.36051   -10.12110 1.000 30.00736 ? 47  ARG A O   1 
ATOM   331 C CB  . ARG A 1 47  ? -8.61660  0.94183   -7.04165  1.000 34.53162 ? 47  ARG A CB  1 
ATOM   332 C CG  . ARG A 1 47  ? -7.82072  2.06671   -7.57221  1.000 37.80797 ? 47  ARG A CG  1 
ATOM   333 C CD  . ARG A 1 47  ? -8.35249  3.45262   -7.22616  1.000 39.15347 ? 47  ARG A CD  1 
ATOM   334 N NE  . ARG A 1 47  ? -7.39583  4.38257   -7.80922  1.000 48.70144 ? 47  ARG A NE  1 
ATOM   335 C CZ  . ARG A 1 47  ? -7.10198  5.58652   -7.34261  1.000 42.88033 ? 47  ARG A CZ  1 
ATOM   336 N NH1 . ARG A 1 47  ? -7.75923  6.11589   -6.32585  1.000 37.83778 ? 47  ARG A NH1 1 
ATOM   337 N NH2 . ARG A 1 47  ? -6.11316  6.26928   -7.90670  1.000 43.35983 ? 47  ARG A NH2 1 
ATOM   338 N N   . ASN A 1 48  ? -10.09414 -0.21932  -9.67904  1.000 33.50765 ? 48  ASN A N   1 
ATOM   339 C CA  . ASN A 1 48  ? -10.59361 -0.06148  -11.04470 1.000 34.79563 ? 48  ASN A CA  1 
ATOM   340 C C   . ASN A 1 48  ? -9.66783  -0.73476  -12.04743 1.000 34.64451 ? 48  ASN A C   1 
ATOM   341 O O   . ASN A 1 48  ? -9.24168  -0.13577  -13.03064 1.000 32.67062 ? 48  ASN A O   1 
ATOM   342 C CB  . ASN A 1 48  ? -10.79454 1.41377   -11.38980 1.000 35.29709 ? 48  ASN A CB  1 
ATOM   343 C CG  . ASN A 1 48  ? -11.89830 2.04672   -10.57298 1.000 49.94785 ? 48  ASN A CG  1 
ATOM   344 O OD1 . ASN A 1 48  ? -12.91730 1.41246   -10.29664 1.000 57.02369 ? 48  ASN A OD1 1 
ATOM   345 N ND2 . ASN A 1 48  ? -11.70031 3.30184   -10.16900 1.000 59.73468 ? 48  ASN A ND2 1 
ATOM   346 N N   . GLY A 1 49  ? -9.31450  -1.98257  -11.75634 1.000 29.47171 ? 49  GLY A N   1 
ATOM   347 C CA  . GLY A 1 49  ? -8.54813  -2.78001  -12.68276 1.000 29.80804 ? 49  GLY A CA  1 
ATOM   348 C C   . GLY A 1 49  ? -7.10749  -2.37828  -12.84486 1.000 30.19885 ? 49  GLY A C   1 
ATOM   349 O O   . GLY A 1 49  ? -6.40878  -2.97812  -13.66966 1.000 27.83770 ? 49  GLY A O   1 
ATOM   350 N N   . ALA A 1 50  ? -6.62802  -1.39977  -12.08251 1.000 31.91595 ? 50  ALA A N   1 
ATOM   351 C CA  . ALA A 1 50  ? -5.24430  -0.97147  -12.16827 1.000 30.32395 ? 50  ALA A CA  1 
ATOM   352 C C   . ALA A 1 50  ? -4.61934  -0.97418  -10.77524 1.000 29.00009 ? 50  ALA A C   1 
ATOM   353 O O   . ALA A 1 50  ? -5.30990  -1.08278  -9.75658  1.000 32.43756 ? 50  ALA A O   1 
ATOM   354 C CB  . ALA A 1 50  ? -5.14328  0.41389   -12.81869 1.000 27.63256 ? 50  ALA A CB  1 
ATOM   355 N N   . VAL A 1 51  ? -3.29614  -0.84467  -10.73495 1.000 26.22307 ? 51  VAL A N   1 
ATOM   356 C CA  . VAL A 1 51  ? -2.52336  -0.96711  -9.50261  1.000 29.91680 ? 51  VAL A CA  1 
ATOM   357 C C   . VAL A 1 51  ? -1.73089  0.31909   -9.27306  1.000 32.93326 ? 51  VAL A C   1 
ATOM   358 O O   . VAL A 1 51  ? -1.03060  0.79132   -10.17623 1.000 34.32380 ? 51  VAL A O   1 
ATOM   359 C CB  . VAL A 1 51  ? -1.59659  -2.19530  -9.55970  1.000 29.95040 ? 51  VAL A CB  1 
ATOM   360 C CG1 . VAL A 1 51  ? -0.71326  -2.27341  -8.32353  1.000 26.56887 ? 51  VAL A CG1 1 
ATOM   361 C CG2 . VAL A 1 51  ? -2.43059  -3.46537  -9.68498  1.000 25.74780 ? 51  VAL A CG2 1 
ATOM   362 N N   . THR A 1 52  ? -1.85067  0.88672   -8.07118  1.000 33.58439 ? 52  THR A N   1 
ATOM   363 C CA  . THR A 1 52  ? -1.03556  2.01018   -7.61723  1.000 36.59267 ? 52  THR A CA  1 
ATOM   364 C C   . THR A 1 52  ? -0.16478  1.58858   -6.43593  1.000 39.31176 ? 52  THR A C   1 
ATOM   365 O O   . THR A 1 52  ? -0.32245  0.49633   -5.87412  1.000 34.35535 ? 52  THR A O   1 
ATOM   366 C CB  . THR A 1 52  ? -1.90744  3.20032   -7.20913  1.000 36.51526 ? 52  THR A CB  1 
ATOM   367 O OG1 . THR A 1 52  ? -2.91663  2.75008   -6.30144  1.000 45.64558 ? 52  THR A OG1 1 
ATOM   368 C CG2 . THR A 1 52  ? -2.56200  3.83819   -8.41923  1.000 44.59329 ? 52  THR A CG2 1 
ATOM   369 N N   . HIS A 1 53  ? 0.76249   2.47349   -6.05394  1.000 31.19599 ? 53  HIS A N   1 
ATOM   370 C CA  . HIS A 1 53  ? 1.74680   2.14433   -5.03065  1.000 29.06846 ? 53  HIS A CA  1 
ATOM   371 C C   . HIS A 1 53  ? 1.88183   3.30751   -4.06189  1.000 31.23103 ? 53  HIS A C   1 
ATOM   372 O O   . HIS A 1 53  ? 1.69451   4.46355   -4.43839  1.000 36.80724 ? 53  HIS A O   1 
ATOM   373 C CB  . HIS A 1 53  ? 3.08467   1.79600   -5.65321  1.000 31.09636 ? 53  HIS A CB  1 
ATOM   374 C CG  . HIS A 1 53  ? 2.97237   0.81951   -6.77849  1.000 32.33462 ? 53  HIS A CG  1 
ATOM   375 N ND1 . HIS A 1 53  ? 3.31193   -0.51179  -6.65070  1.000 32.95406 ? 53  HIS A ND1 1 
ATOM   376 C CD2 . HIS A 1 53  ? 2.56035   0.98344   -8.05762  1.000 31.09000 ? 53  HIS A CD2 1 
ATOM   377 C CE1 . HIS A 1 53  ? 3.12072   -1.12352  -7.80644  1.000 33.32968 ? 53  HIS A CE1 1 
ATOM   378 N NE2 . HIS A 1 53  ? 2.65872   -0.24008  -8.67483  1.000 31.59648 ? 53  HIS A NE2 1 
ATOM   379 N N   . ILE A 1 54  ? 2.18648   2.99528   -2.79768  1.000 35.01232 ? 54  ILE A N   1 
ATOM   380 C CA  . ILE A 1 54  ? 2.17808   3.99241   -1.72247  1.000 30.01923 ? 54  ILE A CA  1 
ATOM   381 C C   . ILE A 1 54  ? 3.32671   3.70587   -0.76392  1.000 34.79099 ? 54  ILE A C   1 
ATOM   382 O O   . ILE A 1 54  ? 3.34904   2.64908   -0.12342  1.000 29.58182 ? 54  ILE A O   1 
ATOM   383 C CB  . ILE A 1 54  ? 0.85254   3.99850   -0.94680  1.000 28.90986 ? 54  ILE A CB  1 
ATOM   384 C CG1 . ILE A 1 54  ? -0.32629  4.29127   -1.87682  1.000 30.97301 ? 54  ILE A CG1 1 
ATOM   385 C CG2 . ILE A 1 54  ? 0.92791   5.00255   0.19466   1.000 27.35662 ? 54  ILE A CG2 1 
ATOM   386 C CD1 . ILE A 1 54  ? -1.67475  4.04985   -1.23370  1.000 28.27365 ? 54  ILE A CD1 1 
ATOM   387 N N   . LYS A 1 55  ? 4.25124   4.65941   -0.62967  1.000 26.42032 ? 55  LYS A N   1 
ATOM   388 C CA  . LYS A 1 55  ? 5.40136   4.49642   0.25023   1.000 34.39038 ? 55  LYS A CA  1 
ATOM   389 C C   . LYS A 1 55  ? 4.99179   4.55565   1.72006   1.000 28.51686 ? 55  LYS A C   1 
ATOM   390 O O   . LYS A 1 55  ? 4.15657   5.36613   2.11946   1.000 27.24422 ? 55  LYS A O   1 
ATOM   391 C CB  . LYS A 1 55  ? 6.43955   5.58493   -0.02967  1.000 37.46911 ? 55  LYS A CB  1 
ATOM   392 C CG  . LYS A 1 55  ? 6.73398   5.78714   -1.50321  1.000 44.37444 ? 55  LYS A CG  1 
ATOM   393 C CD  . LYS A 1 55  ? 8.22229   5.88451   -1.75937  1.000 42.41906 ? 55  LYS A CD  1 
ATOM   394 C CE  . LYS A 1 55  ? 8.48562   6.19755   -3.21793  1.000 51.68583 ? 55  LYS A CE  1 
ATOM   395 N NZ  . LYS A 1 55  ? 9.48101   5.24905   -3.78477  1.000 58.80376 ? 55  LYS A NZ  1 
ATOM   396 N N   . ILE A 1 56  ? 5.58430   3.68655   2.53073   1.000 28.80526 ? 56  ILE A N   1 
ATOM   397 C CA  . ILE A 1 56  ? 5.35784   3.67337   3.96960   1.000 25.43449 ? 56  ILE A CA  1 
ATOM   398 C C   . ILE A 1 56  ? 6.63194   4.16941   4.62935   1.000 28.82741 ? 56  ILE A C   1 
ATOM   399 O O   . ILE A 1 56  ? 7.72303   3.69543   4.29976   1.000 28.45593 ? 56  ILE A O   1 
ATOM   400 C CB  . ILE A 1 56  ? 4.99980   2.27036   4.47775   1.000 30.97288 ? 56  ILE A CB  1 
ATOM   401 C CG1 . ILE A 1 56  ? 3.65588   1.81076   3.90786   1.000 32.67631 ? 56  ILE A CG1 1 
ATOM   402 C CG2 . ILE A 1 56  ? 5.01038   2.24788   6.00350   1.000 27.10849 ? 56  ILE A CG2 1 
ATOM   403 C CD1 . ILE A 1 56  ? 3.47576   0.32038   3.99717   1.000 34.24926 ? 56  ILE A CD1 1 
ATOM   404 N N   . GLN A 1 57  ? 6.49914   5.13869   5.52847   1.000 29.22064 ? 57  GLN A N   1 
ATOM   405 C CA  . GLN A 1 57  ? 7.63754   5.71944   6.23056   1.000 29.20157 ? 57  GLN A CA  1 
ATOM   406 C C   . GLN A 1 57  ? 7.83499   5.03166   7.57514   1.000 30.11795 ? 57  GLN A C   1 
ATOM   407 O O   . GLN A 1 57  ? 6.88019   4.85598   8.34037   1.000 28.17285 ? 57  GLN A O   1 
ATOM   408 C CB  . GLN A 1 57  ? 7.45316   7.21833   6.44769   1.000 29.08437 ? 57  GLN A CB  1 
ATOM   409 C CG  . GLN A 1 57  ? 8.49086   7.82656   7.40565   1.000 36.19499 ? 57  GLN A CG  1 
ATOM   410 C CD  . GLN A 1 57  ? 8.40046   9.34360   7.51064   1.000 38.68674 ? 57  GLN A CD  1 
ATOM   411 O OE1 . GLN A 1 57  ? 9.41551   10.03422  7.40235   1.000 35.74958 ? 57  GLN A OE1 1 
ATOM   412 N NE2 . GLN A 1 57  ? 7.18835   9.86566   7.72877   1.000 29.15512 ? 57  GLN A NE2 1 
ATOM   413 N N   . ASN A 1 58  ? 9.07705   4.66184   7.85763   1.000 28.71241 ? 58  ASN A N   1 
ATOM   414 C CA  . ASN A 1 58  ? 9.47796   4.11527   9.14723   1.000 39.39104 ? 58  ASN A CA  1 
ATOM   415 C C   . ASN A 1 58  ? 10.52306  5.06636   9.71181   1.000 34.16754 ? 58  ASN A C   1 
ATOM   416 O O   . ASN A 1 58  ? 11.64998  5.12002   9.21522   1.000 32.37708 ? 58  ASN A O   1 
ATOM   417 C CB  . ASN A 1 58  ? 10.02210  2.69196   8.98686   1.000 38.32700 ? 58  ASN A CB  1 
ATOM   418 C CG  . ASN A 1 58  ? 10.43965  2.05052   10.31313  1.000 36.23643 ? 58  ASN A CG  1 
ATOM   419 O OD1 . ASN A 1 58  ? 10.15082  2.55931   11.40487  1.000 32.24396 ? 58  ASN A OD1 1 
ATOM   420 N ND2 . ASN A 1 58  ? 11.10817  0.90199   10.21121  1.000 34.34372 ? 58  ASN A ND2 1 
ATOM   421 N N   . THR A 1 59  ? 10.12993  5.84851   10.71023  1.000 34.49127 ? 59  THR A N   1 
ATOM   422 C CA  . THR A 1 59  ? 11.02347  6.78301   11.37797  1.000 36.65505 ? 59  THR A CA  1 
ATOM   423 C C   . THR A 1 59  ? 11.80924  6.16088   12.52947  1.000 35.80850 ? 59  THR A C   1 
ATOM   424 O O   . THR A 1 59  ? 12.60883  6.85772   13.15736  1.000 31.93364 ? 59  THR A O   1 
ATOM   425 C CB  . THR A 1 59  ? 10.21684  7.93778   11.93220  1.000 29.99041 ? 59  THR A CB  1 
ATOM   426 O OG1 . THR A 1 59  ? 9.45027   7.44542   13.04064  1.000 29.30596 ? 59  THR A OG1 1 
ATOM   427 C CG2 . THR A 1 59  ? 9.24087   8.45486   10.87918  1.000 30.86595 ? 59  THR A CG2 1 
ATOM   428 N N   . GLY A 1 60  ? 11.57054  4.89708   12.86327  1.000 31.75785 ? 60  GLY A N   1 
ATOM   429 C CA  . GLY A 1 60  ? 12.11574  4.31748   14.07171  1.000 36.92855 ? 60  GLY A CA  1 
ATOM   430 C C   . GLY A 1 60  ? 11.26664  4.52308   15.30953  1.000 40.09767 ? 60  GLY A C   1 
ATOM   431 O O   . GLY A 1 60  ? 11.42179  3.77482   16.28972  1.000 38.63113 ? 60  GLY A O   1 
ATOM   432 N N   . ASP A 1 61  ? 10.37116  5.51013   15.29441  1.000 35.33657 ? 61  ASP A N   1 
ATOM   433 C CA  . ASP A 1 61  ? 9.42769   5.72789   16.38305  1.000 33.80615 ? 61  ASP A CA  1 
ATOM   434 C C   . ASP A 1 61  ? 7.98692   5.40965   16.00110  1.000 39.91969 ? 61  ASP A C   1 
ATOM   435 O O   . ASP A 1 61  ? 7.11619   5.36298   16.88686  1.000 34.28118 ? 61  ASP A O   1 
ATOM   436 C CB  . ASP A 1 61  ? 9.52779   7.17949   16.86742  1.000 33.96731 ? 61  ASP A CB  1 
ATOM   437 C CG  . ASP A 1 61  ? 10.92833  7.52613   17.36030  1.000 35.33274 ? 61  ASP A CG  1 
ATOM   438 O OD1 . ASP A 1 61  ? 11.49260  6.70718   18.11684  1.000 41.56555 ? 61  ASP A OD1 1 
ATOM   439 O OD2 . ASP A 1 61  ? 11.46942  8.58778   16.97759  1.000 34.42524 ? 61  ASP A OD2 1 
ATOM   440 N N   . TYR A 1 62  ? 7.71151   5.19522   14.71750  1.000 31.50507 ? 62  TYR A N   1 
ATOM   441 C CA  . TYR A 1 62  ? 6.36058   4.90751   14.26541  1.000 33.28951 ? 62  TYR A CA  1 
ATOM   442 C C   . TYR A 1 62  ? 6.42041   4.64577   12.76732  1.000 29.55397 ? 62  TYR A C   1 
ATOM   443 O O   . TYR A 1 62  ? 7.42767   4.91967   12.10759  1.000 25.94347 ? 62  TYR A O   1 
ATOM   444 C CB  . TYR A 1 62  ? 5.38165   6.05395   14.57991  1.000 36.48209 ? 62  TYR A CB  1 
ATOM   445 C CG  . TYR A 1 62  ? 5.70942   7.36034   13.88764  1.000 40.00713 ? 62  TYR A CG  1 
ATOM   446 C CD1 . TYR A 1 62  ? 5.31197   7.59017   12.57042  1.000 36.07122 ? 62  TYR A CD1 1 
ATOM   447 C CD2 . TYR A 1 62  ? 6.40536   8.36945   14.54459  1.000 37.97991 ? 62  TYR A CD2 1 
ATOM   448 C CE1 . TYR A 1 62  ? 5.60458   8.76847   11.92925  1.000 36.69065 ? 62  TYR A CE1 1 
ATOM   449 C CE2 . TYR A 1 62  ? 6.70677   9.56205   13.89850  1.000 34.23626 ? 62  TYR A CE2 1 
ATOM   450 C CZ  . TYR A 1 62  ? 6.29730   9.74838   12.58887  1.000 36.05016 ? 62  TYR A CZ  1 
ATOM   451 O OH  . TYR A 1 62  ? 6.57176   10.91004  11.92083  1.000 36.03824 ? 62  TYR A OH  1 
ATOM   452 N N   . TYR A 1 63  ? 5.31253   4.13345   12.23499  1.000 30.14227 ? 63  TYR A N   1 
ATOM   453 C CA  . TYR A 1 63  ? 5.11427   4.01524   10.79566  1.000 32.77134 ? 63  TYR A CA  1 
ATOM   454 C C   . TYR A 1 63  ? 3.99710   4.95863   10.36439  1.000 28.15374 ? 63  TYR A C   1 
ATOM   455 O O   . TYR A 1 63  ? 3.03144   5.17269   11.09672  1.000 24.07576 ? 63  TYR A O   1 
ATOM   456 C CB  . TYR A 1 63  ? 4.74871   2.57567   10.38660  1.000 24.92416 ? 63  TYR A CB  1 
ATOM   457 C CG  . TYR A 1 63  ? 5.81313   1.54901   10.68755  1.000 28.49838 ? 63  TYR A CG  1 
ATOM   458 C CD1 . TYR A 1 63  ? 5.98381   1.05862   11.97906  1.000 28.05129 ? 63  TYR A CD1 1 
ATOM   459 C CD2 . TYR A 1 63  ? 6.64145   1.05977   9.68550   1.000 28.47613 ? 63  TYR A CD2 1 
ATOM   460 C CE1 . TYR A 1 63  ? 6.95741   0.11540   12.26453  1.000 23.43480 ? 63  TYR A CE1 1 
ATOM   461 C CE2 . TYR A 1 63  ? 7.61185   0.10976   9.96613   1.000 26.31319 ? 63  TYR A CE2 1 
ATOM   462 C CZ  . TYR A 1 63  ? 7.76351   -0.35006  11.26132  1.000 26.07399 ? 63  TYR A CZ  1 
ATOM   463 O OH  . TYR A 1 63  ? 8.73147   -1.28472  11.57119  1.000 27.13479 ? 63  TYR A OH  1 
ATOM   464 N N   . ASP A 1 64  ? 4.11723   5.51499   9.16638   1.000 26.91489 ? 64  ASP A N   1 
ATOM   465 C CA  . ASP A 1 64  ? 3.00782   6.28761   8.62946   1.000 28.08701 ? 64  ASP A CA  1 
ATOM   466 C C   . ASP A 1 64  ? 3.15807   6.34453   7.12030   1.000 29.95741 ? 64  ASP A C   1 
ATOM   467 O O   . ASP A 1 64  ? 4.07140   5.75405   6.54174   1.000 27.73686 ? 64  ASP A O   1 
ATOM   468 C CB  . ASP A 1 64  ? 2.91993   7.68303   9.28397   1.000 34.02902 ? 64  ASP A CB  1 
ATOM   469 C CG  . ASP A 1 64  ? 3.91113   8.70248   8.72508   1.000 28.71439 ? 64  ASP A CG  1 
ATOM   470 O OD1 . ASP A 1 64  ? 4.83506   8.36778   7.96369   1.000 32.80447 ? 64  ASP A OD1 1 
ATOM   471 O OD2 . ASP A 1 64  ? 3.75535   9.89379   9.07407   1.000 36.92967 ? 64  ASP A OD2 1 
ATOM   472 N N   . LEU A 1 65  ? 2.25341   7.06819   6.47772   1.000 32.14725 ? 65  LEU A N   1 
ATOM   473 C CA  . LEU A 1 65  ? 2.32569   7.19664   5.03008   1.000 31.54160 ? 65  LEU A CA  1 
ATOM   474 C C   . LEU A 1 65  ? 2.86843   8.55550   4.64154   1.000 32.54455 ? 65  LEU A C   1 
ATOM   475 O O   . LEU A 1 65  ? 2.37499   9.18814   3.70640   1.000 32.20829 ? 65  LEU A O   1 
ATOM   476 C CB  . LEU A 1 65  ? 0.95666   6.93362   4.41551   1.000 32.54519 ? 65  LEU A CB  1 
ATOM   477 C CG  . LEU A 1 65  ? 0.41272   5.53970   4.75485   1.000 26.91796 ? 65  LEU A CG  1 
ATOM   478 C CD1 . LEU A 1 65  ? -0.98318  5.41144   4.21304   1.000 32.96125 ? 65  LEU A CD1 1 
ATOM   479 C CD2 . LEU A 1 65  ? 1.30819   4.46436   4.18175   1.000 28.35770 ? 65  LEU A CD2 1 
ATOM   480 N N   . TYR A 1 66  ? 3.90699   9.01207   5.34810   1.000 34.87151 ? 66  TYR A N   1 
ATOM   481 C CA  . TYR A 1 66  ? 4.44518   10.35967  5.16994   1.000 31.91956 ? 66  TYR A CA  1 
ATOM   482 C C   . TYR A 1 66  ? 3.33827   11.38318  5.38105   1.000 36.25687 ? 66  TYR A C   1 
ATOM   483 O O   . TYR A 1 66  ? 3.11606   12.27082  4.56040   1.000 43.36457 ? 66  TYR A O   1 
ATOM   484 C CB  . TYR A 1 66  ? 5.10204   10.52949  3.79497   1.000 35.94083 ? 66  TYR A CB  1 
ATOM   485 C CG  . TYR A 1 66  ? 6.40228   9.77885   3.64019   1.000 34.78775 ? 66  TYR A CG  1 
ATOM   486 C CD1 . TYR A 1 66  ? 7.59110   10.29721  4.14356   1.000 35.88415 ? 66  TYR A CD1 1 
ATOM   487 C CD2 . TYR A 1 66  ? 6.44509   8.54572   2.99662   1.000 35.32472 ? 66  TYR A CD2 1 
ATOM   488 C CE1 . TYR A 1 66  ? 8.78256   9.60496   4.01248   1.000 40.43409 ? 66  TYR A CE1 1 
ATOM   489 C CE2 . TYR A 1 66  ? 7.63145   7.84473   2.86866   1.000 35.50465 ? 66  TYR A CE2 1 
ATOM   490 C CZ  . TYR A 1 66  ? 8.79589   8.37820   3.37198   1.000 38.84525 ? 66  TYR A CZ  1 
ATOM   491 O OH  . TYR A 1 66  ? 9.97461   7.67592   3.23827   1.000 50.46012 ? 66  TYR A OH  1 
ATOM   492 N N   . GLY A 1 67  ? 2.62182   11.22495  6.48847   1.000 36.52910 ? 67  GLY A N   1 
ATOM   493 C CA  . GLY A 1 67  ? 1.45768   12.02201  6.79255   1.000 33.65305 ? 67  GLY A CA  1 
ATOM   494 C C   . GLY A 1 67  ? 0.40501   11.13202  7.40254   1.000 37.41243 ? 67  GLY A C   1 
ATOM   495 O O   . GLY A 1 67  ? 0.56561   9.90919   7.41144   1.000 38.58608 ? 67  GLY A O   1 
ATOM   496 N N   . GLY A 1 68  ? -0.66028  11.72192  7.92844   1.000 40.76121 ? 68  GLY A N   1 
ATOM   497 C CA  . GLY A 1 68  ? -1.74001  10.95341  8.51188   1.000 36.67774 ? 68  GLY A CA  1 
ATOM   498 C C   . GLY A 1 68  ? -1.40431  10.40706  9.88911   1.000 38.95538 ? 68  GLY A C   1 
ATOM   499 O O   . GLY A 1 68  ? -0.41058  10.76719  10.52528  1.000 38.96485 ? 68  GLY A O   1 
ATOM   500 N N   . GLU A 1 69  ? -2.27709  9.51926   10.35333  1.000 34.59796 ? 69  GLU A N   1 
ATOM   501 C CA  . GLU A 1 69  ? -2.12441  8.93178   11.67459  1.000 34.03170 ? 69  GLU A CA  1 
ATOM   502 C C   . GLU A 1 69  ? -0.82755  8.12772   11.74890  1.000 35.53099 ? 69  GLU A C   1 
ATOM   503 O O   . GLU A 1 69  ? -0.31395  7.63130   10.73941  1.000 28.04193 ? 69  GLU A O   1 
ATOM   504 C CB  . GLU A 1 69  ? -3.33750  8.04861   11.98425  1.000 33.40795 ? 69  GLU A CB  1 
ATOM   505 C CG  . GLU A 1 69  ? -3.38983  7.50726   13.40473  1.000 48.04909 ? 69  GLU A CG  1 
ATOM   506 C CD  . GLU A 1 69  ? -4.78553  7.07811   13.81689  1.000 50.39772 ? 69  GLU A CD  1 
ATOM   507 O OE1 . GLU A 1 69  ? -5.75971  7.63546   13.26753  1.000 54.05381 ? 69  GLU A OE1 1 
ATOM   508 O OE2 . GLU A 1 69  ? -4.91073  6.19323   14.69509  1.000 49.63300 ? 69  GLU A OE2 1 
ATOM   509 N N   . LYS A 1 70  ? -0.27517  8.02437   12.95587  1.000 36.22074 ? 70  LYS A N   1 
ATOM   510 C CA  . LYS A 1 70  ? 0.97394   7.31373   13.18020  1.000 31.85278 ? 70  LYS A CA  1 
ATOM   511 C C   . LYS A 1 70  ? 0.69557   5.98625   13.86852  1.000 32.67268 ? 70  LYS A C   1 
ATOM   512 O O   . LYS A 1 70  ? -0.24701  5.86855   14.66147  1.000 33.55235 ? 70  LYS A O   1 
ATOM   513 C CB  . LYS A 1 70  ? 1.93966   8.14198   14.02713  1.000 37.24788 ? 70  LYS A CB  1 
ATOM   514 C CG  . LYS A 1 70  ? 2.33313   9.44832   13.40558  1.000 34.21407 ? 70  LYS A CG  1 
ATOM   515 C CD  . LYS A 1 70  ? 3.09165   10.30249  14.41206  1.000 42.18813 ? 70  LYS A CD  1 
ATOM   516 C CE  . LYS A 1 70  ? 3.53901   11.62169  13.78803  1.000 38.74146 ? 70  LYS A CE  1 
ATOM   517 N NZ  . LYS A 1 70  ? 2.37266   12.51569  13.52857  1.000 47.44479 ? 70  LYS A NZ  1 
ATOM   518 N N   . PHE A 1 71  ? 1.52155   4.98084   13.55433  1.000 32.57481 ? 71  PHE A N   1 
ATOM   519 C CA  . PHE A 1 71  ? 1.29131   3.62522   14.03537  1.000 30.68265 ? 71  PHE A CA  1 
ATOM   520 C C   . PHE A 1 71  ? 2.57885   3.05127   14.59084  1.000 26.12857 ? 71  PHE A C   1 
ATOM   521 O O   . PHE A 1 71  ? 3.67493   3.36936   14.12355  1.000 29.97870 ? 71  PHE A O   1 
ATOM   522 C CB  . PHE A 1 71  ? 0.75751   2.69348   12.92642  1.000 25.93951 ? 71  PHE A CB  1 
ATOM   523 C CG  . PHE A 1 71  ? -0.41861  3.25502   12.20170  1.000 28.18004 ? 71  PHE A CG  1 
ATOM   524 C CD1 . PHE A 1 71  ? -1.69118  3.11470   12.71917  1.000 29.98899 ? 71  PHE A CD1 1 
ATOM   525 C CD2 . PHE A 1 71  ? -0.25124  3.95942   11.02747  1.000 27.87136 ? 71  PHE A CD2 1 
ATOM   526 C CE1 . PHE A 1 71  ? -2.78568  3.66665   12.07618  1.000 30.62275 ? 71  PHE A CE1 1 
ATOM   527 C CE2 . PHE A 1 71  ? -1.34746  4.50883   10.37153  1.000 32.85668 ? 71  PHE A CE2 1 
ATOM   528 C CZ  . PHE A 1 71  ? -2.61867  4.35664   10.90214  1.000 29.50887 ? 71  PHE A CZ  1 
ATOM   529 N N   . ALA A 1 72  ? 2.42346   2.16851   15.57493  1.000 25.08014 ? 72  ALA A N   1 
ATOM   530 C CA  . ALA A 1 72  ? 3.58595   1.51474   16.16007  1.000 24.35576 ? 72  ALA A CA  1 
ATOM   531 C C   . ALA A 1 72  ? 4.17095   0.46002   15.22722  1.000 27.40959 ? 72  ALA A C   1 
ATOM   532 O O   . ALA A 1 72  ? 5.39031   0.28535   15.19375  1.000 26.59056 ? 72  ALA A O   1 
ATOM   533 C CB  . ALA A 1 72  ? 3.20763   0.89449   17.49970  1.000 21.20225 ? 72  ALA A CB  1 
ATOM   534 N N   . THR A 1 73  ? 3.33058   -0.25005  14.46254  1.000 24.05404 ? 73  THR A N   1 
ATOM   535 C CA  . THR A 1 73  ? 3.79662   -1.34662  13.62273  1.000 26.23725 ? 73  THR A CA  1 
ATOM   536 C C   . THR A 1 73  ? 3.20075   -1.23328  12.22912  1.000 21.08924 ? 73  THR A C   1 
ATOM   537 O O   . THR A 1 73  ? 2.14327   -0.62942  12.02766  1.000 24.90267 ? 73  THR A O   1 
ATOM   538 C CB  . THR A 1 73  ? 3.43123   -2.73840  14.20024  1.000 26.42141 ? 73  THR A CB  1 
ATOM   539 O OG1 . THR A 1 73  ? 2.01078   -2.89923  14.21688  1.000 21.79637 ? 73  THR A OG1 1 
ATOM   540 C CG2 . THR A 1 73  ? 3.99354   -2.92097  15.62445  1.000 23.62404 ? 73  THR A CG2 1 
ATOM   541 N N   . LEU A 1 74  ? 3.89499   -1.81658  11.25896  1.000 22.49782 ? 74  LEU A N   1 
ATOM   542 C CA  . LEU A 1 74  ? 3.34126   -1.85831  9.91364   1.000 17.27167 ? 74  LEU A CA  1 
ATOM   543 C C   . LEU A 1 74  ? 1.96850   -2.51666  9.92893   1.000 24.52191 ? 74  LEU A C   1 
ATOM   544 O O   . LEU A 1 74  ? 1.02557   -2.01234  9.31229   1.000 24.61828 ? 74  LEU A O   1 
ATOM   545 C CB  . LEU A 1 74  ? 4.29889   -2.59528  8.98285   1.000 18.79835 ? 74  LEU A CB  1 
ATOM   546 C CG  . LEU A 1 74  ? 3.80886   -2.75488  7.54225   1.000 25.05884 ? 74  LEU A CG  1 
ATOM   547 C CD1 . LEU A 1 74  ? 3.42625   -1.40103  6.98638   1.000 23.19026 ? 74  LEU A CD1 1 
ATOM   548 C CD2 . LEU A 1 74  ? 4.87013   -3.39172  6.69156   1.000 28.34094 ? 74  LEU A CD2 1 
ATOM   549 N N   . ALA A 1 75  ? 1.82228   -3.61342  10.68633  1.000 23.10406 ? 75  ALA A N   1 
ATOM   550 C CA  . ALA A 1 75  ? 0.55680   -4.34049  10.71250  1.000 21.72841 ? 75  ALA A CA  1 
ATOM   551 C C   . ALA A 1 75  ? -0.57491  -3.47668  11.23792  1.000 24.50598 ? 75  ALA A C   1 
ATOM   552 O O   . ALA A 1 75  ? -1.70246  -3.54316  10.72936  1.000 21.21236 ? 75  ALA A O   1 
ATOM   553 C CB  . ALA A 1 75  ? 0.68361   -5.60678  11.55724  1.000 29.07827 ? 75  ALA A CB  1 
ATOM   554 N N   . GLU A 1 76  ? -0.30753  -2.68187  12.27561  1.000 24.28726 ? 76  GLU A N   1 
ATOM   555 C CA  . GLU A 1 76  ? -1.33780  -1.77708  12.77897  1.000 23.79884 ? 76  GLU A CA  1 
ATOM   556 C C   . GLU A 1 76  ? -1.73476  -0.76220  11.71750  1.000 27.24637 ? 76  GLU A C   1 
ATOM   557 O O   . GLU A 1 76  ? -2.91535  -0.41351  11.58469  1.000 25.91261 ? 76  GLU A O   1 
ATOM   558 C CB  . GLU A 1 76  ? -0.83112  -1.05996  14.02669  1.000 28.55370 ? 76  GLU A CB  1 
ATOM   559 C CG  . GLU A 1 76  ? -1.81854  -0.10207  14.63504  0.000 30.50284 ? 76  GLU A CG  1 
ATOM   560 C CD  . GLU A 1 76  ? -1.52088  0.15223   16.08834  0.000 31.58093 ? 76  GLU A CD  1 
ATOM   561 O OE1 . GLU A 1 76  ? -0.64191  0.98666   16.38658  0.000 32.38093 ? 76  GLU A OE1 1 
ATOM   562 O OE2 . GLU A 1 76  ? -2.14870  -0.51398  16.93150  0.000 33.64804 ? 76  GLU A OE2 1 
ATOM   563 N N   . LEU A 1 77  ? -0.75046  -0.24745  10.98233  1.000 26.06529 ? 77  LEU A N   1 
ATOM   564 C CA  . LEU A 1 77  ? -1.03596  0.62498   9.85146   1.000 29.65019 ? 77  LEU A CA  1 
ATOM   565 C C   . LEU A 1 77  ? -1.96440  -0.06068  8.85745   1.000 24.60328 ? 77  LEU A C   1 
ATOM   566 O O   . LEU A 1 77  ? -3.01978  0.47112   8.50649   1.000 25.05695 ? 77  LEU A O   1 
ATOM   567 C CB  . LEU A 1 77  ? 0.26384   1.03285   9.17646   1.000 24.97769 ? 77  LEU A CB  1 
ATOM   568 C CG  . LEU A 1 77  ? 0.15181   2.01000   8.00473   1.000 32.49253 ? 77  LEU A CG  1 
ATOM   569 C CD1 . LEU A 1 77  ? 1.44773   2.78029   7.89758   1.000 27.95860 ? 77  LEU A CD1 1 
ATOM   570 C CD2 . LEU A 1 77  ? -0.12276  1.27657   6.70461   1.000 22.04481 ? 77  LEU A CD2 1 
ATOM   571 N N   . VAL A 1 78  ? -1.55829  -1.23201  8.36080   1.000 29.69011 ? 78  VAL A N   1 
ATOM   572 C CA  . VAL A 1 78  ? -2.36229  -1.94269  7.36722   1.000 22.83689 ? 78  VAL A CA  1 
ATOM   573 C C   . VAL A 1 78  ? -3.75901  -2.18870  7.90899   1.000 26.77083 ? 78  VAL A C   1 
ATOM   574 O O   . VAL A 1 78  ? -4.76182  -1.89888  7.24668   1.000 23.22594 ? 78  VAL A O   1 
ATOM   575 C CB  . VAL A 1 78  ? -1.66624  -3.25264  6.95643   1.000 23.93688 ? 78  VAL A CB  1 
ATOM   576 C CG1 . VAL A 1 78  ? -2.58904  -4.11317  6.14305   1.000 25.00526 ? 78  VAL A CG1 1 
ATOM   577 C CG2 . VAL A 1 78  ? -0.41385  -2.93546  6.15269   1.000 24.60956 ? 78  VAL A CG2 1 
ATOM   578 N N   . GLN A 1 79  ? -3.83994  -2.65946  9.15608   1.000 22.60666 ? 79  GLN A N   1 
ATOM   579 C CA  . GLN A 1 79  ? -5.13272  -2.91156  9.77879   1.000 24.90688 ? 79  GLN A CA  1 
ATOM   580 C C   . GLN A 1 79  ? -5.98787  -1.65772  9.81001   1.000 32.33834 ? 79  GLN A C   1 
ATOM   581 O O   . GLN A 1 79  ? -7.19531  -1.71667  9.54648   1.000 27.53974 ? 79  GLN A O   1 
ATOM   582 C CB  . GLN A 1 79  ? -4.93380  -3.43551  11.19680  1.000 29.34247 ? 79  GLN A CB  1 
ATOM   583 C CG  . GLN A 1 79  ? -6.23279  -3.74243  11.92562  1.000 34.71878 ? 79  GLN A CG  1 
ATOM   584 C CD  . GLN A 1 79  ? -5.97865  -4.18104  13.35718  1.000 46.24707 ? 79  GLN A CD  1 
ATOM   585 O OE1 . GLN A 1 79  ? -5.01167  -3.74346  13.99208  1.000 49.39486 ? 79  GLN A OE1 1 
ATOM   586 N NE2 . GLN A 1 79  ? -6.83585  -5.04883  13.86976  1.000 46.12328 ? 79  GLN A NE2 1 
ATOM   587 N N   . TYR A 1 80  ? -5.37820  -0.51117  10.13251  1.000 24.45433 ? 80  TYR A N   1 
ATOM   588 C CA  . TYR A 1 80  ? -6.14610  0.71774   10.25944  1.000 27.94447 ? 80  TYR A CA  1 
ATOM   589 C C   . TYR A 1 80  ? -6.79407  1.10748   8.93811   1.000 28.16226 ? 80  TYR A C   1 
ATOM   590 O O   . TYR A 1 80  ? -7.97635  1.45394   8.90181   1.000 25.35324 ? 80  TYR A O   1 
ATOM   591 C CB  . TYR A 1 80  ? -5.26042  1.85724   10.75616  1.000 21.78864 ? 80  TYR A CB  1 
ATOM   592 C CG  . TYR A 1 80  ? -5.98783  3.18262   10.79258  1.000 27.65880 ? 80  TYR A CG  1 
ATOM   593 C CD1 . TYR A 1 80  ? -6.64195  3.60540   11.94188  1.000 28.18155 ? 80  TYR A CD1 1 
ATOM   594 C CD2 . TYR A 1 80  ? -6.02545  4.01319   9.67844   1.000 29.00824 ? 80  TYR A CD2 1 
ATOM   595 C CE1 . TYR A 1 80  ? -7.30968  4.81972   11.98889  1.000 35.27738 ? 80  TYR A CE1 1 
ATOM   596 C CE2 . TYR A 1 80  ? -6.70202  5.23363   9.71581   1.000 34.75909 ? 80  TYR A CE2 1 
ATOM   597 C CZ  . TYR A 1 80  ? -7.33727  5.62549   10.87304  1.000 33.87562 ? 80  TYR A CZ  1 
ATOM   598 O OH  . TYR A 1 80  ? -7.99500  6.83020   10.91010  1.000 44.70579 ? 80  TYR A OH  1 
ATOM   599 N N   . TYR A 1 81  ? -6.02177  1.11441   7.84659   1.000 27.16930 ? 81  TYR A N   1 
ATOM   600 C CA  . TYR A 1 81  ? -6.60745  1.54109   6.57822   1.000 22.88517 ? 81  TYR A CA  1 
ATOM   601 C C   . TYR A 1 81  ? -7.55933  0.49831   6.02229   1.000 27.30274 ? 81  TYR A C   1 
ATOM   602 O O   . TYR A 1 81  ? -8.52790  0.85139   5.34204   1.000 33.77325 ? 81  TYR A O   1 
ATOM   603 C CB  . TYR A 1 81  ? -5.50895  1.90917   5.58569   1.000 31.40926 ? 81  TYR A CB  1 
ATOM   604 C CG  . TYR A 1 81  ? -4.82187  3.19581   5.99805   1.000 32.89103 ? 81  TYR A CG  1 
ATOM   605 C CD1 . TYR A 1 81  ? -5.50035  4.40938   5.94036   1.000 39.67987 ? 81  TYR A CD1 1 
ATOM   606 C CD2 . TYR A 1 81  ? -3.52357  3.19889   6.49025   1.000 27.66756 ? 81  TYR A CD2 1 
ATOM   607 C CE1 . TYR A 1 81  ? -4.89733  5.59383   6.32982   1.000 38.60240 ? 81  TYR A CE1 1 
ATOM   608 C CE2 . TYR A 1 81  ? -2.91684  4.38134   6.88883   1.000 24.59867 ? 81  TYR A CE2 1 
ATOM   609 C CZ  . TYR A 1 81  ? -3.60823  5.57983   6.79687   1.000 34.44630 ? 81  TYR A CZ  1 
ATOM   610 O OH  . TYR A 1 81  ? -3.01917  6.77345   7.18485   1.000 34.84932 ? 81  TYR A OH  1 
ATOM   611 N N   . MET A 1 82  ? -7.33580  -0.78042  6.32791   1.000 31.96095 ? 82  MET A N   1 
ATOM   612 C CA  . MET A 1 82  ? -8.33969  -1.78561  6.00250   1.000 26.78034 ? 82  MET A CA  1 
ATOM   613 C C   . MET A 1 82  ? -9.68079  -1.45208  6.63242   1.000 28.35791 ? 82  MET A C   1 
ATOM   614 O O   . MET A 1 82  ? -10.72688 -1.66812  6.01626   1.000 32.79963 ? 82  MET A O   1 
ATOM   615 C CB  . MET A 1 82  ? -7.88970  -3.16416  6.46703   1.000 31.15569 ? 82  MET A CB  1 
ATOM   616 C CG  . MET A 1 82  ? -6.87253  -3.82435  5.58782   1.000 29.48688 ? 82  MET A CG  1 
ATOM   617 S SD  . MET A 1 82  ? -6.83443  -5.54661  6.05708   1.000 39.31819 ? 82  MET A SD  1 
ATOM   618 C CE  . MET A 1 82  ? -8.57810  -5.90303  5.96144   1.000 31.74533 ? 82  MET A CE  1 
ATOM   619 N N   . GLU A 1 83  ? -9.67442  -0.94783  7.86794   1.000 28.62045 ? 83  GLU A N   1 
ATOM   620 C CA  . GLU A 1 83  ? -10.90382 -0.66774  8.59837   1.000 29.88367 ? 83  GLU A CA  1 
ATOM   621 C C   . GLU A 1 83  ? -11.44495 0.73238   8.35848   1.000 28.69458 ? 83  GLU A C   1 
ATOM   622 O O   . GLU A 1 83  ? -12.54188 1.05062   8.83879   1.000 30.54301 ? 83  GLU A O   1 
ATOM   623 C CB  . GLU A 1 83  ? -10.68546 -0.86393  10.10301  1.000 27.24014 ? 83  GLU A CB  1 
ATOM   624 C CG  . GLU A 1 83  ? -10.46062 -2.30381  10.49329  1.000 29.82989 ? 83  GLU A CG  1 
ATOM   625 C CD  . GLU A 1 83  ? -10.00803 -2.45905  11.93006  1.000 31.06861 ? 83  GLU A CD  1 
ATOM   626 O OE1 . GLU A 1 83  ? -9.53480  -1.47678  12.53332  1.000 40.66191 ? 83  GLU A OE1 1 
ATOM   627 O OE2 . GLU A 1 83  ? -10.11219 -3.57034  12.45840  1.000 31.63310 ? 83  GLU A OE2 1 
ATOM   628 N N   . HIS A 1 84  ? -10.71114 1.58103   7.65267   1.000 32.63397 ? 84  HIS A N   1 
ATOM   629 C CA  . HIS A 1 84  ? -11.09234 2.98080   7.45759   1.000 35.14703 ? 84  HIS A CA  1 
ATOM   630 C C   . HIS A 1 84  ? -10.93027 3.31441   5.97201   1.000 41.16795 ? 84  HIS A C   1 
ATOM   631 O O   . HIS A 1 84  ? -10.01301 4.04412   5.57787   1.000 38.96639 ? 84  HIS A O   1 
ATOM   632 C CB  . HIS A 1 84  ? -10.25578 3.90293   8.34089   1.000 30.46010 ? 84  HIS A CB  1 
ATOM   633 C CG  . HIS A 1 84  ? -10.45011 3.67547   9.80777   1.000 30.19563 ? 84  HIS A CG  1 
ATOM   634 N ND1 . HIS A 1 84  ? -9.79528  2.68131   10.50253  1.000 27.37920 ? 84  HIS A ND1 1 
ATOM   635 C CD2 . HIS A 1 84  ? -11.22563 4.31966   10.71294  1.000 33.71505 ? 84  HIS A CD2 1 
ATOM   636 C CE1 . HIS A 1 84  ? -10.16234 2.72362   11.77378  1.000 38.16061 ? 84  HIS A CE1 1 
ATOM   637 N NE2 . HIS A 1 84  ? -11.02961 3.70969   11.92736  1.000 31.58347 ? 84  HIS A NE2 1 
ATOM   638 N N   . HIS A 1 85  ? -11.84520 2.78050   5.15533   1.000 38.60984 ? 85  HIS A N   1 
ATOM   639 C CA  . HIS A 1 85  ? -11.71055 2.84883   3.70307   1.000 37.89311 ? 85  HIS A CA  1 
ATOM   640 C C   . HIS A 1 85  ? -11.71694 4.26589   3.15542   1.000 41.93052 ? 85  HIS A C   1 
ATOM   641 O O   . HIS A 1 85  ? -11.27424 4.46418   2.01896   1.000 46.37228 ? 85  HIS A O   1 
ATOM   642 C CB  . HIS A 1 85  ? -12.83039 2.07448   3.02002   1.000 42.14375 ? 85  HIS A CB  1 
ATOM   643 C CG  . HIS A 1 85  ? -12.72759 0.59296   3.18523   1.000 39.74937 ? 85  HIS A CG  1 
ATOM   644 N ND1 . HIS A 1 85  ? -13.71175 -0.27127  2.75473   1.000 38.44777 ? 85  HIS A ND1 1 
ATOM   645 C CD2 . HIS A 1 85  ? -11.75626 -0.17864  3.72485   1.000 34.71073 ? 85  HIS A CD2 1 
ATOM   646 C CE1 . HIS A 1 85  ? -13.35742 -1.51277  3.03353   1.000 41.54286 ? 85  HIS A CE1 1 
ATOM   647 N NE2 . HIS A 1 85  ? -12.17783 -1.48435  3.62867   1.000 37.35643 ? 85  HIS A NE2 1 
ATOM   648 N N   . GLY A 1 86  ? -12.22214 5.24447   3.90566   1.000 36.80580 ? 86  GLY A N   1 
ATOM   649 C CA  . GLY A 1 86  ? -12.27325 6.59404   3.38539   1.000 38.23602 ? 86  GLY A CA  1 
ATOM   650 C C   . GLY A 1 86  ? -11.06401 7.46720   3.64840   1.000 44.92164 ? 86  GLY A C   1 
ATOM   651 O O   . GLY A 1 86  ? -11.06454 8.63674   3.25535   1.000 39.29372 ? 86  GLY A O   1 
ATOM   652 N N   . GLN A 1 87  ? -10.00765 6.94118   4.26426   1.000 37.38338 ? 87  GLN A N   1 
ATOM   653 C CA  . GLN A 1 87  ? -8.95505  7.79989   4.79203   1.000 38.58438 ? 87  GLN A CA  1 
ATOM   654 C C   . GLN A 1 87  ? -7.81117  8.06598   3.82269   1.000 44.75520 ? 87  GLN A C   1 
ATOM   655 O O   . GLN A 1 87  ? -7.09193  9.05146   4.00278   1.000 43.14024 ? 87  GLN A O   1 
ATOM   656 C CB  . GLN A 1 87  ? -8.39861  7.19198   6.07324   1.000 38.06093 ? 87  GLN A CB  1 
ATOM   657 C CG  . GLN A 1 87  ? -9.36882  7.26722   7.22018   1.000 37.25390 ? 87  GLN A CG  1 
ATOM   658 C CD  . GLN A 1 87  ? -9.62853  8.69738   7.62589   1.000 49.28362 ? 87  GLN A CD  1 
ATOM   659 O OE1 . GLN A 1 87  ? -8.69559  9.48712   7.77583   1.000 50.16553 ? 87  GLN A OE1 1 
ATOM   660 N NE2 . GLN A 1 87  ? -10.89918 9.04942   7.78403   1.000 47.46493 ? 87  GLN A NE2 1 
ATOM   661 N N   . LEU A 1 88  ? -7.60410  7.21959   2.81560   1.000 39.33647 ? 88  LEU A N   1 
ATOM   662 C CA  . LEU A 1 88  ? -6.51005  7.41108   1.86542   1.000 37.52204 ? 88  LEU A CA  1 
ATOM   663 C C   . LEU A 1 88  ? -7.04969  8.15319   0.65265   1.000 41.06828 ? 88  LEU A C   1 
ATOM   664 O O   . LEU A 1 88  ? -7.36149  7.56897   -0.37931  1.000 46.34574 ? 88  LEU A O   1 
ATOM   665 C CB  . LEU A 1 88  ? -5.89368  6.07848   1.45886   1.000 39.19286 ? 88  LEU A CB  1 
ATOM   666 C CG  . LEU A 1 88  ? -5.12468  5.33824   2.53443   1.000 44.27423 ? 88  LEU A CG  1 
ATOM   667 C CD1 . LEU A 1 88  ? -4.46358  4.06391   1.99224   1.000 40.15777 ? 88  LEU A CD1 1 
ATOM   668 C CD2 . LEU A 1 88  ? -4.11460  6.31356   3.06413   1.000 46.97636 ? 88  LEU A CD2 1 
ATOM   669 N N   . LYS A 1 89  ? -7.17559  9.46356   0.78792   1.000 49.48207 ? 89  LYS A N   1 
ATOM   670 C CA  . LYS A 1 89  ? -7.57863  10.29409  -0.33644  1.000 49.90583 ? 89  LYS A CA  1 
ATOM   671 C C   . LYS A 1 89  ? -6.31917  10.84300  -0.98642  1.000 50.53212 ? 89  LYS A C   1 
ATOM   672 O O   . LYS A 1 89  ? -5.43596  11.36093  -0.29611  1.000 54.65170 ? 89  LYS A O   1 
ATOM   673 C CB  . LYS A 1 89  ? -8.50955  11.42748  0.11079   1.000 46.23772 ? 89  LYS A CB  1 
ATOM   674 C CG  . LYS A 1 89  ? -8.03781  12.19301  1.33674   0.000 54.22710 ? 89  LYS A CG  1 
ATOM   675 C CD  . LYS A 1 89  ? -8.95263  13.37115  1.64147   0.000 59.99310 ? 89  LYS A CD  1 
ATOM   676 C CE  . LYS A 1 89  ? -8.46014  14.15416  2.84701   0.000 64.92821 ? 89  LYS A CE  1 
ATOM   677 N NZ  . LYS A 1 89  ? -9.28246  15.36709  3.10337   0.000 70.68689 ? 89  LYS A NZ  1 
ATOM   678 N N   . GLU A 1 90  ? -6.20793  10.68463  -2.30063  1.000 47.10717 ? 90  GLU A N   1 
ATOM   679 C CA  . GLU A 1 90  ? -5.06655  11.29681  -2.95118  1.000 51.10719 ? 90  GLU A CA  1 
ATOM   680 C C   . GLU A 1 90  ? -5.37557  12.76221  -3.25430  1.000 54.91564 ? 90  GLU A C   1 
ATOM   681 O O   . GLU A 1 90  ? -6.51012  13.22429  -3.11406  1.000 50.56476 ? 90  GLU A O   1 
ATOM   682 C CB  . GLU A 1 90  ? -4.68704  10.52308  -4.20792  1.000 54.74464 ? 90  GLU A CB  1 
ATOM   683 C CG  . GLU A 1 90  ? -5.74731  10.46757  -5.25768  1.000 48.88044 ? 90  GLU A CG  1 
ATOM   684 C CD  . GLU A 1 90  ? -5.33159  9.59233   -6.41252  1.000 53.20947 ? 90  GLU A CD  1 
ATOM   685 O OE1 . GLU A 1 90  ? -6.13213  8.72858   -6.82678  1.000 52.63437 ? 90  GLU A OE1 1 
ATOM   686 O OE2 . GLU A 1 90  ? -4.19272  9.75794   -6.89710  1.000 61.27706 ? 90  GLU A OE2 1 
ATOM   687 N N   . LYS A 1 91  ? -4.33781  13.51192  -3.63972  1.000 61.79764 ? 91  LYS A N   1 
ATOM   688 C CA  . LYS A 1 91  ? -4.52932  14.93453  -3.91230  1.000 59.50280 ? 91  LYS A CA  1 
ATOM   689 C C   . LYS A 1 91  ? -5.64103  15.16626  -4.93511  1.000 65.91406 ? 91  LYS A C   1 
ATOM   690 O O   . LYS A 1 91  ? -6.40043  16.13514  -4.80774  1.000 65.93756 ? 91  LYS A O   1 
ATOM   691 C CB  . LYS A 1 91  ? -3.21192  15.56321  -4.37094  1.000 57.41168 ? 91  LYS A CB  1 
ATOM   692 C CG  . LYS A 1 91  ? -2.12021  15.52064  -3.31184  0.000 72.44093 ? 91  LYS A CG  1 
ATOM   693 C CD  . LYS A 1 91  ? -0.83915  16.18191  -3.79042  0.000 68.70528 ? 91  LYS A CD  1 
ATOM   694 C CE  . LYS A 1 91  ? 0.23247   16.14361  -2.71091  0.000 70.74553 ? 91  LYS A CE  1 
ATOM   695 N NZ  . LYS A 1 91  ? 1.50064   16.78232  -3.15947  0.000 78.14284 ? 91  LYS A NZ  1 
ATOM   696 N N   . ASN A 1 92  ? -5.77760  14.26643  -5.92444  1.000 62.35417 ? 92  ASN A N   1 
ATOM   697 C CA  . ASN A 1 92  ? -6.88675  14.32485  -6.87851  1.000 61.84686 ? 92  ASN A CA  1 
ATOM   698 C C   . ASN A 1 92  ? -8.23811  14.42342  -6.18661  1.000 61.45449 ? 92  ASN A C   1 
ATOM   699 O O   . ASN A 1 92  ? -9.17609  15.00171  -6.74225  1.000 55.34755 ? 92  ASN A O   1 
ATOM   700 C CB  . ASN A 1 92  ? -6.88398  13.08558  -7.78340  1.000 53.83134 ? 92  ASN A CB  1 
ATOM   701 C CG  . ASN A 1 92  ? -5.68388  13.03590  -8.70627  0.000 59.68233 ? 92  ASN A CG  1 
ATOM   702 O OD1 . ASN A 1 92  ? -4.60557  12.58579  -8.31907  0.000 59.72397 ? 92  ASN A OD1 1 
ATOM   703 N ND2 . ASN A 1 92  ? -5.86794  13.49283  -9.93957  0.000 62.55826 ? 92  ASN A ND2 1 
ATOM   704 N N   . GLY A 1 93  ? -8.35308  13.87743  -4.97528  1.000 61.94792 ? 93  GLY A N   1 
ATOM   705 C CA  . GLY A 1 93  ? -9.61867  13.70883  -4.29533  1.000 50.12736 ? 93  GLY A CA  1 
ATOM   706 C C   . GLY A 1 93  ? -10.15555 12.29839  -4.36786  1.000 47.82113 ? 93  GLY A C   1 
ATOM   707 O O   . GLY A 1 93  ? -11.13355 11.97929  -3.67495  1.000 45.09300 ? 93  GLY A O   1 
ATOM   708 N N   . ASP A 1 94  ? -9.53924  11.45463  -5.19034  1.000 51.63239 ? 94  ASP A N   1 
ATOM   709 C CA  . ASP A 1 94  ? -9.95703  10.06903  -5.35184  1.000 53.92643 ? 94  ASP A CA  1 
ATOM   710 C C   . ASP A 1 94  ? -9.48872  9.22448   -4.17213  1.000 40.62221 ? 94  ASP A C   1 
ATOM   711 O O   . ASP A 1 94  ? -8.33958  9.32348   -3.73094  1.000 45.66159 ? 94  ASP A O   1 
ATOM   712 C CB  . ASP A 1 94  ? -9.39538  9.49141   -6.65439  1.000 42.65050 ? 94  ASP A CB  1 
ATOM   713 C CG  . ASP A 1 94  ? -9.63407  10.39317  -7.85356  1.000 50.21520 ? 94  ASP A CG  1 
ATOM   714 O OD1 . ASP A 1 94  ? -10.62041 11.16541  -7.84353  1.000 48.79993 ? 94  ASP A OD1 1 
ATOM   715 O OD2 . ASP A 1 94  ? -8.83268  10.31613  -8.81151  1.000 46.67698 ? 94  ASP A OD2 1 
ATOM   716 N N   . VAL A 1 95  ? -10.38666 8.39735   -3.66431  1.000 47.80525 ? 95  VAL A N   1 
ATOM   717 C CA  . VAL A 1 95  ? -10.07035 7.49975   -2.56002  1.000 38.95287 ? 95  VAL A CA  1 
ATOM   718 C C   . VAL A 1 95  ? -9.33880  6.27972   -3.10643  1.000 48.60789 ? 95  VAL A C   1 
ATOM   719 O O   . VAL A 1 95  ? -9.53375  5.87566   -4.25918  1.000 45.66546 ? 95  VAL A O   1 
ATOM   720 C CB  . VAL A 1 95  ? -11.35990 7.11330   -1.80448  1.000 44.47452 ? 95  VAL A CB  1 
ATOM   721 C CG1 . VAL A 1 95  ? -11.11304 5.99397   -0.81157  1.000 39.66072 ? 95  VAL A CG1 1 
ATOM   722 C CG2 . VAL A 1 95  ? -11.92061 8.31586   -1.08001  1.000 45.52786 ? 95  VAL A CG2 1 
ATOM   723 N N   . ILE A 1 96  ? -8.44553  5.71455   -2.29611  1.000 40.37318 ? 96  ILE A N   1 
ATOM   724 C CA  . ILE A 1 96  ? -7.77297  4.46546   -2.61496  1.000 32.74043 ? 96  ILE A CA  1 
ATOM   725 C C   . ILE A 1 96  ? -7.98632  3.54122   -1.42368  1.000 34.24519 ? 96  ILE A C   1 
ATOM   726 O O   . ILE A 1 96  ? -7.63323  3.88490   -0.28899  1.000 36.70995 ? 96  ILE A O   1 
ATOM   727 C CB  . ILE A 1 96  ? -6.28092  4.67708   -2.93344  1.000 34.22348 ? 96  ILE A CB  1 
ATOM   728 C CG1 . ILE A 1 96  ? -5.57936  3.34485   -3.13945  1.000 29.53635 ? 96  ILE A CG1 1 
ATOM   729 C CG2 . ILE A 1 96  ? -5.60463  5.45123   -1.86272  1.000 36.48238 ? 96  ILE A CG2 1 
ATOM   730 C CD1 . ILE A 1 96  ? -6.14032  2.54999   -4.30974  1.000 41.53332 ? 96  ILE A CD1 1 
ATOM   731 N N   . GLU A 1 97  ? -8.63370  2.41348   -1.66346  1.000 29.38461 ? 97  GLU A N   1 
ATOM   732 C CA  . GLU A 1 97  ? -9.18610  1.58662   -0.59954  1.000 29.62995 ? 97  GLU A CA  1 
ATOM   733 C C   . GLU A 1 97  ? -8.36761  0.31371   -0.45094  1.000 31.05500 ? 97  GLU A C   1 
ATOM   734 O O   . GLU A 1 97  ? -8.23315  -0.45990  -1.40619  1.000 28.76881 ? 97  GLU A O   1 
ATOM   735 C CB  . GLU A 1 97  ? -10.64715 1.24407   -0.88906  1.000 30.78514 ? 97  GLU A CB  1 
ATOM   736 C CG  . GLU A 1 97  ? -11.60609 2.41910   -0.73995  1.000 34.60972 ? 97  GLU A CG  1 
ATOM   737 C CD  . GLU A 1 97  ? -13.05671 2.02516   -0.98320  1.000 49.07505 ? 97  GLU A CD  1 
ATOM   738 O OE1 . GLU A 1 97  ? -13.47452 1.98234   -2.16264  1.000 53.26550 ? 97  GLU A OE1 1 
ATOM   739 O OE2 . GLU A 1 97  ? -13.77726 1.74145   0.00167   1.000 48.57944 ? 97  GLU A OE2 1 
ATOM   740 N N   . LEU A 1 98  ? -7.83494  0.08873   0.74517   1.000 24.80200 ? 98  LEU A N   1 
ATOM   741 C CA  . LEU A 1 98  ? -7.28695  -1.21896  1.10149   1.000 33.28004 ? 98  LEU A CA  1 
ATOM   742 C C   . LEU A 1 98  ? -8.43921  -2.10093  1.55971   1.000 31.95409 ? 98  LEU A C   1 
ATOM   743 O O   . LEU A 1 98  ? -8.96689  -1.90569  2.65615   1.000 34.33315 ? 98  LEU A O   1 
ATOM   744 C CB  . LEU A 1 98  ? -6.24951  -1.10156  2.21804   1.000 32.49348 ? 98  LEU A CB  1 
ATOM   745 C CG  . LEU A 1 98  ? -5.01191  -0.22833  2.07990   1.000 35.46086 ? 98  LEU A CG  1 
ATOM   746 C CD1 . LEU A 1 98  ? -3.87683  -0.78594  2.94561   1.000 35.22162 ? 98  LEU A CD1 1 
ATOM   747 C CD2 . LEU A 1 98  ? -4.59733  -0.15025  0.65166   1.000 37.82339 ? 98  LEU A CD2 1 
ATOM   748 N N   . LYS A 1 99  ? -8.84751  -3.07392  0.74286   1.000 30.32377 ? 99  LYS A N   1 
ATOM   749 C CA  . LYS A 1 99  ? -9.97663  -3.91319  1.12121   1.000 27.99877 ? 99  LYS A CA  1 
ATOM   750 C C   . LYS A 1 99  ? -9.56463  -5.33845  1.45985   1.000 31.36215 ? 99  LYS A C   1 
ATOM   751 O O   . LYS A 1 99  ? -9.86336  -5.81255  2.55866   1.000 27.65360 ? 99  LYS A O   1 
ATOM   752 C CB  . LYS A 1 99  ? -11.04200 -3.91011  0.02090   1.000 25.38508 ? 99  LYS A CB  1 
ATOM   753 C CG  . LYS A 1 99  ? -11.71323 -2.55006  -0.12920  1.000 31.79350 ? 99  LYS A CG  1 
ATOM   754 C CD  . LYS A 1 99  ? -13.07556 -2.68781  -0.77180  1.000 31.95759 ? 99  LYS A CD  1 
ATOM   755 C CE  . LYS A 1 99  ? -13.26549 -1.67324  -1.87325  1.000 40.08387 ? 99  LYS A CE  1 
ATOM   756 N NZ  . LYS A 1 99  ? -14.65991 -1.73967  -2.37952  1.000 45.48187 ? 99  LYS A NZ  1 
ATOM   757 N N   . TYR A 1 100 ? -8.87152  -6.02895  0.56050   1.000 22.68480 ? 100 TYR A N   1 
ATOM   758 C CA  . TYR A 1 100 ? -8.64068  -7.46826  0.69993   1.000 24.41195 ? 100 TYR A CA  1 
ATOM   759 C C   . TYR A 1 100 ? -7.15237  -7.79869  0.64848   1.000 27.60963 ? 100 TYR A C   1 
ATOM   760 O O   . TYR A 1 100 ? -6.54250  -7.71358  -0.43681  1.000 24.55113 ? 100 TYR A O   1 
ATOM   761 C CB  . TYR A 1 100 ? -9.40289  -8.20561  -0.40741  1.000 23.64050 ? 100 TYR A CB  1 
ATOM   762 C CG  . TYR A 1 100 ? -10.82112 -7.67893  -0.57833  1.000 22.49194 ? 100 TYR A CG  1 
ATOM   763 C CD1 . TYR A 1 100 ? -11.75397 -7.79820  0.44861   1.000 24.51628 ? 100 TYR A CD1 1 
ATOM   764 C CD2 . TYR A 1 100 ? -11.22655 -7.06750  -1.75461  1.000 25.53951 ? 100 TYR A CD2 1 
ATOM   765 C CE1 . TYR A 1 100 ? -13.05136 -7.30871  0.31323   1.000 29.85691 ? 100 TYR A CE1 1 
ATOM   766 C CE2 . TYR A 1 100 ? -12.52923 -6.58473  -1.91126  1.000 23.33164 ? 100 TYR A CE2 1 
ATOM   767 C CZ  . TYR A 1 100 ? -13.43655 -6.70492  -0.86930  1.000 30.18125 ? 100 TYR A CZ  1 
ATOM   768 O OH  . TYR A 1 100 ? -14.73001 -6.23381  -0.99786  1.000 25.31116 ? 100 TYR A OH  1 
ATOM   769 N N   . PRO A 1 101 ? -6.51821  -8.17042  1.76585   1.000 24.69914 ? 101 PRO A N   1 
ATOM   770 C CA  . PRO A 1 101 ? -5.09759  -8.54811  1.70898   1.000 24.99099 ? 101 PRO A CA  1 
ATOM   771 C C   . PRO A 1 101 ? -4.89212  -9.75586  0.81081   1.000 28.52267 ? 101 PRO A C   1 
ATOM   772 O O   . PRO A 1 101 ? -5.63876  -10.73518 0.87029   1.000 24.97767 ? 101 PRO A O   1 
ATOM   773 C CB  . PRO A 1 101 ? -4.74077  -8.86684  3.17042   1.000 22.08282 ? 101 PRO A CB  1 
ATOM   774 C CG  . PRO A 1 101 ? -6.02652  -9.17083  3.82932   1.000 28.24957 ? 101 PRO A CG  1 
ATOM   775 C CD  . PRO A 1 101 ? -7.09728  -8.38073  3.10772   1.000 25.80786 ? 101 PRO A CD  1 
ATOM   776 N N   . LEU A 1 102 ? -3.88293  -9.66978  -0.04573  1.000 25.12938 ? 102 LEU A N   1 
ATOM   777 C CA  . LEU A 1 102 ? -3.51934  -10.77108 -0.92657  1.000 21.83771 ? 102 LEU A CA  1 
ATOM   778 C C   . LEU A 1 102 ? -2.40207  -11.56713 -0.25775  1.000 33.07966 ? 102 LEU A C   1 
ATOM   779 O O   . LEU A 1 102 ? -1.27715  -11.07399 -0.12716  1.000 31.32036 ? 102 LEU A O   1 
ATOM   780 C CB  . LEU A 1 102 ? -3.07571  -10.24126 -2.28642  1.000 27.97997 ? 102 LEU A CB  1 
ATOM   781 C CG  . LEU A 1 102 ? -2.76202  -11.31788 -3.32134  1.000 32.59995 ? 102 LEU A CG  1 
ATOM   782 C CD1 . LEU A 1 102 ? -3.98311  -12.17824 -3.49911  1.000 39.31576 ? 102 LEU A CD1 1 
ATOM   783 C CD2 . LEU A 1 102 ? -2.36417  -10.70018 -4.63282  1.000 34.52600 ? 102 LEU A CD2 1 
ATOM   784 N N   . ASN A 1 103 ? -2.70814  -12.79732 0.15702   1.000 33.09155 ? 103 ASN A N   1 
ATOM   785 C CA  . ASN A 1 103 ? -1.75025  -13.63523 0.86843   1.000 33.77107 ? 103 ASN A CA  1 
ATOM   786 C C   . ASN A 1 103 ? -0.63948  -14.10960 -0.07398  1.000 42.80069 ? 103 ASN A C   1 
ATOM   787 O O   . ASN A 1 103 ? -0.79473  -14.13197 -1.29899  1.000 41.78623 ? 103 ASN A O   1 
ATOM   788 C CB  . ASN A 1 103 ? -2.46306  -14.83779 1.50112   1.000 39.49363 ? 103 ASN A CB  1 
ATOM   789 C CG  . ASN A 1 103 ? -2.89228  -15.88992 0.46924   1.000 52.41093 ? 103 ASN A CG  1 
ATOM   790 O OD1 . ASN A 1 103 ? -3.06130  -15.59616 -0.72059  1.000 54.60175 ? 103 ASN A OD1 1 
ATOM   791 N ND2 . ASN A 1 103 ? -3.07075  -17.12815 0.93033   1.000 66.47963 ? 103 ASN A ND2 1 
ATOM   792 N N   . CYS A 1 104 ? 0.48808   -14.51151 0.51416   1.000 40.24121 ? 104 CYS A N   1 
ATOM   793 C CA  . CYS A 1 104 ? 1.62991   -15.01950 -0.25841  1.000 45.93743 ? 104 CYS A CA  1 
ATOM   794 C C   . CYS A 1 104 ? 1.37825   -16.34129 -0.98850  1.000 47.41441 ? 104 CYS A C   1 
ATOM   795 O O   . CYS A 1 104 ? 0.78560   -17.25998 -0.43344  1.000 47.14289 ? 104 CYS A O   1 
ATOM   796 C CB  . CYS A 1 104 ? 2.83197   -15.18856 0.65473   1.000 44.26439 ? 104 CYS A CB  1 
ATOM   797 S SG  . CYS A 1 104 ? 3.90852   -13.77559 0.65061   1.000 44.89659 ? 104 CYS A SG  1 
ATOM   798 N N   . GLN B 2 12  ? 10.24935  1.28353   -13.07634 1.000 63.86773 ? 2   GLN B N   1 
ATOM   799 C CA  . GLN B 2 12  ? 9.87414   2.16560   -11.97186 1.000 58.01975 ? 2   GLN B CA  1 
ATOM   800 C C   . GLN B 2 12  ? 8.37640   2.48127   -12.04615 1.000 64.40149 ? 2   GLN B C   1 
ATOM   801 O O   . GLN B 2 12  ? 7.90633   3.13863   -12.98728 1.000 60.26706 ? 2   GLN B O   1 
ATOM   802 C CB  . GLN B 2 12  ? 10.70969  3.45103   -11.99598 1.000 57.77283 ? 2   GLN B CB  1 
ATOM   803 C CG  . GLN B 2 12  ? 10.36687  4.45041   -10.89395 1.000 49.31258 ? 2   GLN B CG  1 
ATOM   804 C CD  . GLN B 2 12  ? 11.12180  4.19682   -9.60686  0.000 52.56799 ? 2   GLN B CD  1 
ATOM   805 O OE1 . GLN B 2 12  ? 12.30160  3.84631   -9.62354  0.000 53.20524 ? 2   GLN B OE1 1 
ATOM   806 N NE2 . GLN B 2 12  ? 10.44424  4.37727   -8.47964  0.000 50.23115 ? 2   GLN B NE2 1 
ATOM   807 N N   . VAL B 2 13  ? 7.63702   2.00926   -11.04031 1.000 58.19179 ? 3   VAL B N   1 
ATOM   808 C CA  . VAL B 2 13  ? 6.17979   2.07055   -11.04008 1.000 50.12010 ? 3   VAL B CA  1 
ATOM   809 C C   . VAL B 2 13  ? 5.69512   3.43269   -10.55842 1.000 51.97354 ? 3   VAL B C   1 
ATOM   810 O O   . VAL B 2 13  ? 6.48041   4.25151   -10.06593 1.000 53.16722 ? 3   VAL B O   1 
ATOM   811 C CB  . VAL B 2 13  ? 5.59988   0.94422   -10.16955 1.000 47.06490 ? 3   VAL B CB  1 
ATOM   812 C CG1 . VAL B 2 13  ? 5.91387   -0.41213  -10.78494 1.000 35.27560 ? 3   VAL B CG1 1 
ATOM   813 C CG2 . VAL B 2 13  ? 6.18401   1.03356   -8.76303  1.000 39.45610 ? 3   VAL B CG2 1 
ATOM   814 N N   . GLU B 2 14  ? 4.39404   3.67186   -10.68305 1.000 55.47692 ? 4   GLU B N   1 
ATOM   815 C CA  . GLU B 2 14  ? 3.77986   4.92754   -10.26278 1.000 58.11737 ? 4   GLU B CA  1 
ATOM   816 C C   . GLU B 2 14  ? 3.43576   4.94879   -8.77092  1.000 50.99866 ? 4   GLU B C   1 
ATOM   817 O O   . GLU B 2 14  ? 2.85130   3.99620   -8.23950  1.000 49.17698 ? 4   GLU B O   1 
ATOM   818 C CB  . GLU B 2 14  ? 2.51019   5.18987   -11.08153 1.000 54.75614 ? 4   GLU B CB  1 
ATOM   819 C CG  . GLU B 2 14  ? 1.40142   5.87077   -10.28721 1.000 63.59248 ? 4   GLU B CG  1 
ATOM   820 C CD  . GLU B 2 14  ? 0.11009   6.02446   -11.06611 1.000 73.92259 ? 4   GLU B CD  1 
ATOM   821 O OE1 . GLU B 2 14  ? 0.13785   5.89044   -12.31160 1.000 81.48742 ? 4   GLU B OE1 1 
ATOM   822 O OE2 . GLU B 2 14  ? -0.93369  6.27848   -10.42399 1.000 66.61198 ? 4   GLU B OE2 1 
HETATM 823 N N   . PTR B 2 15  ? 3.77274   6.05485   -8.11585  1.000 41.80174 ? 5   PTR B N   1 
HETATM 824 C CA  . PTR B 2 15  ? 3.46079   6.25108   -6.67526  1.000 42.80604 ? 5   PTR B CA  1 
HETATM 825 C C   . PTR B 2 15  ? 2.44988   7.39287   -6.52384  1.000 43.19714 ? 5   PTR B C   1 
HETATM 826 O O   . PTR B 2 15  ? 2.60271   8.43165   -7.18542  1.000 45.25416 ? 5   PTR B O   1 
HETATM 827 C CB  . PTR B 2 15  ? 4.74955   6.49422   -5.88552  1.000 39.53940 ? 5   PTR B CB  1 
HETATM 828 C CG  . PTR B 2 15  ? 5.59475   5.25477   -5.76443  1.000 41.35303 ? 5   PTR B CG  1 
HETATM 829 C CD1 . PTR B 2 15  ? 6.33923   4.80114   -6.83900  1.000 43.27749 ? 5   PTR B CD1 1 
HETATM 830 C CD2 . PTR B 2 15  ? 5.61066   4.51185   -4.59513  1.000 34.00184 ? 5   PTR B CD2 1 
HETATM 831 C CE1 . PTR B 2 15  ? 7.09603   3.64550   -6.75936  1.000 41.02257 ? 5   PTR B CE1 1 
HETATM 832 C CE2 . PTR B 2 15  ? 6.35910   3.35226   -4.48660  1.000 35.17258 ? 5   PTR B CE2 1 
HETATM 833 C CZ  . PTR B 2 15  ? 7.11228   2.94057   -5.57085  1.000 35.51545 ? 5   PTR B CZ  1 
HETATM 834 O OH  . PTR B 2 15  ? 7.86432   1.76478   -5.51516  1.000 36.98752 ? 5   PTR B OH  1 
HETATM 835 P P   . PTR B 2 15  ? 9.08180   1.48708   -4.54007  1.000 41.09270 ? 5   PTR B P   1 
HETATM 836 O O1P . PTR B 2 15  ? 8.68474   1.70289   -3.10878  1.000 40.27020 ? 5   PTR B O1P 1 
HETATM 837 O O2P . PTR B 2 15  ? 9.54407   0.06349   -4.74237  1.000 35.91972 ? 5   PTR B O2P 1 
HETATM 838 O O3P . PTR B 2 15  ? 10.16459  2.46115   -4.93877  1.000 46.17699 ? 5   PTR B O3P 1 
ATOM   839 N N   . LEU B 2 16  ? 1.44939   7.20222   -5.67543  1.000 44.06873 ? 6   LEU B N   1 
ATOM   840 C CA  . LEU B 2 16  ? 0.41328   8.20895   -5.44641  1.000 46.74050 ? 6   LEU B CA  1 
ATOM   841 C C   . LEU B 2 16  ? 0.86473   9.35819   -4.55402  1.000 51.12898 ? 6   LEU B C   1 
ATOM   842 O O   . LEU B 2 16  ? 1.70113   9.17137   -3.67201  1.000 48.79610 ? 6   LEU B O   1 
ATOM   843 C CB  . LEU B 2 16  ? -0.80737  7.55975   -4.81031  1.000 42.89646 ? 6   LEU B CB  1 
ATOM   844 C CG  . LEU B 2 16  ? -1.51695  6.50218   -5.64529  1.000 52.36686 ? 6   LEU B CG  1 
ATOM   845 C CD1 . LEU B 2 16  ? -2.65540  5.91786   -4.84472  1.000 46.40269 ? 6   LEU B CD1 1 
ATOM   846 C CD2 . LEU B 2 16  ? -2.01758  7.11350   -6.95915  1.000 53.86627 ? 6   LEU B CD2 1 
ATOM   847 N N   . ASP B 2 17  ? 0.27410   10.53581  -4.76980  1.000 59.02958 ? 7   ASP B N   1 
ATOM   848 C CA  . ASP B 2 17  ? 0.47800   11.70566  -3.91810  1.000 55.35895 ? 7   ASP B CA  1 
ATOM   849 C C   . ASP B 2 17  ? -0.76648  11.87862  -3.06451  1.000 53.10552 ? 7   ASP B C   1 
ATOM   850 O O   . ASP B 2 17  ? -1.82818  12.24962  -3.57222  1.000 53.87149 ? 7   ASP B O   1 
ATOM   851 C CB  . ASP B 2 17  ? 0.74997   12.95961  -4.74319  1.000 58.94917 ? 7   ASP B CB  1 
ATOM   852 C CG  . ASP B 2 17  ? 2.10583   12.93012  -5.40342  1.000 68.26481 ? 7   ASP B CG  1 
ATOM   853 O OD1 . ASP B 2 17  ? 2.92919   12.06368  -5.02716  1.000 72.36497 ? 7   ASP B OD1 1 
ATOM   854 O OD2 . ASP B 2 17  ? 2.34617   13.76085  -6.30532  1.000 75.21459 ? 7   ASP B OD2 1 
ATOM   855 N N   . LEU B 2 18  ? -0.63084  11.62692  -1.77155  1.000 54.29149 ? 8   LEU B N   1 
ATOM   856 C CA  . LEU B 2 18  ? -1.76975  11.56127  -0.87339  1.000 48.38299 ? 8   LEU B CA  1 
ATOM   857 C C   . LEU B 2 18  ? -1.96001  12.88914  -0.15780  1.000 56.40029 ? 8   LEU B C   1 
ATOM   858 O O   . LEU B 2 18  ? -0.99671  13.58987  0.16399   1.000 53.22268 ? 8   LEU B O   1 
ATOM   859 C CB  . LEU B 2 18  ? -1.59412  10.44014  0.15468   1.000 48.32545 ? 8   LEU B CB  1 
ATOM   860 C CG  . LEU B 2 18  ? -1.56789  8.99780   -0.36669  1.000 47.05899 ? 8   LEU B CG  1 
ATOM   861 C CD1 . LEU B 2 18  ? -0.29463  8.67264   -1.13865  1.000 52.01354 ? 8   LEU B CD1 1 
ATOM   862 C CD2 . LEU B 2 18  ? -1.74768  8.01525   0.77177   1.000 55.51990 ? 8   LEU B CD2 1 
ATOM   863 N N   . ASP B 2 19  ? -3.21700  13.22754  0.08306   1.000 46.21670 ? 9   ASP B N   1 
ATOM   864 C CA  . ASP B 2 19  ? -3.58408  14.38938  0.87718   1.000 55.88884 ? 9   ASP B CA  1 
ATOM   865 C C   . ASP B 2 19  ? -4.11080  13.87439  2.21362   1.000 55.34387 ? 9   ASP B C   1 
ATOM   866 O O   . ASP B 2 19  ? -5.28561  13.51605  2.33356   1.000 56.67732 ? 9   ASP B O   1 
ATOM   867 C CB  . ASP B 2 19  ? -4.61635  15.23591  0.14280   1.000 55.45752 ? 9   ASP B CB  1 
ATOM   868 C CG  . ASP B 2 19  ? -5.22707  16.29497  1.02497   1.000 59.09181 ? 9   ASP B CG  1 
ATOM   869 O OD1 . ASP B 2 19  ? -4.53494  16.76999  1.95170   1.000 67.16680 ? 9   ASP B OD1 1 
ATOM   870 O OD2 . ASP B 2 19  ? -6.40977  16.63164  0.81009   1.000 53.59650 ? 9   ASP B OD2 1 
ATOM   871 N N   . LEU B 2 20  ? -3.24559  13.85027  3.22102   1.000 58.46431 ? 10  LEU B N   1 
ATOM   872 C CA  . LEU B 2 20  ? -3.61853  13.31454  4.52699   1.000 44.00285 ? 10  LEU B CA  1 
ATOM   873 C C   . LEU B 2 20  ? -3.51770  14.37318  5.61770   1.000 44.64026 ? 10  LEU B C   1 
ATOM   874 O O   . LEU B 2 20  ? -2.85549  15.39639  5.44083   1.000 54.99498 ? 10  LEU B O   1 
ATOM   875 C CB  . LEU B 2 20  ? -2.73687  12.11110  4.86901   1.000 43.81638 ? 10  LEU B CB  1 
ATOM   876 C CG  . LEU B 2 20  ? -2.71583  10.99879  3.81511   1.000 44.99453 ? 10  LEU B CG  1 
ATOM   877 C CD1 . LEU B 2 20  ? -1.66071  9.96404   4.12915   1.000 43.28680 ? 10  LEU B CD1 1 
ATOM   878 C CD2 . LEU B 2 20  ? -4.07627  10.34504  3.71526   1.000 51.39203 ? 10  LEU B CD2 1 
HETATM 879 O O   . HOH C 3 .   ? 9.79070   -2.24809  9.80835   1.000 26.77311 ? 201 HOH A O   1 
HETATM 880 O O   . HOH C 3 .   ? 10.93857  5.39052   6.09048   1.000 41.85953 ? 202 HOH A O   1 
HETATM 881 O O   . HOH C 3 .   ? 1.92920   11.21929  10.38414  1.000 33.99238 ? 203 HOH A O   1 
HETATM 882 O O   . HOH C 3 .   ? 5.32049   11.70724  9.74970   1.000 37.00641 ? 204 HOH A O   1 
HETATM 883 O O   . HOH C 3 .   ? -2.76396  13.02417  -6.64296  1.000 57.75064 ? 205 HOH A O   1 
HETATM 884 O O   . HOH C 3 .   ? 2.07364   -4.33680  -14.50136 1.000 32.56116 ? 206 HOH A O   1 
HETATM 885 O O   . HOH C 3 .   ? -0.71517  7.41939   8.21350   1.000 32.94699 ? 207 HOH A O   1 
HETATM 886 O O   . HOH C 3 .   ? -4.67173  -2.54471  -15.52698 1.000 42.25395 ? 208 HOH A O   1 
HETATM 887 O O   . HOH C 3 .   ? 16.36146  3.43242   2.09871   1.000 51.67226 ? 209 HOH A O   1 
HETATM 888 O O   . HOH C 3 .   ? -6.90118  -10.10682 -2.20966  1.000 25.15504 ? 210 HOH A O   1 
HETATM 889 O O   . HOH C 3 .   ? -8.62516  4.72922   2.08350   1.000 33.61938 ? 211 HOH A O   1 
HETATM 890 O O   . HOH C 3 .   ? 9.88577   4.73492   2.74037   1.000 35.96551 ? 212 HOH A O   1 
HETATM 891 O O   . HOH C 3 .   ? -7.46427  0.05988   13.22890  1.000 35.74892 ? 213 HOH A O   1 
HETATM 892 O O   . HOH C 3 .   ? -5.23422  -13.98328 -0.48388  1.000 36.15595 ? 214 HOH A O   1 
HETATM 893 O O   . HOH C 3 .   ? 4.72090   -13.17743 -3.71241  1.000 33.69374 ? 215 HOH A O   1 
HETATM 894 O O   . HOH C 3 .   ? -4.83605  -0.42453  13.53174  1.000 29.07721 ? 216 HOH A O   1 
HETATM 895 O O   . HOH C 3 .   ? -8.99331  -0.37335  -4.04315  1.000 24.74196 ? 217 HOH A O   1 
HETATM 896 O O   . HOH C 3 .   ? 13.48647  6.47153   7.66149   1.000 48.76968 ? 218 HOH A O   1 
HETATM 897 O O   . HOH C 3 .   ? 7.15371   6.31762   19.48604  1.000 28.94580 ? 219 HOH A O   1 
HETATM 898 O O   . HOH C 3 .   ? -9.34334  4.71873   -10.60095 1.000 44.91356 ? 220 HOH A O   1 
HETATM 899 O O   . HOH C 3 .   ? 12.32857  -8.81248  2.19034   1.000 36.36776 ? 221 HOH A O   1 
HETATM 900 O O   . HOH C 3 .   ? -8.37816  -11.02106 1.29127   1.000 32.52594 ? 222 HOH A O   1 
HETATM 901 O O   . HOH C 3 .   ? -13.84160 -3.31266  -4.55733  1.000 36.65881 ? 223 HOH A O   1 
HETATM 902 O O   . HOH C 3 .   ? 10.92055  0.23592   7.35280   1.000 34.57301 ? 224 HOH A O   1 
HETATM 903 O O   . HOH C 3 .   ? -11.71709 -4.38303  4.16717   1.000 31.30199 ? 225 HOH A O   1 
HETATM 904 O O   . HOH C 3 .   ? 9.43224   2.09131   14.12136  1.000 35.12175 ? 226 HOH A O   1 
HETATM 905 O O   . HOH C 3 .   ? -11.13326 -4.95995  -12.24303 1.000 33.64175 ? 227 HOH A O   1 
HETATM 906 O O   . HOH C 3 .   ? 6.20846   -3.33025  12.03329  1.000 26.56814 ? 228 HOH A O   1 
HETATM 907 O O   . HOH C 3 .   ? -1.09934  14.58772  7.94585   1.000 46.34885 ? 229 HOH A O   1 
HETATM 908 O O   . HOH C 3 .   ? 8.66218   3.15937   0.52171   1.000 40.40714 ? 230 HOH A O   1 
HETATM 909 O O   . HOH C 3 .   ? 10.74437  0.93075   16.23426  1.000 32.98281 ? 231 HOH A O   1 
HETATM 910 O O   . HOH C 3 .   ? 14.22345  3.55126   7.39339   1.000 49.58385 ? 232 HOH A O   1 
HETATM 911 O O   . HOH C 3 .   ? -12.10251 -0.30372  -7.42947  1.000 27.92649 ? 233 HOH A O   1 
HETATM 912 O O   . HOH C 3 .   ? -1.55021  9.97815   14.98730  1.000 25.43075 ? 234 HOH A O   1 
HETATM 913 O O   . HOH C 3 .   ? 7.25539   -12.84487 -1.83581  1.000 27.78660 ? 235 HOH A O   1 
HETATM 914 O O   . HOH C 3 .   ? -13.01208 6.04804   6.91944   1.000 30.67631 ? 236 HOH A O   1 
HETATM 915 O O   . HOH C 3 .   ? 0.09618   -7.26687  -16.99163 1.000 34.22780 ? 237 HOH A O   1 
HETATM 916 O O   . HOH C 3 .   ? 9.42814   4.56761   19.49861  0.50  32.71114 ? 238 HOH A O   1 
HETATM 917 O O   . HOH C 3 .   ? -5.03819  -21.07412 -8.11238  1.000 46.08629 ? 239 HOH A O   1 
HETATM 918 O O   . HOH C 3 .   ? -11.74923 -1.05720  -4.70093  1.000 29.99055 ? 240 HOH A O   1 
HETATM 919 O O   . HOH C 3 .   ? -5.05181  9.32928   16.77035  1.000 44.86183 ? 241 HOH A O   1 
HETATM 920 O O   . HOH C 3 .   ? 5.68639   14.52317  9.77717   1.000 45.28116 ? 242 HOH A O   1 
HETATM 921 O O   . HOH D 3 .   ? 9.55490   -1.51433  -7.19497  1.000 39.94902 ? 101 HOH B O   1 
# 
